data_7MI4
#
_entry.id   7MI4
#
_cell.length_a   1.00
_cell.length_b   1.00
_cell.length_c   1.00
_cell.angle_alpha   90.00
_cell.angle_beta   90.00
_cell.angle_gamma   90.00
#
_symmetry.space_group_name_H-M   'P 1'
#
loop_
_entity.id
_entity.type
_entity.pdbx_description
1 polymer 'CRISPR-associated exonuclease Cas4/endonuclease Cas1 fusion'
2 polymer 'CRISPR-associated endoribonuclease Cas2'
3 polymer 'DNA (35-MER)'
4 non-polymer 'IRON/SULFUR CLUSTER'
5 non-polymer 'MANGANESE (II) ION'
#
loop_
_entity_poly.entity_id
_entity_poly.type
_entity_poly.pdbx_seq_one_letter_code
_entity_poly.pdbx_strand_id
1 'polypeptide(L)'
;MAETDGSIPLIPVRMLNEHVYCPRLAYLMWVQGEFSHNEFTVDGVIRHRRVDAGGGVLPSETQEDSRIHARSVSLSSERL
GITAKIDLVEGEGAYVSPVDYKRGKRPHVAGGAYEPERVQLCAQGLLLREHGFASDGGALYFVASRERVPVAFDDELIGR
TLAAIDEMGRTALSGTMPPPLEDSPKCPRCSLVGICLPDEVRFLSHLSVEPRPIIPADGRGLPLYVQSPKAYVRKDGDCL
VIEEERVRVAEARLGETSQVALFGNATLTTAALHECLRREIPVTWLSYGGWFMGHTVSTGHRNVETRTYQYQRSFDPETC
LNLARRWIVAKIANCRTLLRRNWRGEGDEAKAPPGLLMSLQDDMRHAMRAPSLEVLLGIEGASAGRYFQHFSRMLRGGDG
EGMGFDFTTRNRRPPKDPVNALLSFAYAMLTREWTVALAAVGLDPYRGFYHQPRFGRPALALDMMEPFRPLIADSTVLMA
INNGEIRTGDFVRSAGGCNLTDSARKRFIAGFERRMEQEVTHPIFKYTISYRRLLEVQARLLTRYLSGEIPAYPNFVTR
;
A,B,C,D
2 'polypeptide(L)'
;MEHLYIVSYDIRNQRRWRRLFKTMHGFGCWLQLSVFQCRLDRIRIIKMEAAINEIVNHAEDHVLILDLGPAENVKPKVSS
IGKTFDPILRQAVIV
;
E,F
3 'polydeoxyribonucleotide'
;(DG)(DT)(DC)(DG)(DT)(DA)(DG)(DC)(DT)(DG)(DA)(DG)(DG)(DC)(DC)(DT)(DC)(DA)(DG)(DC)
(DT)(DA)(DC)(DG)(DA)(DC)(DT)(DT)(DT)(DT)(DT)(DG)(DA)(DA)(DT)
;
G,H
#
loop_
_chem_comp.id
_chem_comp.type
_chem_comp.name
_chem_comp.formula
DA DNA linking 2'-DEOXYADENOSINE-5'-MONOPHOSPHATE 'C10 H14 N5 O6 P'
DC DNA linking 2'-DEOXYCYTIDINE-5'-MONOPHOSPHATE 'C9 H14 N3 O7 P'
DG DNA linking 2'-DEOXYGUANOSINE-5'-MONOPHOSPHATE 'C10 H14 N5 O7 P'
DT DNA linking THYMIDINE-5'-MONOPHOSPHATE 'C10 H15 N2 O8 P'
MN non-polymer 'MANGANESE (II) ION' 'Mn 2'
SF4 non-polymer 'IRON/SULFUR CLUSTER' 'Fe4 S4'
#
# COMPACT_ATOMS: atom_id res chain seq x y z
N ASP A 5 -8.01 -53.33 -29.27
CA ASP A 5 -8.91 -53.56 -28.15
C ASP A 5 -9.03 -52.31 -27.28
N GLY A 6 -9.50 -52.50 -26.05
CA GLY A 6 -9.63 -51.41 -25.11
C GLY A 6 -8.33 -51.09 -24.42
N SER A 7 -7.21 -51.35 -25.09
CA SER A 7 -5.91 -51.03 -24.54
C SER A 7 -5.70 -49.54 -24.38
N ILE A 8 -6.54 -48.71 -24.98
CA ILE A 8 -6.35 -47.27 -24.91
C ILE A 8 -7.66 -46.55 -25.24
N PRO A 9 -8.11 -45.63 -24.41
CA PRO A 9 -9.30 -44.85 -24.73
C PRO A 9 -9.00 -43.83 -25.82
N LEU A 10 -10.05 -43.14 -26.24
CA LEU A 10 -9.87 -42.08 -27.21
C LEU A 10 -9.08 -40.94 -26.60
N ILE A 11 -8.09 -40.46 -27.33
CA ILE A 11 -7.22 -39.39 -26.85
C ILE A 11 -7.98 -38.08 -26.79
N PRO A 12 -8.17 -37.48 -25.63
CA PRO A 12 -8.73 -36.13 -25.60
C PRO A 12 -7.80 -35.17 -26.30
N VAL A 13 -8.37 -34.25 -27.08
CA VAL A 13 -7.50 -33.40 -27.88
C VAL A 13 -6.74 -32.41 -27.03
N ARG A 14 -7.16 -32.16 -25.80
CA ARG A 14 -6.31 -31.35 -24.93
C ARG A 14 -5.08 -32.12 -24.52
N MET A 15 -5.20 -33.43 -24.31
CA MET A 15 -3.99 -34.21 -24.12
C MET A 15 -3.15 -34.24 -25.39
N LEU A 16 -3.78 -34.12 -26.55
CA LEU A 16 -3.01 -33.97 -27.77
C LEU A 16 -2.27 -32.65 -27.78
N ASN A 17 -2.90 -31.60 -27.26
CA ASN A 17 -2.22 -30.32 -27.10
C ASN A 17 -1.05 -30.44 -26.15
N GLU A 18 -1.21 -31.20 -25.08
CA GLU A 18 -0.14 -31.31 -24.10
C GLU A 18 1.01 -32.17 -24.60
N HIS A 19 0.71 -33.21 -25.37
CA HIS A 19 1.76 -34.12 -25.80
C HIS A 19 2.80 -33.43 -26.65
N VAL A 20 2.36 -32.59 -27.59
CA VAL A 20 3.31 -31.87 -28.42
C VAL A 20 4.05 -30.80 -27.63
N TYR A 21 3.65 -30.55 -26.40
CA TYR A 21 4.33 -29.62 -25.52
C TYR A 21 5.42 -30.33 -24.71
N CYS A 22 5.05 -31.38 -23.99
CA CYS A 22 5.98 -32.17 -23.20
C CYS A 22 5.41 -33.58 -23.08
N PRO A 23 5.98 -34.57 -23.76
CA PRO A 23 5.38 -35.92 -23.72
C PRO A 23 5.20 -36.45 -22.32
N ARG A 24 6.12 -36.16 -21.41
CA ARG A 24 5.94 -36.56 -20.03
C ARG A 24 4.72 -35.89 -19.42
N LEU A 25 4.46 -34.64 -19.81
CA LEU A 25 3.27 -33.96 -19.29
C LEU A 25 2.01 -34.65 -19.74
N ALA A 26 1.94 -35.04 -21.00
CA ALA A 26 0.76 -35.77 -21.47
C ALA A 26 0.63 -37.09 -20.75
N TYR A 27 1.74 -37.79 -20.55
CA TYR A 27 1.67 -39.06 -19.83
C TYR A 27 1.12 -38.86 -18.43
N LEU A 28 1.66 -37.89 -17.70
CA LEU A 28 1.17 -37.64 -16.35
C LEU A 28 -0.30 -37.29 -16.36
N MET A 29 -0.70 -36.32 -17.18
CA MET A 29 -2.05 -35.81 -17.07
C MET A 29 -3.09 -36.79 -17.60
N TRP A 30 -2.71 -37.67 -18.53
CA TRP A 30 -3.71 -38.53 -19.15
C TRP A 30 -3.68 -39.95 -18.60
N VAL A 31 -2.49 -40.56 -18.50
CA VAL A 31 -2.40 -41.93 -18.07
C VAL A 31 -2.38 -42.08 -16.56
N GLN A 32 -2.24 -40.99 -15.82
CA GLN A 32 -2.25 -41.12 -14.37
C GLN A 32 -3.05 -40.05 -13.66
N GLY A 33 -4.00 -39.40 -14.31
CA GLY A 33 -4.63 -38.28 -13.66
C GLY A 33 -3.59 -37.22 -13.32
N GLU A 34 -3.28 -37.06 -12.05
CA GLU A 34 -2.17 -36.23 -11.60
C GLU A 34 -2.20 -34.84 -12.23
N PHE A 35 -3.20 -34.07 -11.85
CA PHE A 35 -3.25 -32.67 -12.20
C PHE A 35 -3.05 -31.80 -10.97
N SER A 36 -2.51 -30.61 -11.18
CA SER A 36 -2.37 -29.61 -10.13
C SER A 36 -2.46 -28.24 -10.74
N HIS A 37 -2.88 -27.28 -9.95
CA HIS A 37 -3.15 -25.94 -10.43
C HIS A 37 -2.01 -25.00 -10.08
N ASN A 38 -1.93 -23.89 -10.81
CA ASN A 38 -1.03 -22.81 -10.48
C ASN A 38 -1.73 -21.52 -10.87
N GLU A 39 -0.96 -20.43 -10.90
CA GLU A 39 -1.47 -19.16 -11.41
C GLU A 39 -2.27 -19.36 -12.69
N PHE A 40 -1.63 -19.95 -13.69
CA PHE A 40 -2.15 -19.88 -15.06
C PHE A 40 -3.27 -20.86 -15.34
N THR A 41 -3.25 -22.07 -14.80
CA THR A 41 -4.39 -22.96 -15.02
C THR A 41 -5.65 -22.39 -14.40
N VAL A 42 -5.53 -21.85 -13.18
CA VAL A 42 -6.67 -21.20 -12.54
C VAL A 42 -7.16 -20.02 -13.36
N ASP A 43 -6.23 -19.19 -13.84
CA ASP A 43 -6.62 -18.03 -14.62
C ASP A 43 -7.31 -18.45 -15.92
N GLY A 44 -6.82 -19.50 -16.57
CA GLY A 44 -7.45 -19.95 -17.79
C GLY A 44 -8.84 -20.49 -17.54
N VAL A 45 -9.03 -21.25 -16.47
CA VAL A 45 -10.35 -21.71 -16.13
C VAL A 45 -11.28 -20.53 -15.89
N ILE A 46 -10.77 -19.50 -15.21
CA ILE A 46 -11.59 -18.32 -14.95
C ILE A 46 -12.02 -17.66 -16.24
N ARG A 47 -11.10 -17.51 -17.19
CA ARG A 47 -11.48 -16.98 -18.51
C ARG A 47 -12.56 -17.82 -19.17
N HIS A 48 -12.35 -19.14 -19.24
CA HIS A 48 -13.27 -19.95 -20.02
C HIS A 48 -14.64 -20.05 -19.37
N ARG A 49 -14.69 -19.98 -18.04
CA ARG A 49 -15.90 -20.36 -17.32
C ARG A 49 -17.06 -19.42 -17.61
N ARG A 50 -16.82 -18.12 -17.51
CA ARG A 50 -17.94 -17.18 -17.53
C ARG A 50 -18.68 -17.16 -18.86
N VAL A 51 -18.12 -17.73 -19.92
CA VAL A 51 -18.80 -17.69 -21.20
C VAL A 51 -18.97 -19.09 -21.80
N ASP A 52 -17.87 -19.83 -21.95
CA ASP A 52 -17.94 -21.05 -22.74
C ASP A 52 -18.28 -22.29 -21.93
N ALA A 53 -18.33 -22.20 -20.61
CA ALA A 53 -18.86 -23.32 -19.84
C ALA A 53 -20.34 -23.51 -20.15
N GLY A 54 -21.08 -22.41 -20.25
CA GLY A 54 -22.48 -22.51 -20.61
C GLY A 54 -22.65 -22.74 -22.11
N GLY A 55 -23.59 -23.62 -22.45
CA GLY A 55 -23.80 -23.99 -23.83
C GLY A 55 -24.47 -22.90 -24.63
N GLY A 56 -24.63 -23.18 -25.91
CA GLY A 56 -25.23 -22.25 -26.85
C GLY A 56 -26.00 -22.99 -27.92
N VAL A 57 -25.91 -22.49 -29.15
CA VAL A 57 -26.63 -23.10 -30.26
C VAL A 57 -26.03 -24.47 -30.57
N LEU A 58 -26.84 -25.34 -31.18
CA LEU A 58 -26.36 -26.62 -31.66
C LEU A 58 -25.80 -26.52 -33.08
N PRO A 59 -24.78 -27.30 -33.40
CA PRO A 59 -24.40 -27.45 -34.80
C PRO A 59 -25.46 -28.20 -35.56
N SER A 60 -26.16 -27.50 -36.45
CA SER A 60 -27.30 -28.10 -37.13
C SER A 60 -26.87 -29.34 -37.90
N GLU A 61 -27.65 -30.41 -37.76
CA GLU A 61 -27.42 -31.60 -38.57
C GLU A 61 -27.69 -31.30 -40.05
N THR A 62 -28.82 -30.67 -40.34
CA THR A 62 -29.17 -30.26 -41.69
C THR A 62 -28.79 -28.79 -41.83
N GLN A 63 -27.72 -28.53 -42.57
CA GLN A 63 -27.18 -27.19 -42.74
C GLN A 63 -27.39 -26.75 -44.18
N GLU A 64 -28.19 -25.70 -44.37
CA GLU A 64 -28.34 -25.11 -45.70
C GLU A 64 -27.79 -23.70 -45.78
N ASP A 65 -28.35 -22.75 -45.02
CA ASP A 65 -27.85 -21.38 -44.99
C ASP A 65 -28.35 -20.72 -43.71
N SER A 66 -27.48 -20.64 -42.71
CA SER A 66 -27.75 -19.89 -41.49
C SER A 66 -26.48 -19.87 -40.66
N ARG A 67 -26.32 -18.81 -39.87
CA ARG A 67 -25.14 -18.67 -39.04
C ARG A 67 -25.08 -19.77 -38.00
N ILE A 68 -23.92 -20.40 -37.88
CA ILE A 68 -23.67 -21.42 -36.87
C ILE A 68 -22.78 -20.79 -35.80
N HIS A 69 -23.28 -20.70 -34.57
CA HIS A 69 -22.53 -20.11 -33.48
C HIS A 69 -22.59 -21.01 -32.26
N ALA A 70 -22.30 -22.29 -32.46
CA ALA A 70 -22.33 -23.24 -31.36
C ALA A 70 -21.18 -22.99 -30.39
N ARG A 71 -21.39 -23.39 -29.13
CA ARG A 71 -20.41 -23.18 -28.08
C ARG A 71 -20.33 -24.41 -27.20
N SER A 72 -19.10 -24.81 -26.86
CA SER A 72 -18.83 -26.00 -26.06
C SER A 72 -19.48 -27.23 -26.71
N VAL A 73 -18.98 -27.57 -27.88
CA VAL A 73 -19.52 -28.62 -28.71
C VAL A 73 -18.66 -29.86 -28.54
N SER A 74 -19.27 -30.97 -28.17
CA SER A 74 -18.53 -32.18 -27.86
C SER A 74 -18.64 -33.16 -29.02
N LEU A 75 -17.54 -33.39 -29.71
CA LEU A 75 -17.48 -34.37 -30.79
C LEU A 75 -16.50 -35.47 -30.41
N SER A 76 -16.52 -36.54 -31.19
CA SER A 76 -15.42 -37.48 -31.18
C SER A 76 -15.52 -38.34 -32.41
N SER A 77 -14.37 -38.77 -32.92
CA SER A 77 -14.33 -39.77 -33.96
C SER A 77 -13.47 -40.91 -33.46
N GLU A 78 -13.91 -42.13 -33.74
CA GLU A 78 -13.16 -43.28 -33.27
C GLU A 78 -12.35 -43.94 -34.37
N ARG A 79 -12.59 -43.56 -35.63
CA ARG A 79 -11.62 -43.84 -36.68
C ARG A 79 -10.33 -43.07 -36.44
N LEU A 80 -10.44 -41.76 -36.14
CA LEU A 80 -9.25 -40.99 -35.81
C LEU A 80 -8.66 -41.43 -34.48
N GLY A 81 -9.51 -41.61 -33.48
CA GLY A 81 -9.04 -41.93 -32.15
C GLY A 81 -8.97 -40.76 -31.20
N ILE A 82 -9.70 -39.68 -31.44
CA ILE A 82 -9.64 -38.50 -30.58
C ILE A 82 -11.04 -38.10 -30.16
N THR A 83 -11.10 -37.34 -29.07
CA THR A 83 -12.33 -36.80 -28.53
C THR A 83 -12.09 -35.35 -28.17
N ALA A 84 -13.07 -34.48 -28.41
CA ALA A 84 -12.84 -33.06 -28.20
C ALA A 84 -14.11 -32.41 -27.67
N LYS A 85 -13.93 -31.23 -27.09
CA LYS A 85 -15.04 -30.39 -26.65
C LYS A 85 -14.68 -28.99 -27.09
N ILE A 86 -15.09 -28.64 -28.30
CA ILE A 86 -14.62 -27.43 -28.97
C ILE A 86 -15.15 -26.20 -28.25
N ASP A 87 -14.26 -25.24 -28.01
CA ASP A 87 -14.68 -24.03 -27.29
C ASP A 87 -15.77 -23.29 -28.05
N LEU A 88 -15.62 -23.13 -29.36
CA LEU A 88 -16.67 -22.49 -30.12
C LEU A 88 -16.53 -22.89 -31.57
N VAL A 89 -17.62 -22.79 -32.33
CA VAL A 89 -17.64 -23.16 -33.74
C VAL A 89 -18.35 -22.07 -34.51
N GLU A 90 -17.62 -21.34 -35.34
CA GLU A 90 -18.18 -20.27 -36.17
C GLU A 90 -18.30 -20.77 -37.60
N GLY A 91 -19.51 -20.81 -38.13
CA GLY A 91 -19.67 -21.29 -39.48
C GLY A 91 -20.83 -20.66 -40.22
N GLU A 92 -20.62 -20.34 -41.50
CA GLU A 92 -21.65 -19.80 -42.36
C GLU A 92 -22.23 -20.95 -43.18
N GLY A 93 -23.35 -21.48 -42.73
CA GLY A 93 -24.06 -22.49 -43.49
C GLY A 93 -23.42 -23.85 -43.44
N ALA A 94 -22.32 -24.04 -44.18
CA ALA A 94 -21.69 -25.35 -44.25
C ALA A 94 -20.17 -25.25 -44.21
N TYR A 95 -19.62 -24.08 -43.89
CA TYR A 95 -18.19 -23.86 -43.78
C TYR A 95 -17.94 -23.40 -42.35
N VAL A 96 -17.58 -24.33 -41.48
CA VAL A 96 -17.44 -24.05 -40.07
C VAL A 96 -15.95 -23.86 -39.75
N SER A 97 -15.67 -23.40 -38.56
CA SER A 97 -14.30 -23.16 -38.15
C SER A 97 -14.18 -23.20 -36.64
N PRO A 98 -13.34 -24.07 -36.09
CA PRO A 98 -13.15 -24.10 -34.64
C PRO A 98 -12.54 -22.81 -34.15
N VAL A 99 -12.92 -22.42 -32.93
CA VAL A 99 -12.36 -21.27 -32.27
C VAL A 99 -12.01 -21.69 -30.84
N ASP A 100 -10.75 -21.59 -30.48
CA ASP A 100 -10.28 -21.96 -29.16
C ASP A 100 -9.90 -20.69 -28.41
N TYR A 101 -10.38 -20.56 -27.18
CA TYR A 101 -10.03 -19.42 -26.36
C TYR A 101 -8.75 -19.71 -25.61
N LYS A 102 -7.96 -18.66 -25.38
CA LYS A 102 -6.75 -18.76 -24.60
C LYS A 102 -6.84 -17.74 -23.48
N ARG A 103 -5.74 -17.47 -22.80
CA ARG A 103 -5.82 -16.58 -21.65
C ARG A 103 -5.00 -15.31 -21.78
N GLY A 104 -3.84 -15.36 -22.43
CA GLY A 104 -2.87 -14.29 -22.36
C GLY A 104 -2.85 -13.42 -23.60
N LYS A 105 -1.76 -12.69 -23.75
CA LYS A 105 -1.55 -11.84 -24.90
C LYS A 105 -1.23 -12.71 -26.13
N ARG A 106 -1.19 -12.07 -27.29
CA ARG A 106 -0.66 -12.76 -28.45
C ARG A 106 0.80 -13.10 -28.20
N PRO A 107 1.23 -14.33 -28.45
CA PRO A 107 2.63 -14.68 -28.22
C PRO A 107 3.53 -14.01 -29.25
N HIS A 108 4.81 -13.96 -28.92
CA HIS A 108 5.79 -13.27 -29.74
C HIS A 108 6.51 -14.26 -30.65
N VAL A 109 5.75 -14.94 -31.50
CA VAL A 109 6.28 -15.97 -32.38
C VAL A 109 5.71 -15.78 -33.78
N ALA A 110 6.41 -16.31 -34.77
CA ALA A 110 5.95 -16.23 -36.15
C ALA A 110 4.64 -16.98 -36.29
N GLY A 111 3.62 -16.28 -36.79
CA GLY A 111 2.30 -16.83 -36.89
C GLY A 111 1.44 -16.61 -35.68
N GLY A 112 2.00 -16.12 -34.58
CA GLY A 112 1.20 -15.76 -33.42
C GLY A 112 0.59 -16.91 -32.67
N ALA A 113 0.99 -18.14 -32.95
CA ALA A 113 0.44 -19.30 -32.26
C ALA A 113 1.52 -20.35 -32.12
N TYR A 114 1.72 -20.83 -30.89
CA TYR A 114 2.78 -21.80 -30.66
C TYR A 114 2.43 -23.14 -31.27
N GLU A 115 3.43 -24.01 -31.34
CA GLU A 115 3.22 -25.33 -31.93
C GLU A 115 2.09 -26.12 -31.29
N PRO A 116 1.91 -26.15 -29.98
CA PRO A 116 0.84 -26.98 -29.41
C PRO A 116 -0.57 -26.56 -29.83
N GLU A 117 -0.97 -25.32 -29.55
CA GLU A 117 -2.34 -24.93 -29.86
C GLU A 117 -2.65 -25.06 -31.35
N ARG A 118 -1.66 -24.88 -32.21
CA ARG A 118 -1.91 -25.11 -33.63
C ARG A 118 -2.31 -26.55 -33.87
N VAL A 119 -1.66 -27.49 -33.18
CA VAL A 119 -2.00 -28.89 -33.32
C VAL A 119 -3.37 -29.18 -32.74
N GLN A 120 -3.71 -28.56 -31.62
CA GLN A 120 -5.04 -28.76 -31.06
C GLN A 120 -6.12 -28.27 -32.03
N LEU A 121 -5.92 -27.10 -32.61
CA LEU A 121 -6.90 -26.56 -33.56
C LEU A 121 -7.00 -27.43 -34.80
N CYS A 122 -5.88 -27.94 -35.28
CA CYS A 122 -5.95 -28.83 -36.44
C CYS A 122 -6.67 -30.12 -36.11
N ALA A 123 -6.48 -30.65 -34.90
CA ALA A 123 -7.18 -31.87 -34.52
C ALA A 123 -8.68 -31.63 -34.45
N GLN A 124 -9.10 -30.53 -33.83
CA GLN A 124 -10.52 -30.21 -33.82
C GLN A 124 -11.04 -29.99 -35.23
N GLY A 125 -10.21 -29.43 -36.11
CA GLY A 125 -10.61 -29.27 -37.49
C GLY A 125 -10.85 -30.60 -38.17
N LEU A 126 -9.96 -31.57 -37.95
CA LEU A 126 -10.19 -32.89 -38.53
C LEU A 126 -11.47 -33.51 -37.98
N LEU A 127 -11.73 -33.33 -36.69
CA LEU A 127 -12.95 -33.86 -36.11
C LEU A 127 -14.18 -33.25 -36.78
N LEU A 128 -14.15 -31.94 -36.99
CA LEU A 128 -15.28 -31.30 -37.68
C LEU A 128 -15.42 -31.83 -39.10
N ARG A 129 -14.29 -32.01 -39.80
CA ARG A 129 -14.36 -32.58 -41.14
C ARG A 129 -14.98 -33.97 -41.12
N GLU A 130 -14.77 -34.72 -40.03
CA GLU A 130 -15.29 -36.08 -39.96
C GLU A 130 -16.81 -36.08 -39.98
N HIS A 131 -17.43 -35.14 -39.28
CA HIS A 131 -18.88 -35.09 -39.14
C HIS A 131 -19.56 -34.37 -40.30
N GLY A 132 -18.90 -34.26 -41.45
CA GLY A 132 -19.51 -33.64 -42.59
C GLY A 132 -19.52 -32.13 -42.53
N PHE A 133 -18.34 -31.52 -42.52
CA PHE A 133 -18.21 -30.08 -42.55
C PHE A 133 -16.96 -29.72 -43.33
N ALA A 134 -16.88 -28.47 -43.76
CA ALA A 134 -15.72 -27.96 -44.48
C ALA A 134 -15.09 -26.88 -43.64
N SER A 135 -13.97 -27.20 -42.99
CA SER A 135 -13.36 -26.27 -42.04
C SER A 135 -12.20 -25.52 -42.66
N ASP A 136 -11.14 -26.23 -43.05
CA ASP A 136 -9.97 -25.62 -43.69
C ASP A 136 -9.49 -24.36 -42.98
N GLY A 137 -9.62 -24.32 -41.66
CA GLY A 137 -9.16 -23.15 -40.93
C GLY A 137 -9.67 -23.16 -39.51
N GLY A 138 -9.12 -22.26 -38.72
CA GLY A 138 -9.49 -22.11 -37.33
C GLY A 138 -8.98 -20.79 -36.80
N ALA A 139 -9.16 -20.58 -35.51
CA ALA A 139 -8.77 -19.32 -34.91
C ALA A 139 -8.40 -19.54 -33.46
N LEU A 140 -7.66 -18.59 -32.89
CA LEU A 140 -7.36 -18.58 -31.46
C LEU A 140 -7.82 -17.22 -30.94
N TYR A 141 -8.83 -17.22 -30.08
CA TYR A 141 -9.41 -15.98 -29.58
C TYR A 141 -8.87 -15.74 -28.19
N PHE A 142 -7.77 -14.97 -28.10
CA PHE A 142 -7.20 -14.63 -26.81
C PHE A 142 -8.15 -13.73 -26.02
N VAL A 143 -8.63 -14.19 -24.87
CA VAL A 143 -9.66 -13.44 -24.17
C VAL A 143 -9.15 -12.07 -23.71
N ALA A 144 -7.87 -11.99 -23.36
CA ALA A 144 -7.35 -10.75 -22.77
C ALA A 144 -7.38 -9.60 -23.76
N SER A 145 -6.93 -9.83 -24.99
CA SER A 145 -7.01 -8.76 -25.98
C SER A 145 -8.01 -9.08 -27.08
N ARG A 146 -8.71 -10.22 -27.01
CA ARG A 146 -9.66 -10.61 -28.07
C ARG A 146 -9.14 -10.29 -29.45
N GLU A 147 -7.89 -10.64 -29.65
CA GLU A 147 -7.18 -10.53 -30.90
C GLU A 147 -7.22 -11.89 -31.58
N ARG A 148 -8.30 -12.16 -32.30
CA ARG A 148 -8.43 -13.43 -33.00
C ARG A 148 -7.27 -13.65 -33.95
N VAL A 149 -6.54 -14.75 -33.73
CA VAL A 149 -5.40 -15.10 -34.56
C VAL A 149 -5.77 -16.29 -35.43
N PRO A 150 -5.97 -16.10 -36.73
CA PRO A 150 -6.32 -17.24 -37.59
C PRO A 150 -5.21 -18.26 -37.68
N VAL A 151 -5.61 -19.49 -37.95
CA VAL A 151 -4.69 -20.60 -38.22
C VAL A 151 -5.21 -21.35 -39.43
N ALA A 152 -4.34 -21.62 -40.39
CA ALA A 152 -4.72 -22.35 -41.58
C ALA A 152 -4.20 -23.78 -41.49
N PHE A 153 -5.05 -24.74 -41.82
CA PHE A 153 -4.69 -26.16 -41.70
C PHE A 153 -3.78 -26.53 -42.86
N ASP A 154 -2.54 -26.06 -42.77
CA ASP A 154 -1.51 -26.47 -43.72
C ASP A 154 -1.35 -27.98 -43.69
N ASP A 155 -0.75 -28.52 -44.76
CA ASP A 155 -0.75 -29.97 -44.91
C ASP A 155 0.13 -30.66 -43.87
N GLU A 156 1.37 -30.18 -43.70
CA GLU A 156 2.22 -30.84 -42.73
C GLU A 156 1.83 -30.50 -41.30
N LEU A 157 0.95 -29.53 -41.11
CA LEU A 157 0.29 -29.39 -39.82
C LEU A 157 -0.58 -30.61 -39.52
N ILE A 158 -1.34 -31.06 -40.52
CA ILE A 158 -2.09 -32.31 -40.35
C ILE A 158 -1.13 -33.48 -40.19
N GLY A 159 -0.01 -33.44 -40.90
CA GLY A 159 0.99 -34.47 -40.69
C GLY A 159 1.47 -34.52 -39.25
N ARG A 160 1.76 -33.35 -38.67
CA ARG A 160 2.14 -33.27 -37.27
C ARG A 160 1.06 -33.84 -36.38
N THR A 161 -0.19 -33.48 -36.65
CA THR A 161 -1.29 -33.91 -35.79
C THR A 161 -1.43 -35.42 -35.79
N LEU A 162 -1.44 -36.04 -36.96
CA LEU A 162 -1.58 -37.49 -37.00
C LEU A 162 -0.35 -38.18 -36.43
N ALA A 163 0.84 -37.61 -36.66
CA ALA A 163 2.04 -38.18 -36.06
C ALA A 163 1.93 -38.14 -34.54
N ALA A 164 1.43 -37.03 -34.00
CA ALA A 164 1.31 -36.91 -32.55
C ALA A 164 0.27 -37.88 -32.01
N ILE A 165 -0.80 -38.12 -32.75
CA ILE A 165 -1.78 -39.12 -32.31
C ILE A 165 -1.11 -40.48 -32.21
N ASP A 166 -0.37 -40.87 -33.24
CA ASP A 166 0.29 -42.16 -33.19
C ASP A 166 1.33 -42.22 -32.08
N GLU A 167 2.09 -41.14 -31.90
CA GLU A 167 3.13 -41.12 -30.88
C GLU A 167 2.53 -41.25 -29.49
N MET A 168 1.43 -40.54 -29.21
CA MET A 168 0.81 -40.66 -27.91
C MET A 168 0.26 -42.06 -27.71
N GLY A 169 -0.35 -42.64 -28.74
CA GLY A 169 -0.84 -44.00 -28.61
C GLY A 169 0.27 -44.96 -28.24
N ARG A 170 1.40 -44.88 -28.93
CA ARG A 170 2.47 -45.82 -28.65
C ARG A 170 3.06 -45.58 -27.26
N THR A 171 3.28 -44.32 -26.88
CA THR A 171 3.88 -44.08 -25.59
C THR A 171 2.95 -44.45 -24.45
N ALA A 172 1.64 -44.42 -24.67
CA ALA A 172 0.73 -44.88 -23.63
C ALA A 172 0.71 -46.41 -23.56
N LEU A 173 0.72 -47.08 -24.71
CA LEU A 173 0.68 -48.54 -24.66
C LEU A 173 1.98 -49.12 -24.12
N SER A 174 3.10 -48.42 -24.30
CA SER A 174 4.37 -48.96 -23.84
C SER A 174 4.39 -49.11 -22.33
N GLY A 175 3.89 -48.13 -21.61
CA GLY A 175 3.88 -48.17 -20.17
C GLY A 175 5.11 -47.61 -19.51
N THR A 176 5.93 -46.86 -20.23
CA THR A 176 7.13 -46.24 -19.68
C THR A 176 7.01 -44.74 -19.82
N MET A 177 7.07 -44.04 -18.71
CA MET A 177 6.89 -42.59 -18.73
C MET A 177 8.10 -41.94 -19.38
N PRO A 178 7.90 -41.11 -20.40
CA PRO A 178 9.03 -40.54 -21.10
C PRO A 178 9.83 -39.62 -20.21
N PRO A 179 11.12 -39.45 -20.48
CA PRO A 179 11.98 -38.67 -19.59
C PRO A 179 11.58 -37.22 -19.58
N PRO A 180 12.03 -36.46 -18.59
CA PRO A 180 11.70 -35.03 -18.56
C PRO A 180 12.43 -34.29 -19.65
N LEU A 181 11.98 -33.07 -19.91
CA LEU A 181 12.66 -32.20 -20.85
C LEU A 181 14.04 -31.84 -20.32
N GLU A 182 14.96 -31.56 -21.23
CA GLU A 182 16.34 -31.32 -20.84
C GLU A 182 16.51 -29.84 -20.49
N ASP A 183 16.39 -29.53 -19.22
CA ASP A 183 16.72 -28.20 -18.70
C ASP A 183 15.93 -27.12 -19.43
N SER A 184 14.70 -27.43 -19.77
CA SER A 184 13.89 -26.57 -20.60
C SER A 184 13.38 -25.36 -19.82
N PRO A 185 12.99 -24.29 -20.52
CA PRO A 185 12.24 -23.22 -19.86
C PRO A 185 10.76 -23.48 -19.79
N LYS A 186 10.26 -24.53 -20.44
CA LYS A 186 8.85 -24.88 -20.27
C LYS A 186 8.55 -25.31 -18.85
N CYS A 187 9.44 -26.14 -18.28
CA CYS A 187 9.14 -26.80 -17.02
C CYS A 187 8.86 -25.87 -15.85
N PRO A 188 9.55 -24.73 -15.67
CA PRO A 188 9.29 -23.93 -14.46
C PRO A 188 7.88 -23.38 -14.34
N ARG A 189 6.98 -23.70 -15.26
CA ARG A 189 5.62 -23.23 -15.13
C ARG A 189 4.57 -24.25 -15.52
N CYS A 190 4.93 -25.53 -15.67
CA CYS A 190 4.02 -26.51 -16.23
C CYS A 190 3.00 -27.01 -15.22
N SER A 191 2.94 -26.41 -14.04
CA SER A 191 1.89 -26.70 -13.06
C SER A 191 1.91 -28.14 -12.60
N LEU A 192 2.83 -28.94 -13.12
CA LEU A 192 3.09 -30.26 -12.58
C LEU A 192 4.56 -30.39 -12.20
N VAL A 193 5.32 -29.31 -12.27
CA VAL A 193 6.72 -29.36 -11.93
C VAL A 193 6.90 -29.86 -10.50
N GLY A 194 5.89 -29.69 -9.66
CA GLY A 194 5.92 -30.31 -8.35
C GLY A 194 5.65 -31.79 -8.36
N ILE A 195 5.22 -32.34 -9.49
CA ILE A 195 4.97 -33.76 -9.64
C ILE A 195 5.91 -34.39 -10.66
N CYS A 196 6.22 -33.67 -11.73
CA CYS A 196 7.22 -34.17 -12.67
C CYS A 196 8.57 -34.32 -11.98
N LEU A 197 8.92 -33.36 -11.13
CA LEU A 197 10.23 -33.29 -10.51
C LEU A 197 11.30 -33.41 -11.59
N PRO A 198 11.36 -32.47 -12.50
CA PRO A 198 12.23 -32.64 -13.67
C PRO A 198 13.69 -32.70 -13.31
N ASP A 199 14.19 -31.69 -12.63
CA ASP A 199 15.62 -31.60 -12.37
C ASP A 199 16.07 -32.69 -11.41
N GLU A 200 15.23 -33.04 -10.44
CA GLU A 200 15.61 -34.10 -9.51
C GLU A 200 15.73 -35.43 -10.22
N VAL A 201 14.77 -35.78 -11.06
CA VAL A 201 14.84 -37.05 -11.76
C VAL A 201 16.00 -37.05 -12.74
N ARG A 202 16.24 -35.91 -13.39
CA ARG A 202 17.40 -35.81 -14.26
C ARG A 202 18.68 -36.10 -13.49
N PHE A 203 18.86 -35.43 -12.35
CA PHE A 203 20.10 -35.56 -11.60
C PHE A 203 20.28 -36.98 -11.06
N LEU A 204 19.25 -37.58 -10.49
CA LEU A 204 19.45 -38.90 -9.92
C LEU A 204 19.50 -40.00 -10.95
N SER A 205 18.86 -39.81 -12.11
CA SER A 205 18.93 -40.83 -13.14
C SER A 205 20.26 -40.82 -13.88
N HIS A 206 21.24 -40.09 -13.35
CA HIS A 206 22.59 -39.98 -13.86
C HIS A 206 22.70 -39.23 -15.18
N LEU A 207 21.64 -38.57 -15.62
CA LEU A 207 21.77 -37.58 -16.69
C LEU A 207 22.25 -36.28 -16.06
N SER A 208 23.38 -36.38 -15.36
CA SER A 208 23.68 -35.51 -14.24
C SER A 208 23.80 -34.05 -14.64
N VAL A 209 23.10 -33.20 -13.89
CA VAL A 209 23.16 -31.75 -14.01
C VAL A 209 23.28 -31.19 -12.60
N GLU A 210 23.19 -29.88 -12.46
CA GLU A 210 23.05 -29.30 -11.13
C GLU A 210 21.61 -28.83 -10.95
N PRO A 211 20.85 -29.44 -10.04
CA PRO A 211 19.42 -29.10 -9.94
C PRO A 211 19.19 -27.62 -9.70
N ARG A 212 18.40 -27.02 -10.59
CA ARG A 212 18.09 -25.61 -10.49
C ARG A 212 17.24 -25.38 -9.25
N PRO A 213 17.20 -24.14 -8.72
CA PRO A 213 16.57 -23.95 -7.42
C PRO A 213 15.10 -24.28 -7.48
N ILE A 214 14.56 -24.71 -6.34
CA ILE A 214 13.21 -25.23 -6.25
C ILE A 214 12.24 -24.27 -6.92
N ILE A 215 11.54 -24.76 -7.93
CA ILE A 215 10.39 -24.03 -8.44
C ILE A 215 9.38 -24.09 -7.31
N PRO A 216 9.17 -23.00 -6.58
CA PRO A 216 8.56 -23.10 -5.26
C PRO A 216 7.10 -23.53 -5.33
N ALA A 217 6.66 -24.17 -4.25
CA ALA A 217 5.26 -24.56 -4.14
C ALA A 217 4.38 -23.32 -4.06
N ASP A 218 3.14 -23.48 -4.48
CA ASP A 218 2.20 -22.37 -4.55
C ASP A 218 0.79 -22.86 -4.24
N GLY A 219 0.01 -22.01 -3.59
CA GLY A 219 -1.38 -22.29 -3.32
C GLY A 219 -1.62 -23.47 -2.41
N ARG A 220 -0.89 -23.55 -1.30
CA ARG A 220 -1.17 -24.54 -0.27
C ARG A 220 -1.06 -23.88 1.09
N GLY A 221 -1.96 -24.25 1.99
CA GLY A 221 -2.05 -23.61 3.28
C GLY A 221 -1.39 -24.42 4.39
N LEU A 222 -1.76 -24.10 5.61
CA LEU A 222 -1.21 -24.69 6.82
C LEU A 222 -2.31 -25.44 7.57
N PRO A 223 -1.96 -26.39 8.42
CA PRO A 223 -2.98 -27.24 9.03
C PRO A 223 -3.86 -26.47 10.00
N LEU A 224 -4.90 -27.16 10.43
CA LEU A 224 -5.77 -26.73 11.51
C LEU A 224 -5.65 -27.75 12.63
N TYR A 225 -5.19 -27.31 13.79
CA TYR A 225 -5.06 -28.19 14.94
C TYR A 225 -6.16 -27.86 15.93
N VAL A 226 -6.90 -28.86 16.36
CA VAL A 226 -7.97 -28.68 17.33
C VAL A 226 -7.61 -29.56 18.52
N GLN A 227 -6.89 -29.00 19.48
CA GLN A 227 -6.41 -29.77 20.61
C GLN A 227 -7.33 -29.68 21.82
N SER A 228 -8.14 -28.63 21.91
CA SER A 228 -9.02 -28.49 23.05
C SER A 228 -9.99 -29.65 23.10
N PRO A 229 -10.20 -30.28 24.25
CA PRO A 229 -11.10 -31.43 24.32
C PRO A 229 -12.56 -31.06 24.38
N LYS A 230 -12.89 -29.77 24.34
CA LYS A 230 -14.27 -29.32 24.37
C LYS A 230 -14.47 -28.22 23.34
N ALA A 231 -13.97 -28.44 22.13
CA ALA A 231 -14.15 -27.53 21.03
C ALA A 231 -15.25 -28.03 20.11
N TYR A 232 -15.82 -27.09 19.35
CA TYR A 232 -16.96 -27.35 18.48
C TYR A 232 -16.67 -26.60 17.20
N VAL A 233 -16.29 -27.32 16.15
CA VAL A 233 -15.88 -26.72 14.89
C VAL A 233 -17.09 -26.75 13.96
N ARG A 234 -17.57 -25.56 13.59
CA ARG A 234 -18.76 -25.45 12.77
C ARG A 234 -18.46 -24.55 11.58
N LYS A 235 -19.28 -24.69 10.56
CA LYS A 235 -19.09 -23.96 9.32
C LYS A 235 -19.75 -22.59 9.41
N ASP A 236 -19.11 -21.60 8.79
CA ASP A 236 -19.65 -20.25 8.79
C ASP A 236 -19.43 -19.75 7.35
N GLY A 237 -19.80 -20.60 6.40
CA GLY A 237 -19.69 -20.25 5.00
C GLY A 237 -18.40 -20.72 4.38
N ASP A 238 -17.42 -19.83 4.24
CA ASP A 238 -16.09 -20.23 3.83
C ASP A 238 -15.09 -20.28 4.97
N CYS A 239 -15.26 -19.43 5.98
CA CYS A 239 -14.50 -19.62 7.21
C CYS A 239 -14.94 -20.91 7.88
N LEU A 240 -14.32 -21.21 9.01
CA LEU A 240 -14.60 -22.41 9.77
C LEU A 240 -14.40 -22.05 11.24
N VAL A 241 -15.48 -21.68 11.92
CA VAL A 241 -15.34 -21.10 13.25
C VAL A 241 -15.28 -22.21 14.29
N ILE A 242 -14.26 -22.14 15.14
CA ILE A 242 -14.05 -23.09 16.22
C ILE A 242 -14.52 -22.42 17.49
N GLU A 243 -15.68 -22.79 17.99
CA GLU A 243 -16.22 -22.17 19.18
C GLU A 243 -16.12 -23.16 20.33
N GLU A 244 -15.71 -22.67 21.48
CA GLU A 244 -15.52 -23.47 22.67
C GLU A 244 -16.33 -22.86 23.81
N GLU A 245 -17.24 -23.66 24.38
CA GLU A 245 -18.17 -23.13 25.37
C GLU A 245 -18.96 -21.95 24.81
N ARG A 246 -19.44 -22.09 23.58
CA ARG A 246 -20.35 -21.14 22.95
C ARG A 246 -19.73 -19.77 22.69
N VAL A 247 -18.40 -19.66 22.66
CA VAL A 247 -17.75 -18.41 22.32
C VAL A 247 -16.71 -18.68 21.23
N ARG A 248 -16.67 -17.80 20.24
CA ARG A 248 -15.78 -17.97 19.09
C ARG A 248 -14.34 -17.84 19.55
N VAL A 249 -13.63 -18.97 19.58
CA VAL A 249 -12.22 -18.93 19.95
C VAL A 249 -11.37 -18.49 18.77
N ALA A 250 -11.58 -19.10 17.60
CA ALA A 250 -10.81 -18.72 16.43
C ALA A 250 -11.56 -19.13 15.18
N GLU A 251 -11.20 -18.51 14.06
CA GLU A 251 -11.72 -18.83 12.74
C GLU A 251 -10.59 -19.31 11.86
N ALA A 252 -10.91 -20.20 10.93
CA ALA A 252 -9.92 -20.73 9.99
C ALA A 252 -10.47 -20.63 8.59
N ARG A 253 -9.74 -19.97 7.70
CA ARG A 253 -10.20 -19.78 6.34
C ARG A 253 -9.97 -21.06 5.55
N LEU A 254 -11.03 -21.60 4.97
CA LEU A 254 -10.92 -22.88 4.30
C LEU A 254 -10.02 -22.85 3.09
N GLY A 255 -9.92 -21.71 2.42
CA GLY A 255 -8.99 -21.62 1.31
C GLY A 255 -7.55 -21.70 1.75
N GLU A 256 -7.28 -21.40 3.02
CA GLU A 256 -5.92 -21.36 3.55
C GLU A 256 -5.65 -22.51 4.50
N THR A 257 -6.54 -23.48 4.58
CA THR A 257 -6.36 -24.64 5.44
C THR A 257 -6.02 -25.85 4.59
N SER A 258 -5.01 -26.61 5.01
CA SER A 258 -4.56 -27.75 4.25
C SER A 258 -4.85 -29.10 4.89
N GLN A 259 -5.02 -29.15 6.20
CA GLN A 259 -5.46 -30.36 6.88
C GLN A 259 -6.32 -29.96 8.07
N VAL A 260 -6.89 -30.96 8.73
CA VAL A 260 -7.59 -30.76 9.99
C VAL A 260 -7.22 -31.91 10.91
N ALA A 261 -6.86 -31.61 12.13
CA ALA A 261 -6.52 -32.62 13.13
C ALA A 261 -7.43 -32.43 14.33
N LEU A 262 -8.21 -33.46 14.65
CA LEU A 262 -9.16 -33.39 15.75
C LEU A 262 -8.66 -34.24 16.89
N PHE A 263 -8.18 -33.59 17.95
CA PHE A 263 -7.62 -34.28 19.10
C PHE A 263 -8.71 -34.56 20.12
N GLY A 264 -8.83 -35.82 20.52
CA GLY A 264 -9.70 -36.15 21.63
C GLY A 264 -11.16 -35.96 21.30
N ASN A 265 -11.91 -35.45 22.26
CA ASN A 265 -13.35 -35.29 22.12
C ASN A 265 -13.72 -33.91 21.60
N ALA A 266 -13.11 -33.51 20.50
CA ALA A 266 -13.46 -32.27 19.82
C ALA A 266 -14.45 -32.58 18.73
N THR A 267 -15.56 -31.85 18.70
CA THR A 267 -16.66 -32.16 17.79
C THR A 267 -16.54 -31.33 16.52
N LEU A 268 -16.91 -31.94 15.40
CA LEU A 268 -16.90 -31.30 14.10
C LEU A 268 -18.27 -31.47 13.48
N THR A 269 -19.00 -30.36 13.31
CA THR A 269 -20.36 -30.46 12.79
C THR A 269 -20.35 -31.07 11.40
N THR A 270 -21.37 -31.87 11.13
CA THR A 270 -21.40 -32.63 9.88
C THR A 270 -21.31 -31.74 8.67
N ALA A 271 -21.86 -30.53 8.74
CA ALA A 271 -21.75 -29.62 7.61
C ALA A 271 -20.30 -29.21 7.38
N ALA A 272 -19.55 -28.96 8.45
CA ALA A 272 -18.15 -28.64 8.28
C ALA A 272 -17.39 -29.81 7.68
N LEU A 273 -17.74 -31.03 8.09
CA LEU A 273 -17.13 -32.20 7.49
C LEU A 273 -17.41 -32.28 6.00
N HIS A 274 -18.66 -32.03 5.62
CA HIS A 274 -19.00 -32.06 4.19
C HIS A 274 -18.20 -31.02 3.42
N GLU A 275 -18.09 -29.81 3.97
CA GLU A 275 -17.36 -28.77 3.27
C GLU A 275 -15.88 -29.11 3.16
N CYS A 276 -15.32 -29.75 4.18
CA CYS A 276 -13.95 -30.21 4.07
C CYS A 276 -13.82 -31.28 2.98
N LEU A 277 -14.81 -32.16 2.89
CA LEU A 277 -14.77 -33.21 1.89
C LEU A 277 -14.82 -32.64 0.48
N ARG A 278 -15.61 -31.57 0.28
CA ARG A 278 -15.78 -31.02 -1.06
C ARG A 278 -14.48 -30.46 -1.60
N ARG A 279 -13.49 -30.22 -0.75
CA ARG A 279 -12.23 -29.64 -1.18
C ARG A 279 -11.07 -30.62 -1.10
N GLU A 280 -11.34 -31.87 -0.78
CA GLU A 280 -10.35 -32.84 -0.33
C GLU A 280 -9.33 -32.19 0.59
N ILE A 281 -9.83 -31.69 1.70
CA ILE A 281 -9.00 -31.28 2.83
C ILE A 281 -8.98 -32.45 3.81
N PRO A 282 -7.86 -33.15 3.98
CA PRO A 282 -7.87 -34.34 4.82
C PRO A 282 -8.26 -34.00 6.25
N VAL A 283 -9.07 -34.86 6.84
CA VAL A 283 -9.50 -34.71 8.22
C VAL A 283 -9.05 -35.95 8.98
N THR A 284 -8.31 -35.76 10.06
CA THR A 284 -7.70 -36.86 10.78
C THR A 284 -8.15 -36.82 12.23
N TRP A 285 -8.68 -37.93 12.71
CA TRP A 285 -9.14 -38.06 14.07
C TRP A 285 -8.05 -38.70 14.92
N LEU A 286 -7.75 -38.11 16.05
CA LEU A 286 -6.69 -38.60 16.90
C LEU A 286 -7.23 -38.76 18.32
N SER A 287 -6.61 -39.66 19.06
CA SER A 287 -6.94 -39.74 20.47
C SER A 287 -6.49 -38.47 21.18
N TYR A 288 -6.80 -38.40 22.47
CA TYR A 288 -6.39 -37.24 23.26
C TYR A 288 -4.87 -37.16 23.34
N GLY A 289 -4.21 -38.31 23.40
CA GLY A 289 -2.76 -38.39 23.48
C GLY A 289 -2.03 -38.46 22.16
N GLY A 290 -2.73 -38.34 21.03
CA GLY A 290 -2.09 -38.34 19.73
C GLY A 290 -2.25 -39.61 18.93
N TRP A 291 -2.84 -40.66 19.50
CA TRP A 291 -3.07 -41.88 18.76
C TRP A 291 -3.88 -41.61 17.50
N PHE A 292 -3.42 -42.12 16.37
CA PHE A 292 -4.01 -41.80 15.07
C PHE A 292 -5.12 -42.80 14.80
N MET A 293 -6.36 -42.41 15.09
CA MET A 293 -7.45 -43.39 14.96
C MET A 293 -7.83 -43.57 13.50
N GLY A 294 -8.35 -42.53 12.87
CA GLY A 294 -8.80 -42.66 11.50
C GLY A 294 -8.68 -41.35 10.76
N HIS A 295 -9.02 -41.40 9.48
CA HIS A 295 -8.98 -40.21 8.64
C HIS A 295 -10.07 -40.33 7.60
N THR A 296 -10.08 -39.41 6.65
CA THR A 296 -11.10 -39.37 5.63
C THR A 296 -10.49 -39.68 4.27
N VAL A 297 -11.21 -40.45 3.47
CA VAL A 297 -10.78 -40.81 2.13
C VAL A 297 -11.95 -40.57 1.17
N SER A 298 -11.64 -40.58 -0.12
CA SER A 298 -12.68 -40.32 -1.12
C SER A 298 -12.36 -41.12 -2.38
N THR A 299 -12.93 -42.31 -2.47
CA THR A 299 -12.92 -43.12 -3.70
C THR A 299 -11.52 -43.25 -4.29
N GLY A 300 -10.53 -43.45 -3.43
CA GLY A 300 -9.18 -43.69 -3.89
C GLY A 300 -8.55 -42.55 -4.67
N HIS A 301 -7.28 -42.73 -5.03
CA HIS A 301 -6.53 -41.76 -5.80
C HIS A 301 -6.36 -42.30 -7.22
N ARG A 302 -6.67 -41.46 -8.20
CA ARG A 302 -6.85 -41.93 -9.56
C ARG A 302 -5.58 -42.46 -10.19
N ASN A 303 -4.42 -42.20 -9.60
CA ASN A 303 -3.18 -42.78 -10.08
C ASN A 303 -3.10 -44.23 -9.63
N VAL A 304 -3.00 -45.14 -10.59
CA VAL A 304 -2.93 -46.55 -10.27
C VAL A 304 -1.52 -47.11 -10.46
N GLU A 305 -0.77 -46.59 -11.43
CA GLU A 305 0.58 -47.10 -11.64
C GLU A 305 1.39 -47.02 -10.37
N THR A 306 1.22 -45.95 -9.60
CA THR A 306 1.97 -45.80 -8.37
C THR A 306 1.68 -46.93 -7.40
N ARG A 307 0.40 -47.18 -7.12
CA ARG A 307 0.06 -48.22 -6.15
C ARG A 307 0.39 -49.60 -6.68
N THR A 308 0.18 -49.83 -7.97
CA THR A 308 0.51 -51.13 -8.54
C THR A 308 1.98 -51.42 -8.39
N TYR A 309 2.82 -50.44 -8.72
CA TYR A 309 4.25 -50.60 -8.53
C TYR A 309 4.58 -50.83 -7.06
N GLN A 310 3.96 -50.06 -6.17
CA GLN A 310 4.28 -50.18 -4.76
C GLN A 310 4.01 -51.59 -4.27
N TYR A 311 2.85 -52.13 -4.59
CA TYR A 311 2.52 -53.48 -4.09
C TYR A 311 3.39 -54.53 -4.76
N GLN A 312 3.58 -54.42 -6.07
CA GLN A 312 4.35 -55.43 -6.78
C GLN A 312 5.79 -55.48 -6.30
N ARG A 313 6.36 -54.31 -5.97
CA ARG A 313 7.69 -54.30 -5.37
C ARG A 313 7.66 -54.73 -3.92
N SER A 314 6.56 -54.45 -3.21
CA SER A 314 6.44 -54.91 -1.84
C SER A 314 6.51 -56.43 -1.76
N PHE A 315 6.04 -57.11 -2.78
CA PHE A 315 6.14 -58.57 -2.80
C PHE A 315 7.52 -59.05 -3.24
N ASP A 316 8.54 -58.20 -3.21
CA ASP A 316 9.89 -58.58 -3.62
C ASP A 316 10.82 -58.45 -2.43
N PRO A 317 11.49 -59.51 -2.00
CA PRO A 317 12.28 -59.41 -0.75
C PRO A 317 13.41 -58.40 -0.80
N GLU A 318 14.37 -58.55 -1.71
CA GLU A 318 15.54 -57.66 -1.66
C GLU A 318 15.20 -56.21 -1.94
N THR A 319 14.11 -55.88 -2.62
CA THR A 319 13.71 -54.48 -2.68
C THR A 319 13.36 -53.98 -1.29
N CYS A 320 12.58 -54.76 -0.55
CA CYS A 320 12.27 -54.42 0.84
C CYS A 320 13.55 -54.31 1.65
N LEU A 321 14.47 -55.25 1.45
CA LEU A 321 15.69 -55.28 2.25
C LEU A 321 16.56 -54.07 1.96
N ASN A 322 16.74 -53.72 0.69
CA ASN A 322 17.55 -52.56 0.35
C ASN A 322 16.93 -51.30 0.91
N LEU A 323 15.61 -51.16 0.76
CA LEU A 323 14.96 -49.96 1.29
C LEU A 323 15.12 -49.88 2.81
N ALA A 324 14.92 -50.99 3.51
CA ALA A 324 15.03 -50.96 4.96
C ALA A 324 16.45 -50.66 5.41
N ARG A 325 17.44 -51.24 4.73
CA ARG A 325 18.82 -50.92 5.03
C ARG A 325 19.07 -49.43 4.89
N ARG A 326 18.72 -48.87 3.72
CA ARG A 326 18.86 -47.43 3.55
C ARG A 326 18.21 -46.69 4.70
N TRP A 327 16.99 -47.06 5.07
CA TRP A 327 16.23 -46.25 6.00
C TRP A 327 16.88 -46.24 7.37
N ILE A 328 17.18 -47.41 7.91
CA ILE A 328 17.71 -47.37 9.28
C ILE A 328 19.17 -46.94 9.31
N VAL A 329 19.93 -47.11 8.22
CA VAL A 329 21.25 -46.51 8.17
C VAL A 329 21.14 -45.00 8.20
N ALA A 330 20.18 -44.44 7.47
CA ALA A 330 19.95 -43.01 7.55
C ALA A 330 19.55 -42.61 8.96
N LYS A 331 18.73 -43.42 9.62
CA LYS A 331 18.32 -43.09 10.97
C LYS A 331 19.50 -43.05 11.91
N ILE A 332 20.38 -44.04 11.82
CA ILE A 332 21.53 -44.08 12.72
C ILE A 332 22.49 -42.95 12.41
N ALA A 333 22.69 -42.64 11.14
CA ALA A 333 23.56 -41.51 10.80
C ALA A 333 23.00 -40.21 11.36
N ASN A 334 21.70 -40.01 11.23
CA ASN A 334 21.11 -38.79 11.77
C ASN A 334 21.17 -38.77 13.28
N CYS A 335 21.03 -39.92 13.94
CA CYS A 335 21.19 -39.96 15.39
C CYS A 335 22.59 -39.53 15.78
N ARG A 336 23.60 -40.06 15.09
CA ARG A 336 24.97 -39.64 15.38
C ARG A 336 25.13 -38.15 15.20
N THR A 337 24.63 -37.62 14.09
CA THR A 337 24.80 -36.21 13.80
C THR A 337 24.13 -35.35 14.85
N LEU A 338 22.95 -35.74 15.29
CA LEU A 338 22.26 -34.99 16.32
C LEU A 338 23.01 -35.04 17.64
N LEU A 339 23.43 -36.24 18.04
CA LEU A 339 24.20 -36.40 19.26
C LEU A 339 25.41 -35.49 19.25
N ARG A 340 26.13 -35.44 18.14
CA ARG A 340 27.23 -34.50 18.03
C ARG A 340 26.74 -33.08 18.20
N ARG A 341 26.01 -32.57 17.20
CA ARG A 341 25.85 -31.14 17.06
C ARG A 341 25.09 -30.51 18.22
N ASN A 342 24.32 -31.29 18.97
CA ASN A 342 23.58 -30.72 20.09
C ASN A 342 24.00 -31.29 21.43
N TRP A 343 25.18 -31.91 21.51
CA TRP A 343 25.69 -32.34 22.81
C TRP A 343 26.10 -31.10 23.60
N ARG A 344 25.63 -30.99 24.83
CA ARG A 344 25.92 -29.85 25.69
C ARG A 344 26.48 -30.36 27.01
N GLY A 345 27.82 -30.47 27.06
CA GLY A 345 28.53 -30.76 28.29
C GLY A 345 29.27 -29.53 28.78
N GLU A 346 29.97 -29.71 29.90
CA GLU A 346 30.64 -28.61 30.58
C GLU A 346 32.15 -28.59 30.33
N GLY A 347 32.83 -29.70 30.54
CA GLY A 347 34.27 -29.79 30.32
C GLY A 347 34.73 -31.23 30.40
N ASP A 348 35.46 -31.66 29.37
CA ASP A 348 35.82 -33.05 29.09
C ASP A 348 34.60 -33.87 28.73
N GLU A 349 33.41 -33.31 28.86
CA GLU A 349 32.18 -33.89 28.39
C GLU A 349 31.53 -33.04 27.32
N ALA A 350 32.04 -31.83 27.09
CA ALA A 350 31.38 -30.88 26.21
C ALA A 350 31.41 -31.31 24.76
N LYS A 351 32.19 -32.33 24.42
CA LYS A 351 32.25 -32.84 23.07
C LYS A 351 32.15 -34.35 23.13
N ALA A 352 31.59 -34.93 22.07
CA ALA A 352 31.10 -36.30 22.13
C ALA A 352 32.21 -37.30 22.42
N PRO A 353 31.93 -38.34 23.20
CA PRO A 353 32.90 -39.42 23.41
C PRO A 353 33.03 -40.28 22.17
N PRO A 354 34.24 -40.42 21.63
CA PRO A 354 34.41 -41.17 20.38
C PRO A 354 34.08 -42.64 20.49
N GLY A 355 34.12 -43.22 21.68
CA GLY A 355 33.73 -44.63 21.82
C GLY A 355 32.28 -44.87 21.44
N LEU A 356 31.39 -43.98 21.88
CA LEU A 356 30.00 -44.01 21.44
C LEU A 356 29.90 -43.86 19.93
N LEU A 357 30.65 -42.91 19.36
CA LEU A 357 30.60 -42.71 17.92
C LEU A 357 31.12 -43.94 17.19
N MET A 358 32.14 -44.59 17.74
CA MET A 358 32.60 -45.86 17.19
C MET A 358 31.49 -46.89 17.19
N SER A 359 30.80 -47.04 18.33
CA SER A 359 29.72 -48.03 18.40
C SER A 359 28.61 -47.70 17.41
N LEU A 360 28.23 -46.44 17.31
CA LEU A 360 27.14 -46.07 16.44
C LEU A 360 27.50 -46.25 14.98
N GLN A 361 28.73 -45.88 14.59
CA GLN A 361 29.12 -46.07 13.20
C GLN A 361 29.26 -47.54 12.87
N ASP A 362 29.82 -48.33 13.80
CA ASP A 362 29.90 -49.77 13.58
C ASP A 362 28.52 -50.38 13.44
N ASP A 363 27.53 -49.86 14.16
CA ASP A 363 26.16 -50.36 14.02
C ASP A 363 25.55 -49.92 12.71
N MET A 364 25.81 -48.67 12.29
CA MET A 364 25.43 -48.24 10.96
C MET A 364 25.91 -49.24 9.93
N ARG A 365 27.15 -49.68 10.05
CA ARG A 365 27.73 -50.47 8.98
C ARG A 365 27.30 -51.92 9.09
N HIS A 366 27.12 -52.42 10.32
CA HIS A 366 26.54 -53.74 10.55
C HIS A 366 25.13 -53.83 9.99
N ALA A 367 24.38 -52.74 10.03
CA ALA A 367 23.06 -52.73 9.42
C ALA A 367 23.17 -52.68 7.91
N MET A 368 24.10 -51.88 7.40
CA MET A 368 24.30 -51.81 5.96
C MET A 368 24.62 -53.18 5.38
N ARG A 369 25.27 -54.06 6.16
CA ARG A 369 25.56 -55.41 5.70
C ARG A 369 24.60 -56.44 6.25
N ALA A 370 23.34 -56.07 6.46
CA ALA A 370 22.40 -56.98 7.11
C ALA A 370 21.98 -58.11 6.16
N PRO A 371 21.79 -59.30 6.67
CA PRO A 371 21.34 -60.41 5.81
C PRO A 371 19.84 -60.45 5.58
N SER A 372 19.05 -60.06 6.59
CA SER A 372 17.60 -60.15 6.46
C SER A 372 16.96 -59.13 7.40
N LEU A 373 15.63 -59.10 7.39
CA LEU A 373 14.92 -58.08 8.15
C LEU A 373 14.99 -58.35 9.64
N GLU A 374 15.16 -59.62 10.03
CA GLU A 374 15.23 -59.95 11.45
C GLU A 374 16.45 -59.29 12.09
N VAL A 375 17.62 -59.50 11.49
CA VAL A 375 18.84 -58.91 12.02
C VAL A 375 18.77 -57.40 11.92
N LEU A 376 18.12 -56.88 10.89
CA LEU A 376 17.98 -55.44 10.76
C LEU A 376 17.19 -54.88 11.93
N LEU A 377 16.09 -55.53 12.30
CA LEU A 377 15.32 -55.04 13.45
C LEU A 377 16.14 -55.14 14.72
N GLY A 378 16.91 -56.22 14.87
CA GLY A 378 17.76 -56.33 16.04
C GLY A 378 18.76 -55.20 16.14
N ILE A 379 19.41 -54.87 15.02
CA ILE A 379 20.41 -53.80 15.03
C ILE A 379 19.75 -52.46 15.27
N GLU A 380 18.58 -52.23 14.69
CA GLU A 380 17.87 -50.99 14.95
C GLU A 380 17.59 -50.85 16.44
N GLY A 381 17.14 -51.93 17.06
CA GLY A 381 16.87 -51.87 18.49
C GLY A 381 18.11 -51.55 19.29
N ALA A 382 19.22 -52.22 18.99
CA ALA A 382 20.44 -51.98 19.77
C ALA A 382 20.91 -50.54 19.62
N SER A 383 20.94 -50.04 18.38
CA SER A 383 21.41 -48.68 18.16
C SER A 383 20.50 -47.66 18.81
N ALA A 384 19.19 -47.84 18.71
CA ALA A 384 18.28 -46.91 19.36
C ALA A 384 18.44 -46.97 20.87
N GLY A 385 18.71 -48.16 21.40
CA GLY A 385 18.96 -48.28 22.82
C GLY A 385 20.14 -47.44 23.26
N ARG A 386 21.25 -47.55 22.53
CA ARG A 386 22.42 -46.75 22.89
C ARG A 386 22.13 -45.27 22.74
N TYR A 387 21.46 -44.89 21.66
CA TYR A 387 21.19 -43.48 21.41
C TYR A 387 20.35 -42.89 22.54
N PHE A 388 19.31 -43.61 22.96
CA PHE A 388 18.48 -43.07 24.03
C PHE A 388 19.19 -43.14 25.36
N GLN A 389 20.02 -44.15 25.58
CA GLN A 389 20.85 -44.18 26.77
C GLN A 389 21.65 -42.91 26.92
N HIS A 390 22.17 -42.39 25.82
CA HIS A 390 22.87 -41.12 25.86
C HIS A 390 21.99 -39.93 25.59
N PHE A 391 20.69 -40.13 25.34
CA PHE A 391 19.85 -39.01 24.95
C PHE A 391 19.81 -37.91 26.01
N SER A 392 19.67 -38.30 27.28
CA SER A 392 19.56 -37.31 28.34
C SER A 392 20.82 -36.48 28.49
N ARG A 393 21.88 -36.84 27.77
CA ARG A 393 23.17 -36.21 27.95
C ARG A 393 23.09 -34.73 27.62
N MET A 394 22.10 -34.34 26.81
CA MET A 394 22.20 -33.19 25.92
C MET A 394 21.01 -32.26 25.95
N LEU A 395 20.20 -32.28 27.00
CA LEU A 395 19.07 -31.36 27.11
C LEU A 395 19.25 -30.48 28.33
N ARG A 396 19.13 -29.16 28.13
CA ARG A 396 19.31 -28.16 29.19
C ARG A 396 20.64 -28.34 29.91
N GLY A 397 21.64 -28.89 29.21
CA GLY A 397 22.91 -29.19 29.83
C GLY A 397 22.79 -30.19 30.96
N GLY A 398 21.77 -31.03 30.92
CA GLY A 398 21.52 -32.02 31.96
C GLY A 398 20.07 -31.96 32.38
N ASP A 399 19.63 -33.01 33.07
CA ASP A 399 18.24 -33.07 33.52
C ASP A 399 17.94 -31.94 34.48
N GLY A 400 16.74 -31.38 34.35
CA GLY A 400 16.25 -30.37 35.26
C GLY A 400 15.49 -30.99 36.40
N GLU A 401 14.58 -30.22 37.00
CA GLU A 401 13.71 -30.74 38.05
C GLU A 401 12.59 -31.53 37.38
N GLY A 402 12.54 -32.83 37.65
CA GLY A 402 11.44 -33.64 37.13
C GLY A 402 11.58 -34.04 35.68
N MET A 403 12.35 -33.28 34.89
CA MET A 403 12.53 -33.54 33.47
C MET A 403 13.47 -34.72 33.29
N GLY A 404 13.09 -35.87 33.86
CA GLY A 404 13.96 -37.02 33.94
C GLY A 404 13.62 -38.03 32.85
N PHE A 405 14.60 -38.36 32.03
CA PHE A 405 14.48 -39.40 31.03
C PHE A 405 14.87 -40.73 31.65
N ASP A 406 14.08 -41.76 31.41
CA ASP A 406 14.52 -43.12 31.67
C ASP A 406 14.62 -43.82 30.33
N PHE A 407 15.84 -44.24 29.98
CA PHE A 407 16.10 -44.88 28.70
C PHE A 407 15.41 -46.23 28.55
N THR A 408 15.06 -46.87 29.65
CA THR A 408 14.41 -48.17 29.60
C THR A 408 12.90 -48.07 29.51
N THR A 409 12.36 -46.86 29.65
CA THR A 409 10.92 -46.64 29.64
C THR A 409 10.36 -46.38 28.25
N ARG A 410 11.19 -46.51 27.22
CA ARG A 410 10.73 -46.22 25.86
C ARG A 410 9.93 -47.37 25.29
N ASN A 411 9.19 -47.06 24.22
CA ASN A 411 8.60 -48.06 23.35
C ASN A 411 7.47 -48.84 24.01
N ARG A 412 6.70 -48.23 24.91
CA ARG A 412 5.53 -48.91 25.45
C ARG A 412 4.48 -47.93 25.95
N ARG A 413 3.29 -48.47 26.21
CA ARG A 413 2.06 -47.71 26.01
C ARG A 413 1.97 -46.47 26.90
N PRO A 414 1.85 -46.57 28.22
CA PRO A 414 1.66 -45.35 29.02
C PRO A 414 2.97 -44.71 29.39
N PRO A 415 3.20 -43.46 28.97
CA PRO A 415 4.47 -42.80 29.27
C PRO A 415 4.53 -42.38 30.74
N LYS A 416 5.52 -42.90 31.46
CA LYS A 416 5.69 -42.52 32.85
C LYS A 416 6.95 -41.70 33.11
N ASP A 417 7.34 -40.88 32.15
CA ASP A 417 8.29 -39.79 32.34
C ASP A 417 7.70 -38.58 31.65
N PRO A 418 8.11 -37.40 32.02
CA PRO A 418 7.66 -36.22 31.29
C PRO A 418 8.20 -36.23 29.87
N VAL A 419 9.50 -36.43 29.75
CA VAL A 419 10.14 -36.39 28.44
C VAL A 419 9.78 -37.63 27.62
N ASN A 420 9.50 -38.77 28.27
CA ASN A 420 8.96 -39.90 27.52
C ASN A 420 7.63 -39.55 26.89
N ALA A 421 6.75 -38.91 27.65
CA ALA A 421 5.47 -38.49 27.10
C ALA A 421 5.67 -37.51 25.97
N LEU A 422 6.62 -36.59 26.13
CA LEU A 422 6.87 -35.61 25.08
C LEU A 422 7.36 -36.29 23.80
N LEU A 423 8.27 -37.25 23.93
CA LEU A 423 8.72 -37.99 22.76
C LEU A 423 7.58 -38.76 22.10
N SER A 424 6.77 -39.45 22.90
CA SER A 424 5.71 -40.25 22.32
C SER A 424 4.71 -39.36 21.59
N PHE A 425 4.41 -38.21 22.17
CA PHE A 425 3.52 -37.28 21.48
C PHE A 425 4.13 -36.80 20.17
N ALA A 426 5.42 -36.47 20.17
CA ALA A 426 6.05 -35.99 18.94
C ALA A 426 6.05 -37.09 17.88
N TYR A 427 6.35 -38.32 18.25
CA TYR A 427 6.34 -39.41 17.29
C TYR A 427 4.95 -39.60 16.71
N ALA A 428 3.96 -39.69 17.58
CA ALA A 428 2.60 -39.97 17.12
C ALA A 428 2.01 -38.79 16.37
N MET A 429 2.64 -37.62 16.45
CA MET A 429 2.15 -36.46 15.74
C MET A 429 2.99 -36.15 14.51
N LEU A 430 4.11 -36.83 14.33
CA LEU A 430 4.80 -36.87 13.05
C LEU A 430 4.28 -37.97 12.14
N THR A 431 3.81 -39.07 12.73
CA THR A 431 3.23 -40.14 11.93
C THR A 431 2.05 -39.63 11.12
N ARG A 432 1.26 -38.71 11.70
CA ARG A 432 0.15 -38.13 10.96
C ARG A 432 0.63 -37.34 9.75
N GLU A 433 1.66 -36.53 9.94
CA GLU A 433 2.19 -35.75 8.82
C GLU A 433 2.65 -36.66 7.70
N TRP A 434 3.39 -37.71 8.06
CA TRP A 434 3.87 -38.62 7.03
C TRP A 434 2.72 -39.34 6.34
N THR A 435 1.70 -39.75 7.09
CA THR A 435 0.57 -40.42 6.46
C THR A 435 -0.12 -39.51 5.48
N VAL A 436 -0.36 -38.27 5.85
CA VAL A 436 -1.04 -37.34 4.94
C VAL A 436 -0.20 -37.12 3.70
N ALA A 437 1.10 -36.88 3.88
CA ALA A 437 1.97 -36.62 2.73
C ALA A 437 2.03 -37.82 1.80
N LEU A 438 2.07 -39.03 2.36
CA LEU A 438 2.15 -40.22 1.54
C LEU A 438 0.85 -40.50 0.82
N ALA A 439 -0.29 -40.22 1.45
CA ALA A 439 -1.54 -40.42 0.75
C ALA A 439 -1.80 -39.36 -0.28
N ALA A 440 -1.14 -38.21 -0.18
CA ALA A 440 -1.37 -37.15 -1.15
C ALA A 440 -0.59 -37.34 -2.44
N VAL A 441 0.28 -38.33 -2.53
CA VAL A 441 1.06 -38.57 -3.74
C VAL A 441 0.64 -39.85 -4.43
N GLY A 442 -0.50 -40.41 -4.07
CA GLY A 442 -0.99 -41.60 -4.71
C GLY A 442 -0.59 -42.90 -4.04
N LEU A 443 0.40 -42.87 -3.16
CA LEU A 443 0.81 -44.11 -2.51
C LEU A 443 -0.25 -44.58 -1.54
N ASP A 444 -0.05 -45.80 -1.03
CA ASP A 444 -0.93 -46.36 -0.02
C ASP A 444 -0.19 -46.38 1.30
N PRO A 445 -0.51 -45.51 2.26
CA PRO A 445 0.34 -45.36 3.44
C PRO A 445 0.40 -46.58 4.33
N TYR A 446 -0.37 -47.63 4.07
CA TYR A 446 -0.41 -48.75 4.99
C TYR A 446 0.38 -49.95 4.53
N ARG A 447 0.75 -50.04 3.26
CA ARG A 447 1.52 -51.17 2.78
C ARG A 447 2.99 -50.79 2.85
N GLY A 448 3.69 -51.34 3.83
CA GLY A 448 5.07 -50.99 4.08
C GLY A 448 5.99 -52.15 3.77
N PHE A 449 7.24 -51.83 3.49
CA PHE A 449 8.24 -52.83 3.15
C PHE A 449 8.94 -53.37 4.39
N TYR A 450 9.17 -52.52 5.39
CA TYR A 450 9.89 -52.90 6.59
C TYR A 450 8.93 -53.23 7.74
N HIS A 451 8.07 -52.29 8.09
CA HIS A 451 7.20 -52.46 9.24
C HIS A 451 5.98 -53.31 8.88
N GLN A 452 5.34 -53.83 9.91
CA GLN A 452 4.12 -54.57 9.71
C GLN A 452 2.92 -53.72 10.10
N PRO A 453 1.79 -53.88 9.43
CA PRO A 453 0.65 -53.01 9.71
C PRO A 453 0.03 -53.36 11.05
N ARG A 454 -0.23 -52.34 11.85
CA ARG A 454 -0.95 -52.51 13.10
C ARG A 454 -1.64 -51.20 13.43
N PHE A 455 -2.66 -51.31 14.29
CA PHE A 455 -3.63 -50.24 14.43
C PHE A 455 -2.99 -48.94 14.90
N GLY A 456 -3.39 -47.85 14.27
CA GLY A 456 -2.94 -46.53 14.64
C GLY A 456 -1.59 -46.15 14.10
N ARG A 457 -0.89 -47.06 13.44
CA ARG A 457 0.47 -46.80 12.98
C ARG A 457 0.62 -47.39 11.58
N PRO A 458 0.37 -46.59 10.55
CA PRO A 458 0.46 -47.11 9.18
C PRO A 458 1.86 -47.61 8.88
N ALA A 459 1.94 -48.71 8.15
CA ALA A 459 3.23 -49.38 8.02
C ALA A 459 4.21 -48.63 7.14
N LEU A 460 3.75 -47.70 6.31
CA LEU A 460 4.68 -47.00 5.44
C LEU A 460 5.08 -45.64 6.00
N ALA A 461 4.19 -44.95 6.69
CA ALA A 461 4.61 -43.75 7.38
C ALA A 461 5.63 -44.08 8.45
N LEU A 462 5.40 -45.15 9.21
CA LEU A 462 6.39 -45.59 10.18
C LEU A 462 7.73 -45.88 9.52
N ASP A 463 7.70 -46.36 8.28
CA ASP A 463 8.95 -46.63 7.57
C ASP A 463 9.63 -45.33 7.20
N MET A 464 9.00 -44.53 6.36
CA MET A 464 9.71 -43.38 5.84
C MET A 464 9.88 -42.26 6.84
N MET A 465 9.34 -42.40 8.05
CA MET A 465 9.66 -41.45 9.09
C MET A 465 10.94 -41.81 9.83
N GLU A 466 11.47 -43.02 9.64
CA GLU A 466 12.63 -43.44 10.43
C GLU A 466 13.81 -42.51 10.26
N PRO A 467 14.22 -42.11 9.06
CA PRO A 467 15.27 -41.09 8.97
C PRO A 467 14.90 -39.79 9.63
N PHE A 468 13.62 -39.43 9.66
CA PHE A 468 13.23 -38.10 10.10
C PHE A 468 12.91 -38.02 11.58
N ARG A 469 12.95 -39.14 12.31
CA ARG A 469 12.70 -39.06 13.74
C ARG A 469 13.68 -38.12 14.43
N PRO A 470 14.99 -38.31 14.33
CA PRO A 470 15.90 -37.38 15.01
C PRO A 470 15.81 -35.96 14.50
N LEU A 471 15.53 -35.75 13.23
CA LEU A 471 15.57 -34.39 12.70
C LEU A 471 14.35 -33.59 13.10
N ILE A 472 13.19 -34.21 13.22
CA ILE A 472 11.96 -33.49 13.50
C ILE A 472 11.46 -33.77 14.91
N ALA A 473 11.20 -35.04 15.24
CA ALA A 473 10.61 -35.34 16.53
C ALA A 473 11.58 -35.02 17.66
N ASP A 474 12.73 -35.68 17.66
CA ASP A 474 13.70 -35.48 18.74
C ASP A 474 14.19 -34.05 18.76
N SER A 475 14.40 -33.45 17.60
CA SER A 475 14.84 -32.06 17.57
C SER A 475 13.79 -31.15 18.19
N THR A 476 12.51 -31.40 17.92
CA THR A 476 11.48 -30.57 18.51
C THR A 476 11.44 -30.75 20.02
N VAL A 477 11.57 -31.98 20.49
CA VAL A 477 11.59 -32.20 21.94
C VAL A 477 12.75 -31.43 22.56
N LEU A 478 13.93 -31.52 21.95
CA LEU A 478 15.10 -30.89 22.52
C LEU A 478 14.95 -29.38 22.53
N MET A 479 14.51 -28.80 21.42
CA MET A 479 14.37 -27.36 21.36
C MET A 479 13.29 -26.88 22.32
N ALA A 480 12.22 -27.67 22.49
CA ALA A 480 11.16 -27.28 23.40
C ALA A 480 11.66 -27.27 24.84
N ILE A 481 12.38 -28.30 25.25
CA ILE A 481 12.88 -28.32 26.63
C ILE A 481 13.92 -27.24 26.83
N ASN A 482 14.87 -27.10 25.92
CA ASN A 482 15.95 -26.14 26.10
C ASN A 482 15.42 -24.71 26.15
N ASN A 483 14.57 -24.33 25.19
CA ASN A 483 14.11 -22.95 25.15
C ASN A 483 13.14 -22.62 26.27
N GLY A 484 12.70 -23.62 27.04
CA GLY A 484 11.76 -23.38 28.10
C GLY A 484 10.31 -23.43 27.66
N GLU A 485 10.01 -24.03 26.52
CA GLU A 485 8.62 -24.29 26.18
C GLU A 485 7.93 -25.10 27.26
N ILE A 486 8.63 -26.09 27.81
CA ILE A 486 8.06 -27.03 28.76
C ILE A 486 8.96 -27.07 29.98
N ARG A 487 8.38 -26.90 31.15
CA ARG A 487 9.03 -27.20 32.41
C ARG A 487 8.15 -28.19 33.16
N THR A 488 8.56 -28.53 34.38
CA THR A 488 7.90 -29.63 35.09
C THR A 488 6.45 -29.31 35.41
N GLY A 489 6.14 -28.05 35.66
CA GLY A 489 4.78 -27.69 36.01
C GLY A 489 3.79 -28.02 34.92
N ASP A 490 4.25 -28.03 33.67
CA ASP A 490 3.36 -28.25 32.54
C ASP A 490 2.76 -29.65 32.53
N PHE A 491 3.35 -30.60 33.23
CA PHE A 491 2.83 -31.96 33.22
C PHE A 491 1.85 -32.18 34.35
N VAL A 492 0.97 -33.16 34.16
CA VAL A 492 0.07 -33.62 35.20
C VAL A 492 0.16 -35.13 35.26
N ARG A 493 0.28 -35.65 36.48
CA ARG A 493 0.33 -37.08 36.68
C ARG A 493 -1.03 -37.69 36.42
N SER A 494 -1.05 -39.02 36.30
CA SER A 494 -2.28 -39.77 36.19
C SER A 494 -1.96 -41.22 36.46
N ALA A 495 -3.00 -41.99 36.77
CA ALA A 495 -2.81 -43.42 37.00
C ALA A 495 -2.12 -44.09 35.83
N GLY A 496 -2.42 -43.65 34.61
CA GLY A 496 -1.72 -44.17 33.45
C GLY A 496 -0.25 -43.79 33.44
N GLY A 497 0.04 -42.51 33.72
CA GLY A 497 1.40 -42.03 33.55
C GLY A 497 1.50 -40.52 33.63
N CYS A 498 2.10 -39.90 32.61
CA CYS A 498 2.26 -38.46 32.55
C CYS A 498 1.47 -37.91 31.37
N ASN A 499 0.90 -36.73 31.52
CA ASN A 499 0.24 -36.06 30.41
C ASN A 499 0.54 -34.57 30.49
N LEU A 500 0.07 -33.84 29.49
CA LEU A 500 0.34 -32.41 29.39
C LEU A 500 -0.93 -31.61 29.63
N THR A 501 -0.79 -30.48 30.30
CA THR A 501 -1.89 -29.53 30.39
C THR A 501 -2.13 -28.88 29.04
N ASP A 502 -3.31 -28.26 28.89
CA ASP A 502 -3.64 -27.62 27.64
C ASP A 502 -2.64 -26.53 27.30
N SER A 503 -2.22 -25.76 28.30
CA SER A 503 -1.17 -24.77 28.05
C SER A 503 0.08 -25.41 27.51
N ALA A 504 0.37 -26.65 27.94
CA ALA A 504 1.52 -27.35 27.39
C ALA A 504 1.27 -27.85 25.99
N ARG A 505 0.08 -28.41 25.74
CA ARG A 505 -0.18 -28.99 24.44
C ARG A 505 -0.17 -27.94 23.35
N LYS A 506 -0.75 -26.78 23.61
CA LYS A 506 -0.76 -25.74 22.59
C LYS A 506 0.66 -25.28 22.27
N ARG A 507 1.47 -25.06 23.30
CA ARG A 507 2.84 -24.60 23.05
C ARG A 507 3.64 -25.66 22.32
N PHE A 508 3.51 -26.93 22.71
CA PHE A 508 4.27 -27.97 22.06
C PHE A 508 3.86 -28.14 20.62
N ILE A 509 2.55 -28.08 20.35
CA ILE A 509 2.09 -28.21 18.97
C ILE A 509 2.57 -27.03 18.14
N ALA A 510 2.58 -25.83 18.72
CA ALA A 510 3.12 -24.70 17.99
C ALA A 510 4.59 -24.90 17.68
N GLY A 511 5.34 -25.46 18.63
CA GLY A 511 6.74 -25.73 18.38
C GLY A 511 6.94 -26.74 17.26
N PHE A 512 6.14 -27.80 17.26
CA PHE A 512 6.23 -28.79 16.20
C PHE A 512 5.90 -28.17 14.85
N GLU A 513 4.90 -27.30 14.81
CA GLU A 513 4.56 -26.63 13.57
C GLU A 513 5.71 -25.76 13.09
N ARG A 514 6.34 -25.03 14.01
CA ARG A 514 7.47 -24.20 13.62
C ARG A 514 8.59 -25.06 13.07
N ARG A 515 8.79 -26.24 13.65
CA ARG A 515 9.79 -27.15 13.12
C ARG A 515 9.43 -27.60 11.71
N MET A 516 8.18 -27.94 11.48
CA MET A 516 7.78 -28.41 10.16
C MET A 516 7.92 -27.34 9.10
N GLU A 517 7.67 -26.07 9.45
CA GLU A 517 7.80 -25.00 8.47
C GLU A 517 9.18 -24.34 8.52
N GLN A 518 10.19 -25.07 8.98
CA GLN A 518 11.54 -24.54 9.13
C GLN A 518 12.41 -25.02 7.99
N GLU A 519 12.97 -24.08 7.23
CA GLU A 519 13.71 -24.41 6.02
C GLU A 519 15.03 -25.09 6.34
N VAL A 520 15.44 -26.01 5.47
CA VAL A 520 16.74 -26.64 5.51
C VAL A 520 17.33 -26.59 4.11
N THR A 521 18.49 -27.21 3.94
CA THR A 521 19.11 -27.33 2.63
C THR A 521 19.31 -28.81 2.32
N HIS A 522 18.79 -29.25 1.19
CA HIS A 522 18.88 -30.64 0.82
C HIS A 522 20.34 -31.02 0.59
N PRO A 523 20.82 -32.12 1.17
CA PRO A 523 22.20 -32.52 0.91
C PRO A 523 22.50 -32.78 -0.55
N ILE A 524 21.54 -33.35 -1.28
CA ILE A 524 21.80 -33.81 -2.63
C ILE A 524 21.56 -32.70 -3.64
N PHE A 525 20.43 -32.02 -3.55
CA PHE A 525 20.09 -31.01 -4.54
C PHE A 525 20.49 -29.60 -4.14
N LYS A 526 20.66 -29.34 -2.84
CA LYS A 526 21.20 -28.08 -2.35
C LYS A 526 20.31 -26.89 -2.72
N TYR A 527 19.10 -26.91 -2.19
CA TYR A 527 18.25 -25.72 -2.17
C TYR A 527 17.46 -25.68 -0.88
N THR A 528 17.04 -24.47 -0.50
CA THR A 528 16.33 -24.29 0.75
C THR A 528 14.90 -24.79 0.58
N ILE A 529 14.52 -25.79 1.37
CA ILE A 529 13.20 -26.40 1.28
C ILE A 529 12.69 -26.62 2.70
N SER A 530 11.44 -26.25 2.95
CA SER A 530 10.86 -26.49 4.25
C SER A 530 10.69 -27.99 4.47
N TYR A 531 10.60 -28.38 5.73
CA TYR A 531 10.46 -29.81 6.04
C TYR A 531 9.17 -30.36 5.48
N ARG A 532 8.08 -29.59 5.55
CA ARG A 532 6.81 -30.06 5.04
C ARG A 532 6.88 -30.32 3.54
N ARG A 533 7.51 -29.41 2.79
CA ARG A 533 7.73 -29.66 1.38
C ARG A 533 8.65 -30.85 1.17
N LEU A 534 9.61 -31.01 2.07
CA LEU A 534 10.58 -32.08 1.91
C LEU A 534 9.92 -33.44 2.03
N LEU A 535 8.93 -33.56 2.90
CA LEU A 535 8.22 -34.83 3.01
C LEU A 535 7.53 -35.19 1.70
N GLU A 536 6.89 -34.22 1.06
CA GLU A 536 6.24 -34.48 -0.22
C GLU A 536 7.26 -34.84 -1.29
N VAL A 537 8.37 -34.12 -1.33
CA VAL A 537 9.39 -34.40 -2.33
C VAL A 537 9.92 -35.80 -2.16
N GLN A 538 10.16 -36.21 -0.91
CA GLN A 538 10.67 -37.55 -0.67
C GLN A 538 9.63 -38.62 -1.02
N ALA A 539 8.36 -38.37 -0.74
CA ALA A 539 7.35 -39.33 -1.14
C ALA A 539 7.32 -39.48 -2.66
N ARG A 540 7.38 -38.36 -3.37
CA ARG A 540 7.37 -38.43 -4.83
C ARG A 540 8.58 -39.18 -5.35
N LEU A 541 9.75 -38.94 -4.75
CA LEU A 541 10.93 -39.65 -5.19
C LEU A 541 10.82 -41.14 -4.91
N LEU A 542 10.15 -41.53 -3.83
CA LEU A 542 9.90 -42.95 -3.63
C LEU A 542 9.02 -43.51 -4.72
N THR A 543 8.00 -42.76 -5.13
CA THR A 543 7.16 -43.24 -6.22
C THR A 543 7.99 -43.43 -7.49
N ARG A 544 8.87 -42.48 -7.78
CA ARG A 544 9.72 -42.61 -8.95
C ARG A 544 10.64 -43.83 -8.83
N TYR A 545 11.23 -44.04 -7.66
CA TYR A 545 12.13 -45.16 -7.50
C TYR A 545 11.41 -46.48 -7.73
N LEU A 546 10.22 -46.63 -7.13
CA LEU A 546 9.45 -47.84 -7.36
C LEU A 546 9.06 -47.96 -8.82
N SER A 547 8.89 -46.84 -9.50
CA SER A 547 8.56 -46.85 -10.91
C SER A 547 9.68 -47.34 -11.78
N GLY A 548 10.87 -47.57 -11.21
CA GLY A 548 12.01 -47.92 -12.01
C GLY A 548 12.60 -46.76 -12.78
N GLU A 549 12.14 -45.54 -12.52
CA GLU A 549 12.64 -44.40 -13.25
C GLU A 549 14.05 -44.01 -12.80
N ILE A 550 14.30 -44.04 -11.50
CA ILE A 550 15.60 -43.65 -10.97
C ILE A 550 16.26 -44.88 -10.35
N PRO A 551 17.59 -44.91 -10.24
CA PRO A 551 18.23 -46.14 -9.76
C PRO A 551 17.97 -46.43 -8.29
N ALA A 552 17.98 -45.42 -7.42
CA ALA A 552 17.84 -45.68 -6.00
C ALA A 552 17.23 -44.48 -5.30
N TYR A 553 16.62 -44.74 -4.16
CA TYR A 553 15.92 -43.74 -3.38
C TYR A 553 16.92 -42.88 -2.61
N PRO A 554 16.80 -41.54 -2.66
CA PRO A 554 17.72 -40.66 -1.93
C PRO A 554 17.25 -40.48 -0.49
N ASN A 555 18.05 -40.96 0.46
CA ASN A 555 17.56 -41.15 1.81
C ASN A 555 17.63 -39.93 2.70
N PHE A 556 18.23 -38.83 2.24
CA PHE A 556 18.33 -37.61 3.04
C PHE A 556 19.06 -37.89 4.35
N VAL A 557 20.33 -38.19 4.23
CA VAL A 557 21.24 -38.25 5.35
C VAL A 557 21.89 -36.88 5.51
N THR A 558 21.86 -36.34 6.72
CA THR A 558 22.51 -35.06 6.95
C THR A 558 23.57 -35.16 8.03
N GLY B 219 -22.15 -64.79 6.93
CA GLY B 219 -21.91 -63.39 7.24
C GLY B 219 -21.65 -63.01 8.70
N ARG B 220 -21.46 -61.70 8.95
CA ARG B 220 -21.24 -61.09 10.27
C ARG B 220 -22.23 -59.99 10.64
N GLY B 221 -22.73 -59.22 9.69
CA GLY B 221 -23.45 -58.01 10.02
C GLY B 221 -23.80 -57.21 8.79
N LEU B 222 -24.56 -56.14 9.02
CA LEU B 222 -25.16 -55.43 7.93
C LEU B 222 -25.04 -53.93 8.09
N PRO B 223 -24.96 -53.21 6.99
CA PRO B 223 -24.87 -51.74 7.06
C PRO B 223 -26.12 -51.13 7.66
N LEU B 224 -25.90 -50.02 8.36
CA LEU B 224 -26.96 -49.27 9.02
C LEU B 224 -27.12 -47.93 8.30
N TYR B 225 -28.32 -47.66 7.82
CA TYR B 225 -28.60 -46.47 7.02
C TYR B 225 -29.46 -45.52 7.84
N VAL B 226 -28.88 -44.38 8.21
CA VAL B 226 -29.55 -43.41 9.06
C VAL B 226 -30.20 -42.39 8.11
N GLN B 227 -31.43 -42.69 7.69
CA GLN B 227 -32.12 -41.81 6.74
C GLN B 227 -32.44 -40.45 7.34
N SER B 228 -32.80 -40.41 8.62
CA SER B 228 -33.32 -39.19 9.20
C SER B 228 -32.25 -38.11 9.21
N PRO B 229 -32.42 -37.02 8.48
CA PRO B 229 -31.52 -35.87 8.66
C PRO B 229 -31.61 -35.27 10.05
N LYS B 230 -32.66 -35.57 10.79
CA LYS B 230 -32.80 -35.05 12.15
C LYS B 230 -31.86 -35.75 13.11
N ALA B 231 -31.30 -36.88 12.72
CA ALA B 231 -30.85 -37.88 13.68
C ALA B 231 -29.64 -37.41 14.48
N TYR B 232 -29.51 -37.98 15.67
CA TYR B 232 -28.38 -37.77 16.57
C TYR B 232 -27.97 -39.14 17.08
N VAL B 233 -26.75 -39.56 16.81
CA VAL B 233 -26.31 -40.93 17.06
C VAL B 233 -25.31 -40.91 18.20
N ARG B 234 -25.58 -41.71 19.23
CA ARG B 234 -24.70 -41.84 20.37
C ARG B 234 -24.22 -43.28 20.49
N LYS B 235 -23.30 -43.49 21.42
CA LYS B 235 -22.84 -44.83 21.78
C LYS B 235 -23.37 -45.18 23.15
N ASP B 236 -23.99 -46.35 23.27
CA ASP B 236 -24.48 -46.87 24.53
C ASP B 236 -23.75 -48.18 24.80
N GLY B 237 -22.58 -48.07 25.42
CA GLY B 237 -21.77 -49.24 25.70
C GLY B 237 -21.45 -50.01 24.45
N ASP B 238 -22.11 -51.17 24.28
CA ASP B 238 -21.94 -52.00 23.09
C ASP B 238 -22.99 -51.71 22.04
N CYS B 239 -23.65 -50.55 22.12
CA CYS B 239 -24.78 -50.24 21.27
C CYS B 239 -24.64 -48.86 20.66
N LEU B 240 -25.23 -48.69 19.48
CA LEU B 240 -25.27 -47.42 18.79
C LEU B 240 -26.71 -46.96 18.71
N VAL B 241 -27.04 -45.90 19.43
CA VAL B 241 -28.43 -45.51 19.66
C VAL B 241 -28.76 -44.32 18.78
N ILE B 242 -29.89 -44.40 18.10
CA ILE B 242 -30.36 -43.32 17.24
C ILE B 242 -31.43 -42.53 17.98
N GLU B 243 -31.27 -41.22 18.07
CA GLU B 243 -32.27 -40.36 18.67
C GLU B 243 -32.74 -39.33 17.65
N GLU B 244 -33.97 -38.86 17.85
CA GLU B 244 -34.66 -38.02 16.90
C GLU B 244 -34.83 -36.59 17.41
N GLU B 245 -35.47 -36.43 18.55
CA GLU B 245 -35.67 -35.13 19.20
C GLU B 245 -35.49 -35.28 20.70
N ARG B 246 -34.39 -35.93 21.10
CA ARG B 246 -34.17 -36.53 22.40
C ARG B 246 -35.03 -37.78 22.59
N VAL B 247 -35.68 -38.26 21.53
CA VAL B 247 -36.49 -39.48 21.56
C VAL B 247 -35.84 -40.52 20.67
N ARG B 248 -35.83 -41.77 21.14
CA ARG B 248 -35.13 -42.86 20.48
C ARG B 248 -35.83 -43.23 19.17
N VAL B 249 -35.06 -43.81 18.26
CA VAL B 249 -35.61 -44.32 17.01
C VAL B 249 -35.32 -45.80 16.87
N ALA B 250 -34.04 -46.17 16.87
CA ALA B 250 -33.65 -47.55 16.62
C ALA B 250 -32.26 -47.79 17.18
N GLU B 251 -31.77 -49.02 17.01
CA GLU B 251 -30.47 -49.43 17.53
C GLU B 251 -29.73 -50.24 16.48
N ALA B 252 -28.41 -50.29 16.62
CA ALA B 252 -27.56 -51.14 15.79
C ALA B 252 -26.79 -52.16 16.61
N ARG B 253 -26.10 -51.72 17.65
CA ARG B 253 -25.45 -52.53 18.68
C ARG B 253 -24.16 -53.21 18.22
N LEU B 254 -23.60 -52.80 17.10
CA LEU B 254 -22.21 -52.98 16.71
C LEU B 254 -21.81 -54.43 16.53
N GLY B 255 -22.69 -55.39 16.79
CA GLY B 255 -22.34 -56.78 16.61
C GLY B 255 -22.57 -57.19 15.18
N GLU B 256 -23.74 -56.85 14.66
CA GLU B 256 -24.06 -57.06 13.26
C GLU B 256 -24.00 -55.77 12.44
N THR B 257 -23.04 -54.91 12.72
CA THR B 257 -22.96 -53.65 11.99
C THR B 257 -21.92 -53.70 10.88
N SER B 258 -22.08 -52.77 9.94
CA SER B 258 -21.14 -52.54 8.84
C SER B 258 -21.13 -51.02 8.75
N GLN B 259 -20.75 -50.48 7.59
CA GLN B 259 -20.65 -49.03 7.47
C GLN B 259 -21.86 -48.36 8.08
N VAL B 260 -21.62 -47.24 8.75
CA VAL B 260 -22.68 -46.39 9.26
C VAL B 260 -22.82 -45.24 8.27
N ALA B 261 -23.96 -45.16 7.60
CA ALA B 261 -24.18 -44.16 6.58
C ALA B 261 -24.98 -43.02 7.16
N LEU B 262 -24.41 -41.83 7.17
CA LEU B 262 -25.04 -40.66 7.76
C LEU B 262 -25.45 -39.72 6.64
N PHE B 263 -26.73 -39.36 6.60
CA PHE B 263 -27.21 -38.47 5.56
C PHE B 263 -27.05 -37.02 6.00
N GLY B 264 -27.55 -36.10 5.19
CA GLY B 264 -27.26 -34.69 5.36
C GLY B 264 -27.56 -34.11 6.74
N ASN B 265 -26.54 -33.55 7.37
CA ASN B 265 -26.66 -32.92 8.69
C ASN B 265 -27.24 -33.86 9.73
N ALA B 266 -26.93 -35.14 9.62
CA ALA B 266 -27.11 -36.01 10.77
C ALA B 266 -25.97 -35.76 11.74
N THR B 267 -26.04 -36.33 12.93
CA THR B 267 -24.98 -36.10 13.90
C THR B 267 -24.46 -37.44 14.44
N LEU B 268 -23.14 -37.54 14.58
CA LEU B 268 -22.50 -38.73 15.12
C LEU B 268 -21.53 -38.27 16.20
N THR B 269 -21.85 -38.56 17.46
CA THR B 269 -21.02 -38.08 18.56
C THR B 269 -19.61 -38.63 18.43
N THR B 270 -18.62 -37.79 18.73
CA THR B 270 -17.22 -38.18 18.53
C THR B 270 -16.86 -39.41 19.32
N ALA B 271 -17.49 -39.65 20.46
CA ALA B 271 -17.28 -40.91 21.16
C ALA B 271 -17.77 -42.08 20.33
N ALA B 272 -18.94 -41.93 19.72
CA ALA B 272 -19.43 -42.99 18.84
C ALA B 272 -18.52 -43.16 17.64
N LEU B 273 -18.01 -42.06 17.10
CA LEU B 273 -17.09 -42.16 15.98
C LEU B 273 -15.83 -42.91 16.38
N HIS B 274 -15.28 -42.61 17.55
CA HIS B 274 -14.09 -43.32 18.01
C HIS B 274 -14.38 -44.79 18.22
N GLU B 275 -15.56 -45.12 18.75
CA GLU B 275 -15.88 -46.52 18.93
C GLU B 275 -16.05 -47.23 17.60
N CYS B 276 -16.54 -46.53 16.59
CA CYS B 276 -16.58 -47.13 15.25
C CYS B 276 -15.18 -47.36 14.72
N LEU B 277 -14.30 -46.37 14.87
CA LEU B 277 -12.95 -46.49 14.33
C LEU B 277 -12.17 -47.60 15.01
N ARG B 278 -12.28 -47.71 16.33
CA ARG B 278 -11.56 -48.77 17.04
C ARG B 278 -12.00 -50.13 16.55
N ARG B 279 -13.25 -50.28 16.14
CA ARG B 279 -13.73 -51.51 15.54
C ARG B 279 -13.67 -51.50 14.02
N GLU B 280 -13.15 -50.43 13.44
CA GLU B 280 -12.70 -50.44 12.05
C GLU B 280 -13.90 -50.61 11.11
N ILE B 281 -14.88 -49.75 11.31
CA ILE B 281 -16.17 -49.74 10.62
C ILE B 281 -16.22 -48.52 9.71
N PRO B 282 -16.39 -48.68 8.43
CA PRO B 282 -16.26 -47.55 7.50
C PRO B 282 -17.43 -46.57 7.48
N VAL B 283 -17.43 -45.63 8.41
CA VAL B 283 -18.45 -44.58 8.43
C VAL B 283 -18.42 -43.84 7.11
N THR B 284 -19.57 -43.73 6.45
CA THR B 284 -19.67 -43.06 5.17
C THR B 284 -20.69 -41.93 5.26
N TRP B 285 -20.38 -40.82 4.61
CA TRP B 285 -21.19 -39.60 4.68
C TRP B 285 -21.85 -39.35 3.36
N LEU B 286 -23.18 -39.40 3.35
CA LEU B 286 -23.95 -39.08 2.16
C LEU B 286 -24.68 -37.76 2.37
N SER B 287 -24.95 -37.07 1.27
CA SER B 287 -25.73 -35.85 1.34
C SER B 287 -27.16 -36.18 1.76
N TYR B 288 -28.00 -35.14 1.89
CA TYR B 288 -29.38 -35.37 2.29
C TYR B 288 -30.09 -36.26 1.29
N GLY B 289 -29.91 -35.99 0.01
CA GLY B 289 -30.55 -36.81 -1.01
C GLY B 289 -30.00 -38.21 -1.04
N GLY B 290 -28.69 -38.36 -0.86
CA GLY B 290 -28.06 -39.66 -0.99
C GLY B 290 -26.80 -39.56 -1.81
N TRP B 291 -26.43 -38.34 -2.17
CA TRP B 291 -25.17 -38.13 -2.88
C TRP B 291 -24.00 -38.47 -1.98
N PHE B 292 -23.08 -39.27 -2.49
CA PHE B 292 -21.90 -39.64 -1.73
C PHE B 292 -20.98 -38.43 -1.56
N MET B 293 -20.40 -38.30 -0.38
CA MET B 293 -19.52 -37.18 -0.09
C MET B 293 -18.17 -37.57 0.49
N GLY B 294 -18.00 -38.80 0.92
CA GLY B 294 -16.72 -39.23 1.47
C GLY B 294 -16.91 -40.35 2.46
N HIS B 295 -15.81 -41.00 2.79
CA HIS B 295 -15.79 -42.06 3.77
C HIS B 295 -15.06 -41.58 5.01
N THR B 296 -14.85 -42.51 5.94
CA THR B 296 -14.02 -42.24 7.11
C THR B 296 -13.49 -43.59 7.56
N VAL B 297 -12.28 -43.92 7.16
CA VAL B 297 -11.71 -45.23 7.40
C VAL B 297 -10.74 -45.15 8.56
N SER B 298 -10.54 -46.27 9.22
CA SER B 298 -9.65 -46.37 10.36
C SER B 298 -8.25 -46.76 9.94
N THR B 299 -7.28 -46.35 10.74
CA THR B 299 -5.87 -46.63 10.47
C THR B 299 -5.47 -47.96 11.09
N GLY B 300 -6.14 -49.02 10.66
CA GLY B 300 -5.81 -50.35 11.10
C GLY B 300 -5.70 -51.30 9.93
N HIS B 301 -5.12 -52.45 10.20
CA HIS B 301 -4.90 -53.42 9.15
C HIS B 301 -6.14 -54.12 8.76
N ARG B 302 -7.34 -53.66 9.13
CA ARG B 302 -8.54 -54.41 8.79
C ARG B 302 -8.63 -54.63 7.30
N ASN B 303 -8.37 -53.58 6.53
CA ASN B 303 -8.69 -53.58 5.11
C ASN B 303 -7.45 -53.66 4.25
N VAL B 304 -6.30 -53.23 4.77
CA VAL B 304 -5.07 -53.35 3.99
C VAL B 304 -4.79 -54.80 3.68
N GLU B 305 -5.22 -55.71 4.54
CA GLU B 305 -5.20 -57.11 4.18
C GLU B 305 -6.03 -57.35 2.93
N THR B 306 -7.22 -56.76 2.87
CA THR B 306 -8.03 -56.93 1.67
C THR B 306 -7.37 -56.28 0.46
N ARG B 307 -6.81 -55.09 0.63
CA ARG B 307 -6.15 -54.44 -0.50
C ARG B 307 -4.93 -55.22 -0.95
N THR B 308 -4.12 -55.70 -0.02
CA THR B 308 -2.94 -56.44 -0.45
C THR B 308 -3.33 -57.76 -1.08
N TYR B 309 -4.42 -58.39 -0.62
CA TYR B 309 -4.88 -59.59 -1.30
C TYR B 309 -5.35 -59.27 -2.70
N GLN B 310 -6.07 -58.17 -2.87
CA GLN B 310 -6.52 -57.80 -4.21
C GLN B 310 -5.34 -57.55 -5.13
N TYR B 311 -4.33 -56.82 -4.66
CA TYR B 311 -3.22 -56.50 -5.56
C TYR B 311 -2.35 -57.71 -5.83
N GLN B 312 -2.10 -58.53 -4.81
CA GLN B 312 -1.32 -59.74 -5.02
C GLN B 312 -2.03 -60.72 -5.93
N ARG B 313 -3.36 -60.75 -5.88
CA ARG B 313 -4.10 -61.73 -6.64
C ARG B 313 -4.54 -61.22 -8.00
N SER B 314 -4.46 -59.92 -8.25
CA SER B 314 -4.80 -59.42 -9.57
C SER B 314 -3.77 -59.79 -10.61
N PHE B 315 -2.56 -60.17 -10.19
CA PHE B 315 -1.52 -60.56 -11.14
C PHE B 315 -1.68 -61.98 -11.64
N ASP B 316 -2.65 -62.72 -11.12
CA ASP B 316 -2.86 -64.12 -11.46
C ASP B 316 -3.76 -64.29 -12.68
N PRO B 317 -3.52 -65.33 -13.47
CA PRO B 317 -4.40 -65.59 -14.63
C PRO B 317 -5.76 -66.20 -14.30
N GLU B 318 -5.85 -67.24 -13.44
CA GLU B 318 -7.17 -67.72 -13.08
C GLU B 318 -7.96 -66.73 -12.25
N THR B 319 -7.33 -65.95 -11.38
CA THR B 319 -8.12 -64.96 -10.65
C THR B 319 -8.86 -64.05 -11.63
N CYS B 320 -8.11 -63.37 -12.50
CA CYS B 320 -8.72 -62.50 -13.49
C CYS B 320 -9.72 -63.27 -14.34
N LEU B 321 -9.27 -64.40 -14.89
CA LEU B 321 -10.07 -65.14 -15.86
C LEU B 321 -11.34 -65.70 -15.24
N ASN B 322 -11.21 -66.34 -14.07
CA ASN B 322 -12.33 -66.97 -13.39
C ASN B 322 -13.36 -65.94 -12.96
N LEU B 323 -12.93 -64.87 -12.28
CA LEU B 323 -13.93 -63.85 -11.94
C LEU B 323 -14.54 -63.22 -13.17
N ALA B 324 -13.76 -63.07 -14.24
CA ALA B 324 -14.34 -62.51 -15.47
C ALA B 324 -15.39 -63.44 -16.05
N ARG B 325 -15.12 -64.73 -16.07
CA ARG B 325 -16.10 -65.68 -16.59
C ARG B 325 -17.37 -65.64 -15.75
N ARG B 326 -17.22 -65.59 -14.43
CA ARG B 326 -18.41 -65.52 -13.58
C ARG B 326 -19.18 -64.24 -13.83
N TRP B 327 -18.49 -63.10 -13.93
CA TRP B 327 -19.19 -61.84 -14.14
C TRP B 327 -19.93 -61.85 -15.45
N ILE B 328 -19.31 -62.38 -16.51
CA ILE B 328 -19.97 -62.36 -17.80
C ILE B 328 -21.16 -63.31 -17.83
N VAL B 329 -21.02 -64.51 -17.27
CA VAL B 329 -22.14 -65.42 -17.29
C VAL B 329 -23.30 -64.83 -16.48
N ALA B 330 -23.00 -64.15 -15.38
CA ALA B 330 -24.05 -63.51 -14.61
C ALA B 330 -24.71 -62.38 -15.39
N LYS B 331 -23.92 -61.59 -16.10
CA LYS B 331 -24.47 -60.50 -16.90
C LYS B 331 -25.41 -61.05 -17.97
N ILE B 332 -24.98 -62.10 -18.66
CA ILE B 332 -25.81 -62.72 -19.70
C ILE B 332 -27.10 -63.26 -19.10
N ALA B 333 -26.98 -63.94 -17.96
CA ALA B 333 -28.15 -64.51 -17.33
C ALA B 333 -29.13 -63.42 -16.91
N ASN B 334 -28.63 -62.33 -16.36
CA ASN B 334 -29.50 -61.21 -16.03
C ASN B 334 -30.16 -60.65 -17.27
N CYS B 335 -29.42 -60.57 -18.38
CA CYS B 335 -30.00 -60.05 -19.61
C CYS B 335 -31.15 -60.93 -20.11
N ARG B 336 -30.95 -62.25 -20.12
CA ARG B 336 -32.01 -63.11 -20.64
C ARG B 336 -33.18 -63.20 -19.66
N THR B 337 -32.89 -63.12 -18.36
CA THR B 337 -33.98 -63.06 -17.39
C THR B 337 -34.77 -61.77 -17.56
N LEU B 338 -34.10 -60.67 -17.84
CA LEU B 338 -34.82 -59.44 -18.13
C LEU B 338 -35.60 -59.53 -19.43
N LEU B 339 -35.10 -60.30 -20.39
CA LEU B 339 -35.90 -60.59 -21.59
C LEU B 339 -37.20 -61.29 -21.21
N ARG B 340 -37.10 -62.37 -20.44
CA ARG B 340 -38.30 -63.10 -20.06
C ARG B 340 -39.16 -62.33 -19.06
N ARG B 341 -38.61 -61.30 -18.41
CA ARG B 341 -39.41 -60.48 -17.50
C ARG B 341 -40.20 -59.45 -18.29
N ASN B 342 -39.51 -58.62 -19.06
CA ASN B 342 -40.02 -57.36 -19.55
C ASN B 342 -40.32 -57.37 -21.04
N TRP B 343 -40.39 -58.54 -21.65
CA TRP B 343 -40.72 -58.61 -23.06
C TRP B 343 -42.11 -58.04 -23.28
N ARG B 344 -42.20 -57.02 -24.13
CA ARG B 344 -43.47 -56.35 -24.37
C ARG B 344 -43.84 -56.37 -25.85
N GLY B 345 -43.47 -57.43 -26.55
CA GLY B 345 -44.00 -57.67 -27.87
C GLY B 345 -45.43 -58.16 -27.76
N GLU B 346 -46.25 -57.35 -27.12
CA GLU B 346 -47.57 -57.76 -26.66
C GLU B 346 -48.59 -57.72 -27.79
N GLY B 347 -49.55 -58.65 -27.73
CA GLY B 347 -50.58 -58.76 -28.73
C GLY B 347 -50.43 -59.97 -29.61
N ASP B 348 -49.20 -60.26 -30.04
CA ASP B 348 -48.95 -61.41 -30.92
C ASP B 348 -47.71 -62.22 -30.56
N GLU B 349 -46.81 -61.71 -29.75
CA GLU B 349 -45.53 -62.36 -29.43
C GLU B 349 -45.27 -62.31 -27.94
N ALA B 350 -46.26 -62.74 -27.15
CA ALA B 350 -46.17 -62.66 -25.70
C ALA B 350 -44.88 -63.23 -25.15
N LYS B 351 -44.25 -64.15 -25.87
CA LYS B 351 -42.96 -64.71 -25.47
C LYS B 351 -41.87 -64.28 -26.44
N ALA B 352 -40.67 -64.11 -25.91
CA ALA B 352 -39.52 -63.89 -26.75
C ALA B 352 -39.27 -65.13 -27.60
N PRO B 353 -38.67 -64.97 -28.77
CA PRO B 353 -38.30 -66.13 -29.59
C PRO B 353 -37.39 -67.06 -28.82
N PRO B 354 -37.83 -68.28 -28.53
CA PRO B 354 -36.99 -69.21 -27.77
C PRO B 354 -35.69 -69.55 -28.48
N GLY B 355 -35.62 -69.33 -29.79
CA GLY B 355 -34.33 -69.43 -30.46
C GLY B 355 -33.32 -68.43 -29.94
N LEU B 356 -33.78 -67.19 -29.66
CA LEU B 356 -32.92 -66.21 -29.02
C LEU B 356 -32.49 -66.66 -27.64
N LEU B 357 -33.44 -67.20 -26.87
CA LEU B 357 -33.14 -67.66 -25.52
C LEU B 357 -32.14 -68.82 -25.53
N MET B 358 -32.33 -69.78 -26.44
CA MET B 358 -31.37 -70.85 -26.61
C MET B 358 -30.01 -70.29 -27.05
N SER B 359 -30.02 -69.30 -27.94
CA SER B 359 -28.76 -68.69 -28.38
C SER B 359 -28.02 -68.06 -27.21
N LEU B 360 -28.73 -67.32 -26.36
CA LEU B 360 -28.06 -66.70 -25.22
C LEU B 360 -27.64 -67.72 -24.19
N GLN B 361 -28.39 -68.81 -24.05
CA GLN B 361 -27.96 -69.90 -23.18
C GLN B 361 -26.65 -70.49 -23.71
N ASP B 362 -26.57 -70.69 -25.02
CA ASP B 362 -25.35 -71.23 -25.61
C ASP B 362 -24.18 -70.28 -25.37
N ASP B 363 -24.42 -68.98 -25.58
CA ASP B 363 -23.36 -68.01 -25.34
C ASP B 363 -22.96 -68.00 -23.87
N MET B 364 -23.91 -68.25 -22.97
CA MET B 364 -23.58 -68.33 -21.55
C MET B 364 -22.65 -69.50 -21.27
N ARG B 365 -22.93 -70.65 -21.88
CA ARG B 365 -21.99 -71.76 -21.69
C ARG B 365 -20.63 -71.41 -22.25
N HIS B 366 -20.62 -70.77 -23.42
CA HIS B 366 -19.34 -70.37 -24.02
C HIS B 366 -18.56 -69.47 -23.07
N ALA B 367 -19.25 -68.54 -22.42
CA ALA B 367 -18.61 -67.68 -21.44
C ALA B 367 -18.13 -68.48 -20.23
N MET B 368 -18.86 -69.54 -19.87
CA MET B 368 -18.38 -70.44 -18.84
C MET B 368 -17.05 -71.07 -19.22
N ARG B 369 -16.90 -71.45 -20.49
CA ARG B 369 -15.69 -72.10 -20.95
C ARG B 369 -14.89 -71.27 -21.94
N ALA B 370 -14.80 -69.97 -21.72
CA ALA B 370 -13.89 -69.15 -22.50
C ALA B 370 -12.45 -69.49 -22.14
N PRO B 371 -11.54 -69.55 -23.11
CA PRO B 371 -10.15 -69.92 -22.80
C PRO B 371 -9.35 -68.80 -22.15
N SER B 372 -9.49 -67.57 -22.65
CA SER B 372 -8.68 -66.47 -22.16
C SER B 372 -9.49 -65.17 -22.23
N LEU B 373 -8.88 -64.10 -21.71
CA LEU B 373 -9.60 -62.85 -21.50
C LEU B 373 -10.06 -62.22 -22.81
N GLU B 374 -9.24 -62.24 -23.85
CA GLU B 374 -9.62 -61.58 -25.08
C GLU B 374 -10.77 -62.31 -25.76
N VAL B 375 -10.77 -63.64 -25.70
CA VAL B 375 -11.90 -64.40 -26.24
C VAL B 375 -13.16 -64.04 -25.48
N LEU B 376 -13.07 -63.93 -24.16
CA LEU B 376 -14.22 -63.58 -23.36
C LEU B 376 -14.70 -62.18 -23.72
N LEU B 377 -13.78 -61.25 -23.96
CA LEU B 377 -14.19 -59.90 -24.34
C LEU B 377 -14.93 -59.92 -25.66
N GLY B 378 -14.41 -60.65 -26.64
CA GLY B 378 -15.09 -60.71 -27.93
C GLY B 378 -16.47 -61.34 -27.82
N ILE B 379 -16.57 -62.45 -27.08
CA ILE B 379 -17.83 -63.13 -26.95
C ILE B 379 -18.83 -62.27 -26.17
N GLU B 380 -18.34 -61.56 -25.16
CA GLU B 380 -19.19 -60.66 -24.39
C GLU B 380 -19.76 -59.57 -25.27
N GLY B 381 -18.91 -58.96 -26.09
CA GLY B 381 -19.39 -57.94 -27.01
C GLY B 381 -20.44 -58.49 -27.94
N ALA B 382 -20.20 -59.69 -28.47
CA ALA B 382 -21.19 -60.30 -29.35
C ALA B 382 -22.53 -60.44 -28.64
N SER B 383 -22.53 -61.14 -27.51
CA SER B 383 -23.79 -61.45 -26.83
C SER B 383 -24.53 -60.19 -26.40
N ALA B 384 -23.79 -59.20 -25.91
CA ALA B 384 -24.43 -57.95 -25.54
C ALA B 384 -25.04 -57.26 -26.75
N GLY B 385 -24.37 -57.33 -27.89
CA GLY B 385 -24.96 -56.80 -29.10
C GLY B 385 -26.25 -57.49 -29.48
N ARG B 386 -26.27 -58.82 -29.40
CA ARG B 386 -27.49 -59.51 -29.82
C ARG B 386 -28.61 -59.33 -28.81
N TYR B 387 -28.27 -59.07 -27.56
CA TYR B 387 -29.27 -58.58 -26.60
C TYR B 387 -29.79 -57.19 -26.99
N PHE B 388 -28.90 -56.26 -27.33
CA PHE B 388 -29.37 -54.94 -27.68
C PHE B 388 -30.14 -54.96 -28.99
N GLN B 389 -29.99 -56.02 -29.77
CA GLN B 389 -30.80 -56.13 -30.98
C GLN B 389 -32.28 -56.14 -30.66
N HIS B 390 -32.66 -56.77 -29.55
CA HIS B 390 -34.05 -56.83 -29.13
C HIS B 390 -34.31 -55.97 -27.91
N PHE B 391 -33.34 -55.15 -27.51
CA PHE B 391 -33.65 -54.18 -26.47
C PHE B 391 -34.80 -53.27 -26.88
N SER B 392 -34.82 -52.78 -28.12
CA SER B 392 -35.91 -51.91 -28.55
C SER B 392 -37.23 -52.65 -28.62
N ARG B 393 -37.18 -53.97 -28.70
CA ARG B 393 -38.36 -54.81 -28.63
C ARG B 393 -39.05 -54.71 -27.27
N MET B 394 -38.36 -54.17 -26.27
CA MET B 394 -38.86 -54.11 -24.90
C MET B 394 -39.51 -52.77 -24.56
N LEU B 395 -39.72 -51.91 -25.53
CA LEU B 395 -40.24 -50.58 -25.26
C LEU B 395 -41.74 -50.66 -25.03
N ARG B 396 -42.44 -49.53 -25.10
CA ARG B 396 -43.86 -49.50 -24.73
C ARG B 396 -44.71 -50.41 -25.62
N GLY B 397 -44.10 -51.16 -26.53
CA GLY B 397 -44.79 -52.18 -27.28
C GLY B 397 -44.31 -52.28 -28.71
N GLY B 398 -43.86 -51.16 -29.28
CA GLY B 398 -43.31 -51.12 -30.61
C GLY B 398 -42.05 -50.27 -30.68
N ASP B 399 -41.68 -49.95 -31.92
CA ASP B 399 -40.59 -49.01 -32.13
C ASP B 399 -40.96 -47.65 -31.55
N GLY B 400 -40.01 -47.03 -30.87
CA GLY B 400 -40.28 -45.81 -30.15
C GLY B 400 -40.05 -44.56 -30.95
N GLU B 401 -40.66 -44.45 -32.15
CA GLU B 401 -40.46 -43.30 -33.02
C GLU B 401 -40.48 -42.00 -32.24
N GLY B 402 -39.42 -41.22 -32.37
CA GLY B 402 -39.09 -40.15 -31.47
C GLY B 402 -38.08 -40.54 -30.41
N MET B 403 -37.93 -41.84 -30.16
CA MET B 403 -36.88 -42.39 -29.32
C MET B 403 -36.29 -43.57 -30.09
N GLY B 404 -35.36 -43.27 -30.99
CA GLY B 404 -34.77 -44.30 -31.82
C GLY B 404 -33.56 -44.91 -31.15
N PHE B 405 -33.42 -46.22 -31.28
CA PHE B 405 -32.32 -46.96 -30.69
C PHE B 405 -31.45 -47.55 -31.79
N ASP B 406 -30.15 -47.30 -31.72
CA ASP B 406 -29.21 -47.81 -32.71
C ASP B 406 -28.51 -49.05 -32.16
N PHE B 407 -28.57 -50.14 -32.92
CA PHE B 407 -28.01 -51.40 -32.46
C PHE B 407 -26.49 -51.40 -32.51
N THR B 408 -25.89 -50.52 -33.32
CA THR B 408 -24.47 -50.59 -33.63
C THR B 408 -23.67 -49.41 -33.11
N THR B 409 -24.26 -48.23 -33.02
CA THR B 409 -23.53 -47.05 -32.53
C THR B 409 -23.45 -47.03 -31.03
N ARG B 410 -23.54 -48.20 -30.42
CA ARG B 410 -23.43 -48.33 -28.97
C ARG B 410 -22.20 -47.63 -28.44
N ASN B 411 -22.33 -47.07 -27.24
CA ASN B 411 -21.22 -46.74 -26.36
C ASN B 411 -20.17 -45.81 -26.96
N ARG B 412 -20.46 -45.10 -28.04
CA ARG B 412 -19.54 -44.05 -28.42
C ARG B 412 -19.70 -42.86 -27.50
N ARG B 413 -18.59 -42.17 -27.25
CA ARG B 413 -18.53 -41.25 -26.11
C ARG B 413 -19.65 -40.21 -26.12
N PRO B 414 -19.98 -39.54 -27.22
CA PRO B 414 -21.19 -38.75 -27.24
C PRO B 414 -22.37 -39.63 -27.58
N PRO B 415 -23.49 -39.45 -26.91
CA PRO B 415 -24.67 -40.27 -27.22
C PRO B 415 -25.37 -39.82 -28.48
N LYS B 416 -25.42 -40.68 -29.50
CA LYS B 416 -26.06 -40.29 -30.75
C LYS B 416 -27.54 -40.62 -30.81
N ASP B 417 -28.09 -41.29 -29.79
CA ASP B 417 -29.50 -41.60 -29.73
C ASP B 417 -30.06 -41.25 -28.36
N PRO B 418 -31.34 -40.88 -28.30
CA PRO B 418 -31.95 -40.61 -26.99
C PRO B 418 -31.95 -41.81 -26.07
N VAL B 419 -32.28 -42.99 -26.60
CA VAL B 419 -32.21 -44.20 -25.78
C VAL B 419 -30.76 -44.47 -25.38
N ASN B 420 -29.82 -44.26 -26.29
CA ASN B 420 -28.42 -44.45 -25.93
C ASN B 420 -27.95 -43.39 -24.96
N ALA B 421 -28.51 -42.18 -25.03
CA ALA B 421 -28.19 -41.18 -24.03
C ALA B 421 -28.63 -41.63 -22.65
N LEU B 422 -29.86 -42.13 -22.55
CA LEU B 422 -30.32 -42.67 -21.26
C LEU B 422 -29.43 -43.81 -20.80
N LEU B 423 -29.07 -44.71 -21.72
CA LEU B 423 -28.26 -45.85 -21.33
C LEU B 423 -26.90 -45.41 -20.79
N SER B 424 -26.26 -44.47 -21.47
CA SER B 424 -24.94 -44.02 -21.02
C SER B 424 -25.03 -43.31 -19.68
N PHE B 425 -26.06 -42.48 -19.49
CA PHE B 425 -26.16 -41.77 -18.21
C PHE B 425 -26.44 -42.73 -17.07
N ALA B 426 -27.32 -43.71 -17.30
CA ALA B 426 -27.57 -44.71 -16.27
C ALA B 426 -26.31 -45.52 -15.97
N TYR B 427 -25.55 -45.87 -17.01
CA TYR B 427 -24.32 -46.61 -16.81
C TYR B 427 -23.33 -45.82 -15.97
N ALA B 428 -23.23 -44.51 -16.23
CA ALA B 428 -22.31 -43.70 -15.45
C ALA B 428 -22.73 -43.62 -13.99
N MET B 429 -24.01 -43.44 -13.72
CA MET B 429 -24.43 -43.39 -12.32
C MET B 429 -24.22 -44.73 -11.63
N LEU B 430 -24.48 -45.83 -12.32
CA LEU B 430 -24.24 -47.14 -11.73
C LEU B 430 -22.76 -47.32 -11.44
N THR B 431 -21.89 -46.85 -12.33
CA THR B 431 -20.46 -46.93 -12.09
C THR B 431 -20.07 -46.14 -10.84
N ARG B 432 -20.65 -44.96 -10.66
CA ARG B 432 -20.34 -44.17 -9.47
C ARG B 432 -20.78 -44.89 -8.20
N GLU B 433 -22.00 -45.44 -8.19
CA GLU B 433 -22.47 -46.19 -7.04
C GLU B 433 -21.54 -47.35 -6.72
N TRP B 434 -21.13 -48.09 -7.74
CA TRP B 434 -20.22 -49.21 -7.50
C TRP B 434 -18.87 -48.74 -7.00
N THR B 435 -18.39 -47.60 -7.48
CA THR B 435 -17.12 -47.07 -6.98
C THR B 435 -17.20 -46.79 -5.49
N VAL B 436 -18.24 -46.09 -5.06
CA VAL B 436 -18.31 -45.73 -3.65
C VAL B 436 -18.54 -46.98 -2.79
N ALA B 437 -19.32 -47.93 -3.30
CA ALA B 437 -19.53 -49.16 -2.54
C ALA B 437 -18.23 -49.95 -2.40
N LEU B 438 -17.44 -50.02 -3.47
CA LEU B 438 -16.18 -50.74 -3.40
C LEU B 438 -15.20 -50.05 -2.47
N ALA B 439 -15.14 -48.72 -2.52
CA ALA B 439 -14.22 -48.03 -1.64
C ALA B 439 -14.67 -48.06 -0.19
N ALA B 440 -15.97 -48.26 0.05
CA ALA B 440 -16.43 -48.41 1.43
C ALA B 440 -15.76 -49.59 2.10
N VAL B 441 -15.81 -50.75 1.48
CA VAL B 441 -14.95 -51.84 1.89
C VAL B 441 -13.51 -51.48 1.55
N GLY B 442 -12.57 -52.18 2.16
CA GLY B 442 -11.19 -51.88 1.87
C GLY B 442 -10.72 -52.43 0.54
N LEU B 443 -11.19 -51.85 -0.55
CA LEU B 443 -10.81 -52.30 -1.88
C LEU B 443 -10.39 -51.10 -2.71
N ASP B 444 -9.47 -51.32 -3.63
CA ASP B 444 -9.06 -50.26 -4.53
C ASP B 444 -9.90 -50.36 -5.79
N PRO B 445 -10.86 -49.48 -6.01
CA PRO B 445 -11.72 -49.62 -7.18
C PRO B 445 -10.99 -49.48 -8.49
N TYR B 446 -9.78 -48.95 -8.48
CA TYR B 446 -9.08 -48.62 -9.71
C TYR B 446 -8.14 -49.72 -10.18
N ARG B 447 -8.15 -50.88 -9.56
CA ARG B 447 -7.31 -52.00 -9.96
C ARG B 447 -8.21 -53.17 -10.30
N GLY B 448 -8.47 -53.38 -11.58
CA GLY B 448 -9.45 -54.34 -12.01
C GLY B 448 -8.86 -55.67 -12.37
N PHE B 449 -9.72 -56.68 -12.41
CA PHE B 449 -9.32 -58.02 -12.81
C PHE B 449 -9.58 -58.30 -14.28
N TYR B 450 -10.62 -57.70 -14.85
CA TYR B 450 -11.01 -57.98 -16.22
C TYR B 450 -10.82 -56.78 -17.13
N HIS B 451 -11.24 -55.59 -16.72
CA HIS B 451 -11.06 -54.40 -17.53
C HIS B 451 -9.60 -53.93 -17.41
N GLN B 452 -9.31 -52.77 -17.96
CA GLN B 452 -7.92 -52.35 -17.91
C GLN B 452 -7.75 -51.16 -16.97
N PRO B 453 -6.66 -51.11 -16.23
CA PRO B 453 -6.62 -50.26 -15.05
C PRO B 453 -6.45 -48.76 -15.27
N ARG B 454 -5.56 -48.34 -16.17
CA ARG B 454 -5.05 -46.98 -16.14
C ARG B 454 -6.03 -46.00 -16.77
N PHE B 455 -5.56 -44.79 -17.01
CA PHE B 455 -6.28 -43.66 -17.61
C PHE B 455 -7.36 -43.09 -16.71
N GLY B 456 -7.40 -43.46 -15.44
CA GLY B 456 -8.42 -42.96 -14.55
C GLY B 456 -9.71 -43.75 -14.56
N ARG B 457 -9.77 -44.83 -15.32
CA ARG B 457 -10.97 -45.64 -15.34
C ARG B 457 -11.07 -46.47 -14.06
N PRO B 458 -12.21 -46.48 -13.39
CA PRO B 458 -12.36 -47.38 -12.26
C PRO B 458 -12.47 -48.79 -12.79
N ALA B 459 -11.41 -49.58 -12.70
CA ALA B 459 -11.40 -50.85 -13.38
C ALA B 459 -12.02 -51.97 -12.58
N LEU B 460 -12.36 -51.74 -11.32
CA LEU B 460 -13.08 -52.75 -10.56
C LEU B 460 -14.57 -52.45 -10.47
N ALA B 461 -14.95 -51.18 -10.43
CA ALA B 461 -16.34 -50.84 -10.61
C ALA B 461 -16.83 -51.31 -11.98
N LEU B 462 -16.03 -51.05 -13.02
CA LEU B 462 -16.40 -51.51 -14.35
C LEU B 462 -16.43 -53.03 -14.42
N ASP B 463 -15.60 -53.69 -13.63
CA ASP B 463 -15.59 -55.15 -13.66
C ASP B 463 -16.82 -55.72 -12.99
N MET B 464 -17.26 -55.11 -11.90
CA MET B 464 -18.32 -55.70 -11.10
C MET B 464 -19.71 -55.21 -11.46
N MET B 465 -19.82 -54.05 -12.09
CA MET B 465 -21.12 -53.57 -12.50
C MET B 465 -21.69 -54.37 -13.66
N GLU B 466 -20.91 -55.27 -14.27
CA GLU B 466 -21.40 -56.01 -15.42
C GLU B 466 -22.64 -56.83 -15.11
N PRO B 467 -22.68 -57.65 -14.06
CA PRO B 467 -23.94 -58.34 -13.75
C PRO B 467 -25.08 -57.39 -13.47
N PHE B 468 -24.80 -56.22 -12.94
CA PHE B 468 -25.84 -55.31 -12.50
C PHE B 468 -26.29 -54.34 -13.57
N ARG B 469 -25.70 -54.39 -14.76
CA ARG B 469 -26.15 -53.51 -15.83
C ARG B 469 -27.62 -53.74 -16.16
N PRO B 470 -28.10 -54.96 -16.42
CA PRO B 470 -29.52 -55.12 -16.73
C PRO B 470 -30.43 -54.77 -15.56
N LEU B 471 -29.99 -55.02 -14.33
CA LEU B 471 -30.90 -54.89 -13.20
C LEU B 471 -31.11 -53.44 -12.80
N ILE B 472 -30.10 -52.60 -12.95
CA ILE B 472 -30.18 -51.24 -12.45
C ILE B 472 -30.12 -50.19 -13.55
N ALA B 473 -29.46 -50.48 -14.67
CA ALA B 473 -29.35 -49.50 -15.74
C ALA B 473 -30.40 -49.71 -16.81
N ASP B 474 -30.39 -50.90 -17.45
CA ASP B 474 -31.45 -51.24 -18.39
C ASP B 474 -32.81 -51.15 -17.72
N SER B 475 -32.92 -51.66 -16.49
CA SER B 475 -34.20 -51.63 -15.79
C SER B 475 -34.65 -50.21 -15.52
N THR B 476 -33.72 -49.33 -15.13
CA THR B 476 -34.11 -47.95 -14.87
C THR B 476 -34.57 -47.26 -16.14
N VAL B 477 -33.86 -47.49 -17.25
CA VAL B 477 -34.28 -46.87 -18.51
C VAL B 477 -35.66 -47.38 -18.92
N LEU B 478 -35.87 -48.69 -18.81
CA LEU B 478 -37.18 -49.24 -19.15
C LEU B 478 -38.26 -48.66 -18.25
N MET B 479 -37.99 -48.56 -16.95
CA MET B 479 -38.93 -47.94 -16.03
C MET B 479 -39.30 -46.54 -16.49
N ALA B 480 -38.30 -45.70 -16.73
CA ALA B 480 -38.55 -44.30 -17.02
C ALA B 480 -39.05 -44.06 -18.43
N ILE B 481 -39.01 -45.07 -19.29
CA ILE B 481 -39.52 -44.86 -20.65
C ILE B 481 -40.89 -45.50 -20.81
N ASN B 482 -41.18 -46.54 -20.03
CA ASN B 482 -42.50 -47.11 -20.05
C ASN B 482 -43.43 -46.43 -19.06
N ASN B 483 -42.92 -45.56 -18.21
CA ASN B 483 -43.74 -44.74 -17.34
C ASN B 483 -43.91 -43.32 -17.87
N GLY B 484 -43.50 -43.08 -19.12
CA GLY B 484 -43.67 -41.77 -19.70
C GLY B 484 -42.84 -40.67 -19.08
N GLU B 485 -41.90 -41.00 -18.20
CA GLU B 485 -41.09 -39.97 -17.55
C GLU B 485 -40.18 -39.28 -18.55
N ILE B 486 -39.71 -40.01 -19.57
CA ILE B 486 -38.78 -39.48 -20.55
C ILE B 486 -39.49 -39.46 -21.90
N ARG B 487 -39.51 -38.29 -22.52
CA ARG B 487 -40.20 -38.10 -23.80
C ARG B 487 -39.28 -37.40 -24.78
N THR B 488 -39.70 -37.41 -26.05
CA THR B 488 -38.85 -36.89 -27.12
C THR B 488 -38.52 -35.42 -26.91
N GLY B 489 -39.38 -34.69 -26.20
CA GLY B 489 -39.11 -33.28 -25.98
C GLY B 489 -38.00 -33.02 -24.99
N ASP B 490 -37.53 -34.05 -24.29
CA ASP B 490 -36.51 -33.88 -23.27
C ASP B 490 -35.09 -33.85 -23.83
N PHE B 491 -34.92 -34.10 -25.12
CA PHE B 491 -33.62 -34.28 -25.74
C PHE B 491 -33.26 -33.10 -26.62
N VAL B 492 -31.96 -32.86 -26.74
CA VAL B 492 -31.42 -31.88 -27.68
C VAL B 492 -30.42 -32.62 -28.56
N ARG B 493 -30.53 -32.43 -29.87
CA ARG B 493 -29.70 -33.13 -30.84
C ARG B 493 -28.79 -32.14 -31.53
N SER B 494 -27.52 -32.50 -31.70
CA SER B 494 -26.54 -31.58 -32.27
C SER B 494 -25.51 -32.40 -33.04
N ALA B 495 -25.72 -32.51 -34.34
CA ALA B 495 -24.69 -32.96 -35.28
C ALA B 495 -24.03 -34.25 -34.81
N GLY B 496 -24.83 -35.12 -34.22
CA GLY B 496 -24.33 -36.36 -33.70
C GLY B 496 -24.21 -36.44 -32.19
N GLY B 497 -25.04 -35.70 -31.46
CA GLY B 497 -25.12 -35.86 -30.03
C GLY B 497 -26.52 -35.61 -29.51
N CYS B 498 -27.09 -36.59 -28.82
CA CYS B 498 -28.42 -36.45 -28.21
C CYS B 498 -28.22 -36.41 -26.70
N ASN B 499 -28.45 -35.25 -26.09
CA ASN B 499 -28.23 -35.09 -24.67
C ASN B 499 -29.50 -34.59 -24.00
N LEU B 500 -29.66 -34.97 -22.73
CA LEU B 500 -30.84 -34.64 -21.95
C LEU B 500 -30.86 -33.16 -21.58
N THR B 501 -32.04 -32.69 -21.21
CA THR B 501 -32.22 -31.36 -20.66
C THR B 501 -32.24 -31.43 -19.14
N ASP B 502 -31.92 -30.30 -18.50
CA ASP B 502 -31.67 -30.30 -17.06
C ASP B 502 -32.85 -30.87 -16.29
N SER B 503 -34.06 -30.38 -16.57
CA SER B 503 -35.23 -30.91 -15.90
C SER B 503 -35.35 -32.40 -16.12
N ALA B 504 -35.15 -32.83 -17.36
CA ALA B 504 -35.13 -34.25 -17.67
C ALA B 504 -33.97 -34.97 -16.99
N ARG B 505 -32.80 -34.35 -16.94
CA ARG B 505 -31.67 -34.98 -16.26
C ARG B 505 -32.02 -35.33 -14.81
N LYS B 506 -32.54 -34.38 -14.05
CA LYS B 506 -32.77 -34.67 -12.64
C LYS B 506 -34.06 -35.45 -12.39
N ARG B 507 -35.04 -35.38 -13.31
CA ARG B 507 -36.13 -36.35 -13.25
C ARG B 507 -35.58 -37.76 -13.41
N PHE B 508 -34.65 -37.95 -14.34
CA PHE B 508 -34.05 -39.27 -14.50
C PHE B 508 -33.21 -39.65 -13.29
N ILE B 509 -32.56 -38.69 -12.66
CA ILE B 509 -31.83 -39.00 -11.41
C ILE B 509 -32.79 -39.49 -10.34
N ALA B 510 -33.95 -38.84 -10.22
CA ALA B 510 -34.96 -39.32 -9.29
C ALA B 510 -35.38 -40.74 -9.63
N GLY B 511 -35.55 -41.01 -10.93
CA GLY B 511 -35.91 -42.36 -11.34
C GLY B 511 -34.84 -43.38 -10.99
N PHE B 512 -33.57 -43.01 -11.16
CA PHE B 512 -32.49 -43.91 -10.82
C PHE B 512 -32.49 -44.19 -9.33
N GLU B 513 -32.71 -43.16 -8.51
CA GLU B 513 -32.95 -43.40 -7.10
C GLU B 513 -34.05 -44.42 -6.89
N ARG B 514 -35.22 -44.18 -7.47
CA ARG B 514 -36.37 -45.04 -7.22
C ARG B 514 -36.06 -46.48 -7.56
N ARG B 515 -35.27 -46.71 -8.60
CA ARG B 515 -34.86 -48.07 -8.90
C ARG B 515 -33.83 -48.56 -7.89
N MET B 516 -33.01 -47.67 -7.35
CA MET B 516 -32.03 -48.09 -6.34
C MET B 516 -32.67 -48.32 -4.98
N GLU B 517 -33.92 -47.90 -4.80
CA GLU B 517 -34.58 -48.07 -3.52
C GLU B 517 -35.33 -49.39 -3.41
N GLN B 518 -35.48 -50.12 -4.50
CA GLN B 518 -36.29 -51.33 -4.45
C GLN B 518 -35.57 -52.41 -3.64
N GLU B 519 -36.36 -53.34 -3.13
CA GLU B 519 -35.85 -54.42 -2.29
C GLU B 519 -35.77 -55.68 -3.12
N VAL B 520 -34.63 -56.36 -3.08
CA VAL B 520 -34.52 -57.71 -3.61
C VAL B 520 -33.90 -58.58 -2.52
N THR B 521 -34.31 -59.84 -2.50
CA THR B 521 -34.23 -60.66 -1.30
C THR B 521 -33.03 -61.57 -1.19
N HIS B 522 -32.43 -61.99 -2.31
CA HIS B 522 -31.62 -63.21 -2.35
C HIS B 522 -30.22 -62.95 -2.85
N PRO B 523 -29.30 -62.45 -2.00
CA PRO B 523 -27.88 -62.58 -2.33
C PRO B 523 -27.45 -64.04 -2.24
N ILE B 524 -27.46 -64.56 -1.02
CA ILE B 524 -27.54 -65.99 -0.76
C ILE B 524 -28.43 -66.21 0.46
N PHE B 525 -28.67 -65.14 1.20
CA PHE B 525 -29.45 -65.15 2.43
C PHE B 525 -30.64 -64.22 2.24
N LYS B 526 -31.84 -64.73 2.50
CA LYS B 526 -33.06 -64.10 2.01
C LYS B 526 -33.55 -63.09 3.03
N TYR B 527 -33.20 -61.81 2.84
CA TYR B 527 -33.66 -60.80 3.78
C TYR B 527 -33.95 -59.44 3.14
N THR B 528 -34.26 -59.41 1.85
CA THR B 528 -34.90 -58.24 1.20
C THR B 528 -34.14 -56.94 1.47
N ILE B 529 -32.93 -56.88 0.92
CA ILE B 529 -32.12 -55.68 1.02
C ILE B 529 -32.48 -54.72 -0.10
N SER B 530 -32.26 -53.43 0.15
CA SER B 530 -32.29 -52.48 -0.93
C SER B 530 -31.08 -52.67 -1.83
N TYR B 531 -31.17 -52.20 -3.07
CA TYR B 531 -30.08 -52.40 -4.01
C TYR B 531 -28.80 -51.76 -3.50
N ARG B 532 -28.90 -50.54 -2.98
CA ARG B 532 -27.72 -49.82 -2.53
C ARG B 532 -26.99 -50.53 -1.41
N ARG B 533 -27.65 -51.43 -0.70
CA ARG B 533 -26.97 -52.27 0.29
C ARG B 533 -26.58 -53.62 -0.28
N LEU B 534 -27.30 -54.10 -1.28
CA LEU B 534 -26.87 -55.30 -1.97
C LEU B 534 -25.50 -55.10 -2.60
N LEU B 535 -25.22 -53.88 -3.05
CA LEU B 535 -23.89 -53.59 -3.59
C LEU B 535 -22.81 -53.88 -2.56
N GLU B 536 -22.99 -53.38 -1.33
CA GLU B 536 -21.99 -53.64 -0.30
C GLU B 536 -21.92 -55.12 0.03
N VAL B 537 -23.07 -55.79 0.06
CA VAL B 537 -23.05 -57.22 0.36
C VAL B 537 -22.20 -57.94 -0.67
N GLN B 538 -22.34 -57.57 -1.95
CA GLN B 538 -21.53 -58.18 -2.99
C GLN B 538 -20.05 -57.85 -2.82
N ALA B 539 -19.74 -56.59 -2.50
CA ALA B 539 -18.34 -56.21 -2.32
C ALA B 539 -17.70 -56.99 -1.18
N ARG B 540 -18.41 -57.11 -0.06
CA ARG B 540 -17.90 -57.87 1.06
C ARG B 540 -17.73 -59.32 0.67
N LEU B 541 -18.68 -59.87 -0.09
CA LEU B 541 -18.52 -61.22 -0.59
C LEU B 541 -17.25 -61.34 -1.42
N LEU B 542 -16.91 -60.29 -2.16
CA LEU B 542 -15.70 -60.36 -2.99
C LEU B 542 -14.45 -60.40 -2.13
N THR B 543 -14.35 -59.48 -1.18
CA THR B 543 -13.18 -59.50 -0.29
C THR B 543 -13.12 -60.80 0.48
N ARG B 544 -14.27 -61.41 0.71
CA ARG B 544 -14.31 -62.65 1.46
C ARG B 544 -13.93 -63.83 0.59
N TYR B 545 -14.20 -63.75 -0.72
CA TYR B 545 -13.65 -64.71 -1.66
C TYR B 545 -12.14 -64.60 -1.71
N LEU B 546 -11.64 -63.39 -1.90
CA LEU B 546 -10.22 -63.14 -1.74
C LEU B 546 -9.82 -63.51 -0.31
N SER B 547 -8.54 -63.75 -0.12
CA SER B 547 -7.99 -64.20 1.15
C SER B 547 -8.49 -65.58 1.53
N GLY B 548 -9.32 -66.18 0.71
CA GLY B 548 -9.67 -67.57 0.87
C GLY B 548 -10.60 -67.88 2.02
N GLU B 549 -11.79 -67.31 2.00
CA GLU B 549 -12.87 -67.77 2.87
C GLU B 549 -13.89 -68.60 2.09
N ILE B 550 -14.48 -68.02 1.06
CA ILE B 550 -15.52 -68.66 0.28
C ILE B 550 -15.07 -68.83 -1.16
N PRO B 551 -14.95 -70.05 -1.66
CA PRO B 551 -14.50 -70.26 -3.05
C PRO B 551 -15.49 -69.66 -4.05
N ALA B 552 -14.95 -69.03 -5.09
CA ALA B 552 -15.62 -68.79 -6.35
C ALA B 552 -16.70 -67.71 -6.27
N TYR B 553 -16.68 -66.86 -5.24
CA TYR B 553 -17.44 -65.60 -5.25
C TYR B 553 -18.89 -65.75 -5.71
N PRO B 554 -19.81 -66.13 -4.83
CA PRO B 554 -21.16 -66.49 -5.28
C PRO B 554 -21.95 -65.29 -5.81
N ASN B 555 -21.76 -65.02 -7.09
CA ASN B 555 -22.39 -63.88 -7.76
C ASN B 555 -23.90 -63.85 -7.56
N PHE B 556 -24.46 -62.65 -7.67
CA PHE B 556 -25.89 -62.45 -7.55
C PHE B 556 -26.55 -62.50 -8.92
N VAL B 557 -27.41 -63.49 -9.14
CA VAL B 557 -28.15 -63.63 -10.38
C VAL B 557 -29.61 -63.89 -10.06
N THR B 558 -30.50 -63.24 -10.79
CA THR B 558 -31.92 -63.46 -10.59
C THR B 558 -32.46 -64.38 -11.67
N ASP C 5 27.45 48.46 23.55
CA ASP C 5 26.19 49.10 23.19
C ASP C 5 25.19 48.10 22.62
N GLY C 6 24.18 48.60 21.93
CA GLY C 6 23.18 47.75 21.30
C GLY C 6 23.65 47.21 19.97
N SER C 7 24.97 47.04 19.82
CA SER C 7 25.51 46.48 18.60
C SER C 7 25.11 45.03 18.40
N ILE C 8 24.57 44.37 19.41
CA ILE C 8 24.21 42.97 19.30
C ILE C 8 23.20 42.60 20.39
N PRO C 9 22.08 41.98 20.03
CA PRO C 9 21.14 41.51 21.04
C PRO C 9 21.67 40.29 21.77
N LEU C 10 20.92 39.85 22.76
CA LEU C 10 21.28 38.64 23.47
C LEU C 10 21.15 37.45 22.54
N ILE C 11 22.17 36.60 22.55
CA ILE C 11 22.19 35.43 21.68
C ILE C 11 21.17 34.40 22.15
N PRO C 12 20.16 34.07 21.36
CA PRO C 12 19.30 32.95 21.72
C PRO C 12 20.11 31.67 21.76
N VAL C 13 19.84 30.83 22.75
CA VAL C 13 20.70 29.66 22.90
C VAL C 13 20.45 28.64 21.80
N ARG C 14 19.32 28.73 21.08
CA ARG C 14 19.20 27.87 19.92
C ARG C 14 20.12 28.33 18.81
N MET C 15 20.33 29.64 18.66
CA MET C 15 21.37 30.08 17.75
C MET C 15 22.74 29.67 18.25
N LEU C 16 22.91 29.53 19.56
CA LEU C 16 24.16 28.98 20.07
C LEU C 16 24.30 27.52 19.67
N ASN C 17 23.19 26.79 19.68
CA ASN C 17 23.19 25.42 19.20
C ASN C 17 23.56 25.37 17.73
N GLU C 18 23.04 26.31 16.94
CA GLU C 18 23.30 26.27 15.50
C GLU C 18 24.72 26.69 15.18
N HIS C 19 25.29 27.63 15.94
CA HIS C 19 26.60 28.14 15.60
C HIS C 19 27.65 27.05 15.67
N VAL C 20 27.62 26.23 16.72
CA VAL C 20 28.58 25.15 16.83
C VAL C 20 28.34 24.06 15.79
N TYR C 21 27.23 24.13 15.07
CA TYR C 21 26.93 23.21 13.99
C TYR C 21 27.49 23.72 12.66
N CYS C 22 27.14 24.94 12.27
CA CYS C 22 27.62 25.57 11.05
C CYS C 22 27.56 27.07 11.25
N PRO C 23 28.70 27.74 11.41
CA PRO C 23 28.66 29.19 11.68
C PRO C 23 27.87 29.98 10.66
N ARG C 24 27.94 29.60 9.39
CA ARG C 24 27.13 30.24 8.38
C ARG C 24 25.65 30.04 8.68
N LEU C 25 25.28 28.87 9.18
CA LEU C 25 23.87 28.64 9.51
C LEU C 25 23.41 29.57 10.61
N ALA C 26 24.23 29.75 11.65
CA ALA C 26 23.86 30.68 12.70
C ALA C 26 23.74 32.09 12.16
N TYR C 27 24.68 32.49 11.30
CA TYR C 27 24.61 33.83 10.73
C TYR C 27 23.32 34.01 9.95
N LEU C 28 22.99 33.06 9.08
CA LEU C 28 21.76 33.18 8.31
C LEU C 28 20.55 33.26 9.23
N MET C 29 20.42 32.31 10.16
CA MET C 29 19.19 32.21 10.92
C MET C 29 19.04 33.34 11.93
N TRP C 30 20.14 33.91 12.41
CA TRP C 30 20.04 34.90 13.46
C TRP C 30 20.20 36.33 12.96
N VAL C 31 21.21 36.60 12.14
CA VAL C 31 21.46 37.95 11.69
C VAL C 31 20.64 38.33 10.47
N GLN C 32 19.96 37.39 9.85
CA GLN C 32 19.15 37.75 8.68
C GLN C 32 17.79 37.06 8.65
N GLY C 33 17.26 36.60 9.77
CA GLY C 33 16.05 35.82 9.68
C GLY C 33 16.30 34.59 8.83
N GLU C 34 15.72 34.56 7.63
CA GLU C 34 16.04 33.54 6.62
C GLU C 34 15.94 32.14 7.20
N PHE C 35 14.73 31.74 7.53
CA PHE C 35 14.45 30.37 7.90
C PHE C 35 13.60 29.69 6.84
N SER C 36 13.75 28.37 6.73
CA SER C 36 12.92 27.58 5.84
C SER C 36 12.79 26.18 6.43
N HIS C 37 11.69 25.52 6.09
CA HIS C 37 11.35 24.25 6.69
C HIS C 37 11.71 23.11 5.75
N ASN C 38 11.84 21.92 6.33
CA ASN C 38 11.97 20.70 5.56
C ASN C 38 11.27 19.59 6.35
N GLU C 39 11.51 18.35 5.95
CA GLU C 39 11.02 17.21 6.71
C GLU C 39 11.24 17.40 8.20
N PHE C 40 12.49 17.63 8.59
CA PHE C 40 12.89 17.48 9.98
C PHE C 40 12.53 18.67 10.86
N THR C 41 12.61 19.90 10.37
CA THR C 41 12.16 21.01 11.20
C THR C 41 10.68 20.92 11.49
N VAL C 42 9.89 20.57 10.48
CA VAL C 42 8.45 20.40 10.68
C VAL C 42 8.20 19.27 11.68
N ASP C 43 8.92 18.15 11.52
CA ASP C 43 8.72 17.02 12.43
C ASP C 43 9.08 17.40 13.86
N GLY C 44 10.16 18.15 14.04
CA GLY C 44 10.55 18.55 15.37
C GLY C 44 9.54 19.48 16.00
N VAL C 45 9.01 20.42 15.22
CA VAL C 45 7.97 21.29 15.74
C VAL C 45 6.77 20.46 16.16
N ILE C 46 6.42 19.46 15.36
CA ILE C 46 5.28 18.60 15.69
C ILE C 46 5.51 17.88 17.01
N ARG C 47 6.70 17.33 17.20
CA ARG C 47 7.03 16.72 18.50
C ARG C 47 6.87 17.72 19.64
N HIS C 48 7.48 18.89 19.53
CA HIS C 48 7.52 19.79 20.67
C HIS C 48 6.15 20.36 20.98
N ARG C 49 5.31 20.52 19.97
CA ARG C 49 4.11 21.34 20.10
C ARG C 49 3.11 20.72 21.07
N ARG C 50 2.82 19.44 20.91
CA ARG C 50 1.70 18.85 21.64
C ARG C 50 1.91 18.82 23.14
N VAL C 51 3.14 19.02 23.61
CA VAL C 51 3.37 18.96 25.04
C VAL C 51 4.03 20.24 25.56
N ASP C 52 5.18 20.62 25.00
CA ASP C 52 5.98 21.66 25.62
C ASP C 52 5.65 23.06 25.14
N ALA C 53 4.80 23.21 24.12
CA ALA C 53 4.31 24.53 23.79
C ALA C 53 3.45 25.07 24.92
N GLY C 54 2.61 24.22 25.50
CA GLY C 54 1.81 24.64 26.63
C GLY C 54 2.62 24.65 27.91
N GLY C 55 2.40 25.69 28.72
CA GLY C 55 3.17 25.88 29.93
C GLY C 55 2.79 24.89 31.02
N GLY C 56 3.52 24.99 32.12
CA GLY C 56 3.31 24.12 33.26
C GLY C 56 3.60 24.86 34.55
N VAL C 57 4.23 24.16 35.50
CA VAL C 57 4.53 24.75 36.79
C VAL C 57 5.60 25.83 36.62
N LEU C 58 5.63 26.77 37.56
CA LEU C 58 6.68 27.79 37.60
C LEU C 58 7.89 27.30 38.38
N PRO C 59 9.09 27.72 37.99
CA PRO C 59 10.24 27.51 38.86
C PRO C 59 10.13 28.39 40.09
N SER C 60 9.91 27.78 41.25
CA SER C 60 9.65 28.54 42.45
C SER C 60 10.82 29.48 42.76
N GLU C 61 10.49 30.73 43.08
CA GLU C 61 11.51 31.66 43.54
C GLU C 61 12.08 31.21 44.88
N THR C 62 11.21 30.88 45.82
CA THR C 62 11.60 30.36 47.13
C THR C 62 11.51 28.85 47.07
N GLN C 63 12.66 28.19 47.02
CA GLN C 63 12.74 26.74 46.88
C GLN C 63 13.27 26.14 48.17
N GLU C 64 12.46 25.33 48.83
CA GLU C 64 12.93 24.60 50.01
C GLU C 64 12.95 23.10 49.79
N ASP C 65 11.79 22.48 49.57
CA ASP C 65 11.71 21.04 49.30
C ASP C 65 10.38 20.77 48.60
N SER C 66 10.43 20.61 47.28
CA SER C 66 9.26 20.17 46.50
C SER C 66 9.72 19.95 45.08
N ARG C 67 9.03 19.03 44.40
CA ARG C 67 9.38 18.71 43.02
C ARG C 67 9.16 19.90 42.12
N ILE C 68 10.17 20.21 41.30
CA ILE C 68 10.09 21.26 40.29
C ILE C 68 9.92 20.59 38.94
N HIS C 69 8.81 20.86 38.27
CA HIS C 69 8.54 20.27 36.97
C HIS C 69 8.06 21.34 36.00
N ALA C 70 8.80 22.43 35.94
CA ALA C 70 8.44 23.52 35.05
C ALA C 70 8.65 23.13 33.58
N ARG C 71 7.89 23.77 32.70
CA ARG C 71 7.94 23.48 31.28
C ARG C 71 7.88 24.77 30.48
N SER C 72 8.70 24.86 29.45
CA SER C 72 8.83 26.05 28.61
C SER C 72 9.10 27.29 29.47
N VAL C 73 10.28 27.27 30.08
CA VAL C 73 10.68 28.30 31.04
C VAL C 73 11.63 29.25 30.33
N SER C 74 11.30 30.54 30.36
CA SER C 74 12.07 31.54 29.62
C SER C 74 12.96 32.30 30.58
N LEU C 75 14.27 32.11 30.44
CA LEU C 75 15.26 32.84 31.22
C LEU C 75 16.11 33.66 30.28
N SER C 76 16.89 34.56 30.88
CA SER C 76 18.01 35.15 30.16
C SER C 76 18.93 35.79 31.17
N SER C 77 20.21 35.80 30.87
CA SER C 77 21.17 36.57 31.62
C SER C 77 21.88 37.49 30.66
N GLU C 78 22.10 38.73 31.09
CA GLU C 78 22.75 39.69 30.23
C GLU C 78 24.21 39.90 30.59
N ARG C 79 24.65 39.40 31.75
CA ARG C 79 26.08 39.23 31.98
C ARG C 79 26.66 38.19 31.04
N LEU C 80 25.99 37.03 30.92
CA LEU C 80 26.44 36.02 29.97
C LEU C 80 26.24 36.51 28.54
N GLY C 81 25.07 37.06 28.24
CA GLY C 81 24.74 37.46 26.90
C GLY C 81 23.87 36.49 26.14
N ILE C 82 23.12 35.63 26.82
CA ILE C 82 22.29 34.64 26.15
C ILE C 82 20.87 34.70 26.68
N THR C 83 19.95 34.18 25.88
CA THR C 83 18.54 34.09 26.22
C THR C 83 18.06 32.71 25.83
N ALA C 84 17.19 32.12 26.66
CA ALA C 84 16.78 30.76 26.41
C ALA C 84 15.33 30.58 26.78
N LYS C 85 14.75 29.50 26.27
CA LYS C 85 13.39 29.08 26.60
C LYS C 85 13.46 27.57 26.79
N ILE C 86 13.76 27.16 28.02
CA ILE C 86 14.13 25.77 28.31
C ILE C 86 12.92 24.87 28.11
N ASP C 87 13.12 23.76 27.41
CA ASP C 87 12.01 22.85 27.14
C ASP C 87 11.41 22.32 28.43
N LEU C 88 12.24 21.91 29.39
CA LEU C 88 11.70 21.47 30.66
C LEU C 88 12.78 21.58 31.71
N VAL C 89 12.37 21.65 32.98
CA VAL C 89 13.31 21.77 34.09
C VAL C 89 12.88 20.81 35.18
N GLU C 90 13.69 19.78 35.43
CA GLU C 90 13.40 18.80 36.47
C GLU C 90 14.32 19.06 37.65
N GLY C 91 13.74 19.33 38.80
CA GLY C 91 14.55 19.62 39.95
C GLY C 91 13.93 19.22 41.27
N GLU C 92 14.73 18.64 42.16
CA GLU C 92 14.28 18.28 43.50
C GLU C 92 14.71 19.39 44.46
N GLY C 93 13.77 20.27 44.77
CA GLY C 93 14.01 21.29 45.76
C GLY C 93 14.89 22.42 45.27
N ALA C 94 16.20 22.18 45.20
CA ALA C 94 17.13 23.24 44.81
C ALA C 94 18.21 22.73 43.86
N TYR C 95 18.05 21.52 43.32
CA TYR C 95 19.00 20.95 42.37
C TYR C 95 18.19 20.66 41.10
N VAL C 96 18.25 21.60 40.16
CA VAL C 96 17.45 21.53 38.96
C VAL C 96 18.30 20.99 37.83
N SER C 97 17.67 20.67 36.72
CA SER C 97 18.38 20.14 35.57
C SER C 97 17.59 20.38 34.30
N PRO C 98 18.18 21.07 33.32
CA PRO C 98 17.49 21.29 32.05
C PRO C 98 17.23 19.98 31.33
N VAL C 99 16.12 19.91 30.62
CA VAL C 99 15.78 18.78 29.78
C VAL C 99 15.34 19.31 28.44
N ASP C 100 16.05 18.93 27.38
CA ASP C 100 15.73 19.37 26.04
C ASP C 100 15.18 18.19 25.25
N TYR C 101 14.06 18.40 24.59
CA TYR C 101 13.47 17.36 23.76
C TYR C 101 14.09 17.40 22.37
N LYS C 102 14.21 16.23 21.77
CA LYS C 102 14.69 16.10 20.40
C LYS C 102 13.63 15.37 19.59
N ARG C 103 13.97 14.92 18.41
CA ARG C 103 12.96 14.28 17.57
C ARG C 103 13.25 12.83 17.23
N GLY C 104 14.50 12.46 17.03
CA GLY C 104 14.85 11.18 16.44
C GLY C 104 15.30 10.15 17.44
N LYS C 105 15.99 9.14 16.92
CA LYS C 105 16.55 8.08 17.75
C LYS C 105 17.78 8.62 18.49
N ARG C 106 18.29 7.81 19.40
CA ARG C 106 19.58 8.12 19.99
C ARG C 106 20.63 8.09 18.89
N PRO C 107 21.48 9.10 18.79
CA PRO C 107 22.51 9.08 17.75
C PRO C 107 23.57 8.03 18.03
N HIS C 108 24.32 7.69 16.99
CA HIS C 108 25.31 6.63 17.08
C HIS C 108 26.70 7.22 17.32
N VAL C 109 26.84 7.93 18.45
CA VAL C 109 28.07 8.62 18.78
C VAL C 109 28.40 8.36 20.24
N ALA C 110 29.68 8.52 20.57
CA ALA C 110 30.12 8.34 21.95
C ALA C 110 29.46 9.38 22.84
N GLY C 111 28.77 8.92 23.88
CA GLY C 111 28.02 9.79 24.74
C GLY C 111 26.59 10.02 24.31
N GLY C 112 26.21 9.57 23.12
CA GLY C 112 24.83 9.65 22.69
C GLY C 112 24.30 11.02 22.42
N ALA C 113 25.15 12.04 22.36
CA ALA C 113 24.71 13.40 22.10
C ALA C 113 25.77 14.12 21.29
N TYR C 114 25.35 14.73 20.18
CA TYR C 114 26.31 15.38 19.30
C TYR C 114 26.83 16.65 19.97
N GLU C 115 27.89 17.19 19.37
CA GLU C 115 28.49 18.40 19.92
C GLU C 115 27.52 19.57 20.08
N PRO C 116 26.64 19.86 19.13
CA PRO C 116 25.76 21.02 19.30
C PRO C 116 24.83 20.95 20.50
N GLU C 117 23.97 19.94 20.57
CA GLU C 117 23.01 19.88 21.67
C GLU C 117 23.69 19.85 23.02
N ARG C 118 24.88 19.26 23.12
CA ARG C 118 25.59 19.32 24.38
C ARG C 118 25.88 20.77 24.76
N VAL C 119 26.27 21.58 23.78
CA VAL C 119 26.55 22.99 24.05
C VAL C 119 25.28 23.73 24.43
N GLN C 120 24.17 23.42 23.75
CA GLN C 120 22.91 24.06 24.11
C GLN C 120 22.52 23.74 25.55
N LEU C 121 22.64 22.48 25.94
CA LEU C 121 22.29 22.08 27.30
C LEU C 121 23.22 22.72 28.31
N CYS C 122 24.51 22.83 28.00
CA CYS C 122 25.41 23.49 28.93
C CYS C 122 25.08 24.98 29.06
N ALA C 123 24.68 25.62 27.95
CA ALA C 123 24.32 27.03 28.03
C ALA C 123 23.09 27.23 28.90
N GLN C 124 22.07 26.40 28.70
CA GLN C 124 20.90 26.49 29.56
C GLN C 124 21.27 26.19 31.01
N GLY C 125 22.22 25.29 31.22
CA GLY C 125 22.68 25.02 32.57
C GLY C 125 23.33 26.24 33.22
N LEU C 126 24.17 26.95 32.47
CA LEU C 126 24.75 28.17 33.00
C LEU C 126 23.68 29.19 33.32
N LEU C 127 22.67 29.30 32.45
CA LEU C 127 21.58 30.24 32.72
C LEU C 127 20.87 29.89 34.01
N LEU C 128 20.60 28.60 34.22
CA LEU C 128 19.96 28.19 35.48
C LEU C 128 20.85 28.50 36.67
N ARG C 129 22.16 28.25 36.53
CA ARG C 129 23.08 28.59 37.61
C ARG C 129 23.04 30.07 37.92
N GLU C 130 22.80 30.90 36.90
CA GLU C 130 22.80 32.34 37.11
C GLU C 130 21.67 32.76 38.05
N HIS C 131 20.49 32.15 37.91
CA HIS C 131 19.33 32.54 38.68
C HIS C 131 19.28 31.86 40.03
N GLY C 132 20.40 31.38 40.55
CA GLY C 132 20.43 30.77 41.86
C GLY C 132 19.88 29.35 41.86
N PHE C 133 20.57 28.45 41.18
CA PHE C 133 20.22 27.04 41.17
C PHE C 133 21.51 26.23 41.04
N ALA C 134 21.42 24.96 41.39
CA ALA C 134 22.55 24.04 41.28
C ALA C 134 22.18 22.97 40.26
N SER C 135 22.73 23.09 39.06
CA SER C 135 22.34 22.19 37.97
C SER C 135 23.34 21.04 37.78
N ASP C 136 24.58 21.37 37.43
CA ASP C 136 25.63 20.37 37.25
C ASP C 136 25.17 19.16 36.44
N GLY C 137 24.29 19.36 35.47
CA GLY C 137 23.83 18.26 34.65
C GLY C 137 22.63 18.64 33.84
N GLY C 138 22.29 17.77 32.91
CA GLY C 138 21.15 17.95 32.04
C GLY C 138 20.81 16.65 31.37
N ALA C 139 19.85 16.71 30.45
CA ALA C 139 19.40 15.50 29.79
C ALA C 139 18.88 15.86 28.40
N LEU C 140 18.81 14.85 27.54
CA LEU C 140 18.18 14.98 26.22
C LEU C 140 17.10 13.91 26.14
N TYR C 141 15.86 14.33 26.07
CA TYR C 141 14.74 13.40 26.07
C TYR C 141 14.25 13.24 24.64
N PHE C 142 14.77 12.24 23.95
CA PHE C 142 14.32 11.96 22.58
C PHE C 142 12.87 11.50 22.57
N VAL C 143 11.99 12.26 21.92
CA VAL C 143 10.57 11.93 22.03
C VAL C 143 10.25 10.59 21.40
N ALA C 144 10.97 10.21 20.35
CA ALA C 144 10.61 9.00 19.61
C ALA C 144 10.82 7.74 20.46
N SER C 145 11.95 7.64 21.17
CA SER C 145 12.13 6.48 22.04
C SER C 145 12.12 6.88 23.51
N ARG C 146 11.91 8.16 23.83
CA ARG C 146 11.96 8.62 25.23
C ARG C 146 13.06 7.95 26.03
N GLU C 147 14.22 7.90 25.40
CA GLU C 147 15.44 7.40 25.99
C GLU C 147 16.25 8.60 26.48
N ARG C 148 15.95 9.02 27.71
CA ARG C 148 16.65 10.15 28.30
C ARG C 148 18.15 9.89 28.33
N VAL C 149 18.91 10.76 27.66
CA VAL C 149 20.36 10.64 27.63
C VAL C 149 20.97 11.73 28.50
N PRO C 150 21.53 11.40 29.66
CA PRO C 150 22.11 12.43 30.51
C PRO C 150 23.33 13.08 29.87
N VAL C 151 23.59 14.31 30.27
CA VAL C 151 24.78 15.06 29.89
C VAL C 151 25.33 15.72 31.14
N ALA C 152 26.63 15.58 31.36
CA ALA C 152 27.28 16.18 32.52
C ALA C 152 28.07 17.40 32.07
N PHE C 153 27.94 18.50 32.81
CA PHE C 153 28.57 19.75 32.45
C PHE C 153 30.05 19.66 32.79
N ASP C 154 30.78 18.90 31.99
CA ASP C 154 32.23 18.84 32.10
C ASP C 154 32.82 20.24 31.92
N ASP C 155 34.05 20.42 32.39
CA ASP C 155 34.60 21.77 32.46
C ASP C 155 34.87 22.34 31.07
N GLU C 156 35.54 21.58 30.21
CA GLU C 156 35.82 22.14 28.89
C GLU C 156 34.59 22.15 28.00
N LEU C 157 33.51 21.49 28.42
CA LEU C 157 32.21 21.76 27.81
C LEU C 157 31.79 23.19 28.05
N ILE C 158 31.94 23.68 29.28
CA ILE C 158 31.68 25.09 29.55
C ILE C 158 32.67 25.97 28.81
N GLY C 159 33.91 25.51 28.69
CA GLY C 159 34.87 26.24 27.87
C GLY C 159 34.39 26.40 26.44
N ARG C 160 33.90 25.30 25.86
CA ARG C 160 33.35 25.35 24.51
C ARG C 160 32.19 26.33 24.44
N THR C 161 31.30 26.29 25.43
CA THR C 161 30.11 27.13 25.39
C THR C 161 30.48 28.61 25.41
N LEU C 162 31.37 29.00 26.33
CA LEU C 162 31.74 30.41 26.39
C LEU C 162 32.55 30.82 25.17
N ALA C 163 33.39 29.93 24.65
CA ALA C 163 34.10 30.23 23.42
C ALA C 163 33.13 30.46 22.29
N ALA C 164 32.08 29.63 22.20
CA ALA C 164 31.10 29.81 21.14
C ALA C 164 30.33 31.09 21.29
N ILE C 165 30.03 31.50 22.52
CA ILE C 165 29.36 32.78 22.72
C ILE C 165 30.23 33.90 22.19
N ASP C 166 31.52 33.90 22.53
CA ASP C 166 32.39 34.95 22.04
C ASP C 166 32.53 34.90 20.54
N GLU C 167 32.65 33.69 19.97
CA GLU C 167 32.82 33.56 18.54
C GLU C 167 31.60 34.09 17.79
N MET C 168 30.40 33.75 18.26
CA MET C 168 29.21 34.26 17.60
C MET C 168 29.12 35.77 17.72
N GLY C 169 29.46 36.31 18.88
CA GLY C 169 29.45 37.75 19.02
C GLY C 169 30.36 38.42 18.02
N ARG C 170 31.59 37.91 17.90
CA ARG C 170 32.51 38.55 16.98
C ARG C 170 32.07 38.40 15.53
N THR C 171 31.62 37.21 15.15
CA THR C 171 31.23 37.03 13.76
C THR C 171 29.98 37.81 13.40
N ALA C 172 29.12 38.11 14.38
CA ALA C 172 27.99 38.98 14.09
C ALA C 172 28.41 40.43 13.98
N LEU C 173 29.30 40.89 14.86
CA LEU C 173 29.72 42.28 14.80
C LEU C 173 30.55 42.57 13.56
N SER C 174 31.26 41.57 13.05
CA SER C 174 32.12 41.81 11.89
C SER C 174 31.30 42.20 10.68
N GLY C 175 30.19 41.51 10.44
CA GLY C 175 29.36 41.80 9.30
C GLY C 175 29.69 41.02 8.06
N THR C 176 30.50 39.98 8.16
CA THR C 176 30.88 39.16 7.01
C THR C 176 30.39 37.74 7.26
N MET C 177 29.56 37.25 6.37
CA MET C 177 28.98 35.93 6.54
C MET C 177 30.06 34.87 6.37
N PRO C 178 30.24 33.96 7.32
CA PRO C 178 31.32 33.00 7.21
C PRO C 178 31.10 32.06 6.05
N PRO C 179 32.16 31.49 5.49
CA PRO C 179 32.04 30.67 4.29
C PRO C 179 31.28 29.40 4.58
N PRO C 180 30.79 28.71 3.56
CA PRO C 180 30.07 27.47 3.79
C PRO C 180 31.03 26.38 4.23
N LEU C 181 30.44 25.31 4.75
CA LEU C 181 31.23 24.14 5.12
C LEU C 181 31.83 23.51 3.88
N GLU C 182 32.97 22.85 4.06
CA GLU C 182 33.70 22.29 2.93
C GLU C 182 33.15 20.91 2.60
N ASP C 183 32.21 20.85 1.67
CA ASP C 183 31.74 19.59 1.12
C ASP C 183 31.23 18.66 2.21
N SER C 184 30.60 19.24 3.21
CA SER C 184 30.22 18.51 4.40
C SER C 184 29.01 17.63 4.14
N PRO C 185 28.78 16.61 4.96
CA PRO C 185 27.49 15.91 4.94
C PRO C 185 26.43 16.57 5.78
N LYS C 186 26.77 17.60 6.56
CA LYS C 186 25.73 18.34 7.27
C LYS C 186 24.82 19.06 6.30
N CYS C 187 25.39 19.70 5.28
CA CYS C 187 24.66 20.61 4.43
C CYS C 187 23.46 20.00 3.71
N PRO C 188 23.51 18.77 3.19
CA PRO C 188 22.36 18.27 2.42
C PRO C 188 21.06 18.15 3.20
N ARG C 189 21.03 18.56 4.46
CA ARG C 189 19.77 18.51 5.21
C ARG C 189 19.55 19.70 6.12
N CYS C 190 20.33 20.79 5.96
CA CYS C 190 20.28 21.87 6.92
C CYS C 190 19.09 22.79 6.72
N SER C 191 18.16 22.43 5.84
CA SER C 191 16.90 23.15 5.69
C SER C 191 17.09 24.59 5.26
N LEU C 192 18.33 25.02 5.08
CA LEU C 192 18.64 26.28 4.43
C LEU C 192 19.55 26.07 3.25
N VAL C 193 19.82 24.82 2.88
CA VAL C 193 20.67 24.54 1.76
C VAL C 193 20.14 25.20 0.51
N GLY C 194 18.84 25.45 0.44
CA GLY C 194 18.29 26.24 -0.64
C GLY C 194 18.57 27.72 -0.52
N ILE C 195 19.07 28.17 0.62
CA ILE C 195 19.44 29.56 0.83
C ILE C 195 20.92 29.73 1.04
N CYS C 196 21.56 28.79 1.74
CA CYS C 196 23.02 28.84 1.85
C CYS C 196 23.67 28.72 0.49
N LEU C 197 23.12 27.86 -0.36
CA LEU C 197 23.71 27.53 -1.65
C LEU C 197 25.19 27.17 -1.45
N PRO C 198 25.47 26.12 -0.72
CA PRO C 198 26.85 25.85 -0.33
C PRO C 198 27.75 25.57 -1.50
N ASP C 199 27.40 24.58 -2.31
CA ASP C 199 28.28 24.15 -3.38
C ASP C 199 28.40 25.22 -4.46
N GLU C 200 27.32 25.94 -4.72
CA GLU C 200 27.39 26.99 -5.73
C GLU C 200 28.33 28.10 -5.30
N VAL C 201 28.20 28.55 -4.07
CA VAL C 201 29.08 29.63 -3.61
C VAL C 201 30.52 29.15 -3.53
N ARG C 202 30.71 27.90 -3.10
CA ARG C 202 32.06 27.34 -3.12
C ARG C 202 32.65 27.40 -4.52
N PHE C 203 31.91 26.89 -5.50
CA PHE C 203 32.43 26.79 -6.85
C PHE C 203 32.71 28.18 -7.44
N LEU C 204 31.79 29.12 -7.30
CA LEU C 204 32.03 30.42 -7.93
C LEU C 204 33.02 31.27 -7.17
N SER C 205 33.15 31.08 -5.88
CA SER C 205 34.13 31.86 -5.13
C SER C 205 35.55 31.36 -5.34
N HIS C 206 35.75 30.48 -6.33
CA HIS C 206 37.02 29.93 -6.74
C HIS C 206 37.64 28.98 -5.73
N LEU C 207 36.89 28.57 -4.71
CA LEU C 207 37.31 27.42 -3.90
C LEU C 207 36.88 26.15 -4.65
N SER C 208 37.33 26.06 -5.90
CA SER C 208 36.63 25.34 -6.94
C SER C 208 36.49 23.85 -6.63
N VAL C 209 35.27 23.36 -6.77
CA VAL C 209 34.92 21.95 -6.65
C VAL C 209 34.00 21.63 -7.82
N GLU C 210 33.44 20.42 -7.83
CA GLU C 210 32.38 20.13 -8.78
C GLU C 210 31.05 20.12 -8.03
N PRO C 211 30.13 21.04 -8.32
CA PRO C 211 28.91 21.14 -7.52
C PRO C 211 28.13 19.83 -7.52
N ARG C 212 27.87 19.34 -6.31
CA ARG C 212 27.13 18.10 -6.14
C ARG C 212 25.69 18.32 -6.60
N PRO C 213 24.97 17.25 -6.95
CA PRO C 213 23.67 17.44 -7.58
C PRO C 213 22.71 18.15 -6.66
N ILE C 214 21.78 18.89 -7.26
CA ILE C 214 20.88 19.77 -6.53
C ILE C 214 20.25 19.02 -5.37
N ILE C 215 20.48 19.51 -4.16
CA ILE C 215 19.69 19.05 -3.03
C ILE C 215 18.29 19.58 -3.32
N PRO C 216 17.36 18.71 -3.72
CA PRO C 216 16.15 19.19 -4.41
C PRO C 216 15.26 20.00 -3.49
N ALA C 217 14.49 20.90 -4.10
CA ALA C 217 13.51 21.67 -3.36
C ALA C 217 12.41 20.74 -2.84
N ASP C 218 11.78 21.17 -1.75
CA ASP C 218 10.76 20.37 -1.10
C ASP C 218 9.69 21.27 -0.49
N GLY C 219 8.46 20.78 -0.51
CA GLY C 219 7.35 21.47 0.11
C GLY C 219 7.02 22.81 -0.51
N ARG C 220 6.93 22.87 -1.83
CA ARG C 220 6.44 24.05 -2.53
C ARG C 220 5.52 23.61 -3.65
N GLY C 221 4.44 24.36 -3.83
CA GLY C 221 3.41 24.00 -4.78
C GLY C 221 3.51 24.76 -6.09
N LEU C 222 2.40 24.75 -6.82
CA LEU C 222 2.30 25.37 -8.13
C LEU C 222 1.28 26.49 -8.09
N PRO C 223 1.35 27.44 -9.01
CA PRO C 223 0.50 28.63 -8.92
C PRO C 223 -0.96 28.31 -9.13
N LEU C 224 -1.79 29.31 -8.85
CA LEU C 224 -3.20 29.31 -9.18
C LEU C 224 -3.44 30.44 -10.17
N TYR C 225 -3.92 30.09 -11.35
CA TYR C 225 -4.22 31.07 -12.39
C TYR C 225 -5.72 31.22 -12.49
N VAL C 226 -6.20 32.45 -12.42
CA VAL C 226 -7.62 32.72 -12.54
C VAL C 226 -7.77 33.65 -13.73
N GLN C 227 -7.97 33.07 -14.90
CA GLN C 227 -8.03 33.86 -16.13
C GLN C 227 -9.46 34.23 -16.53
N SER C 228 -10.44 33.47 -16.08
CA SER C 228 -11.82 33.76 -16.44
C SER C 228 -12.21 35.14 -15.92
N PRO C 229 -12.83 35.98 -16.74
CA PRO C 229 -13.17 37.33 -16.30
C PRO C 229 -14.42 37.39 -15.44
N LYS C 230 -15.06 36.25 -15.17
CA LYS C 230 -16.24 36.20 -14.33
C LYS C 230 -16.14 35.05 -13.34
N ALA C 231 -14.99 34.93 -12.70
CA ALA C 231 -14.77 33.92 -11.67
C ALA C 231 -14.90 34.55 -10.29
N TYR C 232 -15.16 33.70 -9.31
CA TYR C 232 -15.42 34.12 -7.95
C TYR C 232 -14.69 33.12 -7.07
N VAL C 233 -13.57 33.52 -6.50
CA VAL C 233 -12.72 32.63 -5.72
C VAL C 233 -13.06 32.84 -4.26
N ARG C 234 -13.58 31.79 -3.62
CA ARG C 234 -14.03 31.87 -2.24
C ARG C 234 -13.39 30.74 -1.46
N LYS C 235 -13.36 30.93 -0.14
CA LYS C 235 -12.73 29.98 0.76
C LYS C 235 -13.70 28.89 1.14
N ASP C 236 -13.20 27.66 1.27
CA ASP C 236 -14.01 26.53 1.66
C ASP C 236 -13.17 25.78 2.68
N GLY C 237 -12.62 26.52 3.63
CA GLY C 237 -11.83 25.94 4.68
C GLY C 237 -10.35 25.92 4.38
N ASP C 238 -9.82 24.79 3.93
CA ASP C 238 -8.46 24.73 3.43
C ASP C 238 -8.37 24.69 1.92
N CYS C 239 -9.35 24.10 1.25
CA CYS C 239 -9.45 24.27 -0.19
C CYS C 239 -9.76 25.72 -0.51
N LEU C 240 -9.86 26.01 -1.79
CA LEU C 240 -10.14 27.36 -2.28
C LEU C 240 -10.97 27.20 -3.54
N VAL C 241 -12.29 27.27 -3.42
CA VAL C 241 -13.14 26.89 -4.53
C VAL C 241 -13.35 28.09 -5.44
N ILE C 242 -13.10 27.89 -6.72
CA ILE C 242 -13.29 28.91 -7.75
C ILE C 242 -14.59 28.60 -8.45
N GLU C 243 -15.63 29.36 -8.15
CA GLU C 243 -16.93 29.12 -8.74
C GLU C 243 -17.21 30.22 -9.76
N GLU C 244 -17.73 29.83 -10.91
CA GLU C 244 -18.04 30.74 -11.99
C GLU C 244 -19.49 30.57 -12.38
N GLU C 245 -20.26 31.65 -12.32
CA GLU C 245 -21.70 31.58 -12.52
C GLU C 245 -22.34 30.58 -11.55
N ARG C 246 -21.93 30.65 -10.29
CA ARG C 246 -22.54 29.89 -9.19
C ARG C 246 -22.36 28.38 -9.32
N VAL C 247 -21.39 27.92 -10.10
CA VAL C 247 -21.10 26.49 -10.18
C VAL C 247 -19.61 26.28 -9.94
N ARG C 248 -19.27 25.26 -9.15
CA ARG C 248 -17.89 25.01 -8.78
C ARG C 248 -17.12 24.56 -10.01
N VAL C 249 -16.25 25.43 -10.51
CA VAL C 249 -15.42 25.08 -11.66
C VAL C 249 -14.24 24.24 -11.23
N ALA C 250 -13.51 24.67 -10.20
CA ALA C 250 -12.37 23.92 -9.71
C ALA C 250 -12.07 24.31 -8.28
N GLU C 251 -11.35 23.43 -7.60
CA GLU C 251 -10.87 23.66 -6.24
C GLU C 251 -9.35 23.67 -6.25
N ALA C 252 -8.75 24.43 -5.34
CA ALA C 252 -7.31 24.52 -5.22
C ALA C 252 -6.94 24.35 -3.76
N ARG C 253 -6.07 23.37 -3.49
CA ARG C 253 -5.67 23.09 -2.11
C ARG C 253 -4.63 24.11 -1.67
N LEU C 254 -4.91 24.82 -0.59
CA LEU C 254 -4.05 25.91 -0.18
C LEU C 254 -2.67 25.42 0.25
N GLY C 255 -2.55 24.20 0.76
CA GLY C 255 -1.24 23.68 1.07
C GLY C 255 -0.40 23.43 -0.15
N GLU C 256 -1.04 23.29 -1.30
CA GLU C 256 -0.36 22.97 -2.55
C GLU C 256 -0.34 24.13 -3.52
N THR C 257 -0.74 25.31 -3.08
CA THR C 257 -0.74 26.50 -3.92
C THR C 257 0.39 27.41 -3.50
N SER C 258 1.13 27.93 -4.47
CA SER C 258 2.29 28.76 -4.19
C SER C 258 2.12 30.21 -4.57
N GLN C 259 1.23 30.54 -5.51
CA GLN C 259 0.90 31.91 -5.83
C GLN C 259 -0.56 31.97 -6.23
N VAL C 260 -1.06 33.17 -6.45
CA VAL C 260 -2.38 33.38 -7.01
C VAL C 260 -2.28 34.53 -8.01
N ALA C 261 -2.82 34.33 -9.20
CA ALA C 261 -2.84 35.37 -10.22
C ALA C 261 -4.27 35.64 -10.63
N LEU C 262 -4.72 36.87 -10.45
CA LEU C 262 -6.10 37.25 -10.73
C LEU C 262 -6.12 38.11 -11.99
N PHE C 263 -6.58 37.53 -13.09
CA PHE C 263 -6.62 38.22 -14.37
C PHE C 263 -7.94 38.95 -14.52
N GLY C 264 -7.86 40.24 -14.82
CA GLY C 264 -9.06 40.96 -15.19
C GLY C 264 -10.02 41.14 -14.03
N ASN C 265 -11.30 41.03 -14.32
CA ASN C 265 -12.35 41.24 -13.34
C ASN C 265 -12.75 39.95 -12.63
N ALA C 266 -11.78 39.22 -12.11
CA ALA C 266 -12.05 38.04 -11.33
C ALA C 266 -12.05 38.42 -9.86
N THR C 267 -13.08 38.03 -9.14
CA THR C 267 -13.28 38.48 -7.76
C THR C 267 -12.70 37.45 -6.79
N LEU C 268 -12.13 37.95 -5.70
CA LEU C 268 -11.57 37.13 -4.65
C LEU C 268 -12.18 37.57 -3.33
N THR C 269 -12.96 36.69 -2.71
CA THR C 269 -13.64 37.06 -1.48
C THR C 269 -12.63 37.42 -0.41
N THR C 270 -12.98 38.41 0.40
CA THR C 270 -12.03 38.94 1.38
C THR C 270 -11.54 37.85 2.31
N ALA C 271 -12.37 36.88 2.64
CA ALA C 271 -11.92 35.80 3.50
C ALA C 271 -10.83 34.99 2.83
N ALA C 272 -10.98 34.71 1.53
CA ALA C 272 -9.93 33.99 0.82
C ALA C 272 -8.64 34.79 0.81
N LEU C 273 -8.76 36.11 0.64
CA LEU C 273 -7.58 36.95 0.69
C LEU C 273 -6.90 36.86 2.04
N HIS C 274 -7.68 36.90 3.13
CA HIS C 274 -7.08 36.79 4.45
C HIS C 274 -6.37 35.47 4.61
N GLU C 275 -7.00 34.38 4.17
CA GLU C 275 -6.37 33.08 4.32
C GLU C 275 -5.10 32.98 3.51
N CYS C 276 -5.07 33.59 2.32
CA CYS C 276 -3.84 33.63 1.56
C CYS C 276 -2.77 34.44 2.30
N LEU C 277 -3.17 35.52 2.95
CA LEU C 277 -2.22 36.34 3.68
C LEU C 277 -1.62 35.59 4.85
N ARG C 278 -2.43 34.76 5.52
CA ARG C 278 -1.95 34.07 6.71
C ARG C 278 -0.83 33.09 6.38
N ARG C 279 -0.67 32.72 5.11
CA ARG C 279 0.34 31.76 4.71
C ARG C 279 1.46 32.39 3.90
N GLU C 280 1.47 33.71 3.76
CA GLU C 280 2.26 34.43 2.77
C GLU C 280 2.28 33.68 1.44
N ILE C 281 1.09 33.52 0.89
CA ILE C 281 0.92 33.09 -0.50
C ILE C 281 0.73 34.35 -1.33
N PRO C 282 1.69 34.73 -2.17
CA PRO C 282 1.57 36.01 -2.88
C PRO C 282 0.34 36.03 -3.77
N VAL C 283 -0.35 37.16 -3.77
CA VAL C 283 -1.52 37.36 -4.61
C VAL C 283 -1.23 38.53 -5.53
N THR C 284 -1.38 38.32 -6.83
CA THR C 284 -1.00 39.32 -7.81
C THR C 284 -2.19 39.64 -8.68
N TRP C 285 -2.51 40.92 -8.79
CA TRP C 285 -3.61 41.39 -9.60
C TRP C 285 -3.09 41.85 -10.95
N LEU C 286 -3.73 41.37 -12.02
CA LEU C 286 -3.28 41.69 -13.35
C LEU C 286 -4.45 42.23 -14.15
N SER C 287 -4.15 43.03 -15.15
CA SER C 287 -5.18 43.43 -16.08
C SER C 287 -5.67 42.21 -16.87
N TYR C 288 -6.67 42.46 -17.70
CA TYR C 288 -7.19 41.37 -18.53
C TYR C 288 -6.15 40.89 -19.52
N GLY C 289 -5.32 41.80 -20.01
CA GLY C 289 -4.26 41.50 -20.96
C GLY C 289 -2.92 41.14 -20.35
N GLY C 290 -2.82 41.04 -19.03
CA GLY C 290 -1.59 40.65 -18.38
C GLY C 290 -0.83 41.77 -17.69
N TRP C 291 -1.27 43.02 -17.83
CA TRP C 291 -0.62 44.13 -17.15
C TRP C 291 -0.58 43.87 -15.65
N PHE C 292 0.59 44.04 -15.06
CA PHE C 292 0.82 43.70 -13.65
C PHE C 292 0.46 44.90 -12.79
N MET C 293 -0.76 44.93 -12.26
CA MET C 293 -1.18 46.13 -11.54
C MET C 293 -0.55 46.17 -10.15
N GLY C 294 -0.90 45.22 -9.30
CA GLY C 294 -0.40 45.23 -7.95
C GLY C 294 -0.29 43.85 -7.38
N HIS C 295 0.22 43.77 -6.15
CA HIS C 295 0.37 42.50 -5.47
C HIS C 295 0.20 42.74 -3.98
N THR C 296 0.46 41.71 -3.19
CA THR C 296 0.28 41.79 -1.75
C THR C 296 1.63 41.69 -1.07
N VAL C 297 1.81 42.49 -0.01
CA VAL C 297 3.03 42.49 0.78
C VAL C 297 2.64 42.43 2.25
N SER C 298 3.62 42.14 3.09
CA SER C 298 3.35 42.02 4.53
C SER C 298 4.58 42.47 5.31
N THR C 299 4.59 43.75 5.67
CA THR C 299 5.57 44.32 6.61
C THR C 299 7.00 43.96 6.23
N GLY C 300 7.30 44.02 4.94
CA GLY C 300 8.65 43.79 4.47
C GLY C 300 9.22 42.42 4.75
N HIS C 301 10.43 42.19 4.27
CA HIS C 301 11.15 40.93 4.46
C HIS C 301 12.26 41.16 5.46
N ARG C 302 12.35 40.28 6.46
CA ARG C 302 13.16 40.56 7.64
C ARG C 302 14.65 40.62 7.34
N ASN C 303 15.07 40.14 6.18
CA ASN C 303 16.46 40.27 5.77
C ASN C 303 16.73 41.70 5.33
N VAL C 304 17.65 42.39 5.99
CA VAL C 304 17.98 43.76 5.64
C VAL C 304 19.30 43.86 4.91
N GLU C 305 20.26 43.00 5.24
CA GLU C 305 21.56 43.08 4.58
C GLU C 305 21.40 42.99 3.07
N THR C 306 20.48 42.15 2.61
CA THR C 306 20.27 42.00 1.18
C THR C 306 19.84 43.32 0.55
N ARG C 307 18.80 43.95 1.09
CA ARG C 307 18.31 45.18 0.48
C ARG C 307 19.30 46.32 0.66
N THR C 308 19.97 46.38 1.81
CA THR C 308 20.96 47.43 2.01
C THR C 308 22.06 47.32 0.97
N TYR C 309 22.57 46.10 0.77
CA TYR C 309 23.59 45.91 -0.26
C TYR C 309 23.04 46.27 -1.63
N GLN C 310 21.81 45.85 -1.93
CA GLN C 310 21.27 46.12 -3.25
C GLN C 310 21.23 47.60 -3.54
N TYR C 311 20.72 48.39 -2.60
CA TYR C 311 20.61 49.82 -2.85
C TYR C 311 21.99 50.48 -2.88
N GLN C 312 22.87 50.11 -1.95
CA GLN C 312 24.17 50.74 -1.89
C GLN C 312 24.97 50.46 -3.15
N ARG C 313 24.83 49.26 -3.72
CA ARG C 313 25.47 48.98 -4.99
C ARG C 313 24.73 49.63 -6.15
N SER C 314 23.42 49.79 -6.04
CA SER C 314 22.67 50.48 -7.07
C SER C 314 23.15 51.91 -7.23
N PHE C 315 23.62 52.52 -6.16
CA PHE C 315 24.17 53.87 -6.26
C PHE C 315 25.61 53.88 -6.76
N ASP C 316 26.08 52.80 -7.38
CA ASP C 316 27.45 52.72 -7.88
C ASP C 316 27.41 52.53 -9.39
N PRO C 317 28.00 53.42 -10.18
CA PRO C 317 27.82 53.33 -11.64
C PRO C 317 28.37 52.05 -12.25
N GLU C 318 29.67 51.77 -12.11
CA GLU C 318 30.22 50.62 -12.83
C GLU C 318 29.67 49.28 -12.36
N THR C 319 29.16 49.17 -11.13
CA THR C 319 28.45 47.95 -10.79
C THR C 319 27.22 47.79 -11.67
N CYS C 320 26.44 48.86 -11.81
CA CYS C 320 25.30 48.86 -12.71
C CYS C 320 25.74 48.53 -14.13
N LEU C 321 26.84 49.14 -14.57
CA LEU C 321 27.29 48.95 -15.94
C LEU C 321 27.73 47.53 -16.19
N ASN C 322 28.49 46.94 -15.27
CA ASN C 322 28.93 45.57 -15.45
C ASN C 322 27.74 44.63 -15.46
N LEU C 323 26.79 44.83 -14.55
CA LEU C 323 25.62 43.97 -14.53
C LEU C 323 24.83 44.09 -15.82
N ALA C 324 24.61 45.32 -16.30
CA ALA C 324 23.84 45.50 -17.52
C ALA C 324 24.55 44.90 -18.73
N ARG C 325 25.86 45.07 -18.82
CA ARG C 325 26.62 44.43 -19.89
C ARG C 325 26.42 42.92 -19.86
N ARG C 326 26.66 42.30 -18.70
CA ARG C 326 26.41 40.87 -18.59
C ARG C 326 25.02 40.52 -19.09
N TRP C 327 24.01 41.28 -18.65
CA TRP C 327 22.64 40.87 -18.90
C TRP C 327 22.31 40.91 -20.38
N ILE C 328 22.59 42.02 -21.04
CA ILE C 328 22.18 42.06 -22.44
C ILE C 328 23.12 41.26 -23.33
N VAL C 329 24.37 41.04 -22.93
CA VAL C 329 25.19 40.09 -23.68
C VAL C 329 24.63 38.70 -23.57
N ALA C 330 24.15 38.32 -22.38
CA ALA C 330 23.48 37.04 -22.25
C ALA C 330 22.23 36.99 -23.12
N LYS C 331 21.49 38.10 -23.17
CA LYS C 331 20.28 38.11 -23.99
C LYS C 331 20.60 37.91 -25.45
N ILE C 332 21.63 38.59 -25.95
CA ILE C 332 21.96 38.47 -27.36
C ILE C 332 22.51 37.08 -27.66
N ALA C 333 23.31 36.52 -26.76
CA ALA C 333 23.79 35.17 -26.97
C ALA C 333 22.64 34.17 -27.03
N ASN C 334 21.68 34.32 -26.13
CA ASN C 334 20.53 33.42 -26.15
C ASN C 334 19.68 33.62 -27.40
N CYS C 335 19.56 34.86 -27.87
CA CYS C 335 18.85 35.09 -29.11
C CYS C 335 19.52 34.36 -30.26
N ARG C 336 20.85 34.47 -30.35
CA ARG C 336 21.58 33.74 -31.39
C ARG C 336 21.32 32.26 -31.30
N THR C 337 21.43 31.71 -30.08
CA THR C 337 21.28 30.28 -29.91
C THR C 337 19.90 29.82 -30.30
N LEU C 338 18.88 30.60 -29.94
CA LEU C 338 17.51 30.24 -30.32
C LEU C 338 17.33 30.29 -31.82
N LEU C 339 17.79 31.39 -32.44
CA LEU C 339 17.71 31.53 -33.89
C LEU C 339 18.32 30.33 -34.58
N ARG C 340 19.49 29.91 -34.12
CA ARG C 340 20.07 28.69 -34.66
C ARG C 340 19.15 27.51 -34.45
N ARG C 341 19.03 27.07 -33.20
CA ARG C 341 18.54 25.73 -32.93
C ARG C 341 17.11 25.53 -33.37
N ASN C 342 16.34 26.61 -33.52
CA ASN C 342 14.95 26.44 -33.95
C ASN C 342 14.67 27.10 -35.28
N TRP C 343 15.68 27.37 -36.09
CA TRP C 343 15.44 27.84 -37.45
C TRP C 343 14.89 26.69 -38.28
N ARG C 344 13.78 26.93 -38.97
CA ARG C 344 13.13 25.90 -39.78
C ARG C 344 12.96 26.44 -41.18
N GLY C 345 13.95 26.20 -42.04
CA GLY C 345 13.85 26.47 -43.45
C GLY C 345 13.73 25.18 -44.25
N GLU C 346 13.65 25.35 -45.57
CA GLU C 346 13.40 24.23 -46.48
C GLU C 346 14.67 23.76 -47.19
N GLY C 347 15.41 24.66 -47.81
CA GLY C 347 16.63 24.31 -48.52
C GLY C 347 17.39 25.55 -48.91
N ASP C 348 18.68 25.61 -48.55
CA ASP C 348 19.56 26.77 -48.61
C ASP C 348 19.11 27.83 -47.61
N GLU C 349 17.97 27.64 -46.98
CA GLU C 349 17.50 28.46 -45.88
C GLU C 349 17.38 27.65 -44.60
N ALA C 350 17.51 26.33 -44.68
CA ALA C 350 17.23 25.46 -43.54
C ALA C 350 18.24 25.63 -42.42
N LYS C 351 19.35 26.31 -42.67
CA LYS C 351 20.34 26.57 -41.65
C LYS C 351 20.72 28.03 -41.69
N ALA C 352 21.10 28.57 -40.54
CA ALA C 352 21.12 30.01 -40.34
C ALA C 352 22.11 30.70 -41.28
N PRO C 353 21.77 31.88 -41.77
CA PRO C 353 22.71 32.68 -42.57
C PRO C 353 23.81 33.25 -41.70
N PRO C 354 25.07 32.97 -42.01
CA PRO C 354 26.16 33.43 -41.14
C PRO C 354 26.33 34.94 -41.09
N GLY C 355 25.84 35.68 -42.08
CA GLY C 355 25.92 37.12 -42.01
C GLY C 355 25.13 37.68 -40.84
N LEU C 356 23.92 37.16 -40.61
CA LEU C 356 23.17 37.50 -39.43
C LEU C 356 23.92 37.14 -38.15
N LEU C 357 24.51 35.94 -38.12
CA LEU C 357 25.26 35.54 -36.94
C LEU C 357 26.46 36.43 -36.72
N MET C 358 27.12 36.86 -37.80
CA MET C 358 28.18 37.85 -37.70
C MET C 358 27.68 39.13 -37.07
N SER C 359 26.54 39.65 -37.55
CA SER C 359 26.01 40.88 -36.99
C SER C 359 25.67 40.73 -35.52
N LEU C 360 25.04 39.61 -35.16
CA LEU C 360 24.61 39.41 -33.79
C LEU C 360 25.80 39.25 -32.86
N GLN C 361 26.81 38.51 -33.28
CA GLN C 361 27.99 38.34 -32.43
C GLN C 361 28.75 39.65 -32.32
N ASP C 362 28.87 40.40 -33.41
CA ASP C 362 29.51 41.70 -33.34
C ASP C 362 28.75 42.64 -32.41
N ASP C 363 27.43 42.53 -32.37
CA ASP C 363 26.66 43.35 -31.45
C ASP C 363 26.83 42.89 -30.01
N MET C 364 26.88 41.58 -29.79
CA MET C 364 27.24 41.04 -28.48
C MET C 364 28.51 41.70 -27.99
N ARG C 365 29.50 41.78 -28.87
CA ARG C 365 30.81 42.20 -28.40
C ARG C 365 30.90 43.71 -28.28
N HIS C 366 30.19 44.44 -29.17
CA HIS C 366 30.04 45.89 -29.06
C HIS C 366 29.36 46.27 -27.75
N ALA C 367 28.42 45.43 -27.29
CA ALA C 367 27.79 45.70 -26.01
C ALA C 367 28.73 45.37 -24.87
N MET C 368 29.47 44.27 -25.00
CA MET C 368 30.45 43.92 -23.97
C MET C 368 31.46 45.04 -23.76
N ARG C 369 31.77 45.81 -24.80
CA ARG C 369 32.69 46.94 -24.66
C ARG C 369 31.97 48.28 -24.56
N ALA C 370 30.78 48.31 -23.95
CA ALA C 370 29.99 49.53 -23.92
C ALA C 370 30.59 50.56 -22.97
N PRO C 371 30.53 51.82 -23.30
CA PRO C 371 31.06 52.85 -22.39
C PRO C 371 30.08 53.27 -21.31
N SER C 372 28.79 53.28 -21.60
CA SER C 372 27.80 53.75 -20.63
C SER C 372 26.45 53.11 -20.95
N LEU C 373 25.45 53.45 -20.12
CA LEU C 373 24.16 52.80 -20.26
C LEU C 373 23.41 53.28 -21.50
N GLU C 374 23.72 54.50 -21.96
CA GLU C 374 23.04 55.02 -23.15
C GLU C 374 23.36 54.17 -24.36
N VAL C 375 24.66 53.94 -24.61
CA VAL C 375 25.08 53.13 -25.74
C VAL C 375 24.61 51.71 -25.57
N LEU C 376 24.57 51.22 -24.33
CA LEU C 376 24.07 49.88 -24.09
C LEU C 376 22.61 49.76 -24.51
N LEU C 377 21.78 50.74 -24.18
CA LEU C 377 20.39 50.67 -24.59
C LEU C 377 20.29 50.75 -26.10
N GLY C 378 21.11 51.58 -26.73
CA GLY C 378 21.11 51.65 -28.19
C GLY C 378 21.43 50.31 -28.82
N ILE C 379 22.46 49.64 -28.32
CA ILE C 379 22.87 48.36 -28.89
C ILE C 379 21.81 47.30 -28.63
N GLU C 380 21.20 47.32 -27.44
CA GLU C 380 20.12 46.37 -27.18
C GLU C 380 19.00 46.57 -28.18
N GLY C 381 18.64 47.82 -28.44
CA GLY C 381 17.59 48.08 -29.41
C GLY C 381 17.94 47.56 -30.79
N ALA C 382 19.15 47.84 -31.25
CA ALA C 382 19.53 47.41 -32.60
C ALA C 382 19.53 45.89 -32.72
N SER C 383 20.10 45.21 -31.73
CA SER C 383 20.16 43.75 -31.79
C SER C 383 18.77 43.13 -31.72
N ALA C 384 17.91 43.65 -30.84
CA ALA C 384 16.55 43.12 -30.77
C ALA C 384 15.81 43.39 -32.06
N GLY C 385 16.08 44.53 -32.70
CA GLY C 385 15.47 44.80 -33.99
C GLY C 385 15.84 43.76 -35.02
N ARG C 386 17.13 43.44 -35.12
CA ARG C 386 17.53 42.41 -36.07
C ARG C 386 16.93 41.07 -35.73
N TYR C 387 16.94 40.71 -34.45
CA TYR C 387 16.43 39.41 -34.04
C TYR C 387 14.97 39.28 -34.40
N PHE C 388 14.17 40.31 -34.12
CA PHE C 388 12.75 40.20 -34.45
C PHE C 388 12.52 40.27 -35.95
N GLN C 389 13.34 41.05 -36.66
CA GLN C 389 13.26 41.04 -38.12
C GLN C 389 13.37 39.64 -38.67
N HIS C 390 14.24 38.83 -38.09
CA HIS C 390 14.34 37.44 -38.50
C HIS C 390 13.46 36.50 -37.70
N PHE C 391 12.70 37.01 -36.73
CA PHE C 391 11.94 36.12 -35.86
C PHE C 391 10.94 35.28 -36.63
N SER C 392 10.22 35.89 -37.57
CA SER C 392 9.21 35.15 -38.31
C SER C 392 9.80 34.04 -39.16
N ARG C 393 11.12 33.97 -39.25
CA ARG C 393 11.79 33.05 -40.15
C ARG C 393 11.44 31.61 -39.78
N MET C 394 11.06 31.38 -38.53
CA MET C 394 11.29 30.13 -37.84
C MET C 394 10.09 29.57 -37.09
N LEU C 395 8.88 29.99 -37.43
CA LEU C 395 7.68 29.45 -36.81
C LEU C 395 6.82 28.75 -37.86
N ARG C 396 6.43 27.51 -37.57
CA ARG C 396 5.63 26.69 -38.48
C ARG C 396 6.26 26.60 -39.86
N GLY C 397 7.58 26.74 -39.93
CA GLY C 397 8.26 26.78 -41.22
C GLY C 397 7.83 27.95 -42.08
N GLY C 398 7.35 29.02 -41.46
CA GLY C 398 6.88 30.19 -42.16
C GLY C 398 5.53 30.61 -41.63
N ASP C 399 5.12 31.83 -41.95
CA ASP C 399 3.86 32.35 -41.46
C ASP C 399 2.70 31.51 -42.00
N GLY C 400 1.71 31.29 -41.15
CA GLY C 400 0.48 30.62 -41.54
C GLY C 400 -0.57 31.61 -42.00
N GLU C 401 -1.82 31.21 -41.89
CA GLU C 401 -2.92 32.11 -42.21
C GLU C 401 -3.12 33.06 -41.04
N GLY C 402 -2.90 34.35 -41.26
CA GLY C 402 -3.15 35.34 -40.23
C GLY C 402 -2.07 35.44 -39.17
N MET C 403 -1.29 34.38 -38.98
CA MET C 403 -0.24 34.34 -37.97
C MET C 403 0.93 35.17 -38.45
N GLY C 404 0.69 36.45 -38.71
CA GLY C 404 1.66 37.33 -39.35
C GLY C 404 2.36 38.20 -38.32
N PHE C 405 3.68 38.10 -38.28
CA PHE C 405 4.51 38.97 -37.45
C PHE C 405 4.86 40.22 -38.23
N ASP C 406 4.73 41.38 -37.59
CA ASP C 406 5.34 42.58 -38.13
C ASP C 406 6.43 43.01 -37.14
N PHE C 407 7.67 43.02 -37.63
CA PHE C 407 8.81 43.33 -36.79
C PHE C 407 8.82 44.78 -36.30
N THR C 408 8.13 45.67 -36.99
CA THR C 408 8.07 47.06 -36.61
C THR C 408 6.97 47.36 -35.60
N THR C 409 6.10 46.39 -35.35
CA THR C 409 4.97 46.58 -34.46
C THR C 409 5.29 46.26 -33.01
N ARG C 410 6.54 45.97 -32.69
CA ARG C 410 6.89 45.60 -31.33
C ARG C 410 6.99 46.81 -30.43
N ASN C 411 6.98 46.55 -29.13
CA ASN C 411 7.37 47.52 -28.11
C ASN C 411 6.37 48.68 -27.98
N ARG C 412 5.08 48.46 -28.21
CA ARG C 412 4.11 49.51 -27.95
C ARG C 412 2.73 48.95 -27.66
N ARG C 413 1.85 49.84 -27.18
CA ARG C 413 0.81 49.42 -26.25
C ARG C 413 -0.16 48.42 -26.85
N PRO C 414 -1.00 48.76 -27.83
CA PRO C 414 -2.00 47.79 -28.30
C PRO C 414 -1.43 46.88 -29.36
N PRO C 415 -1.42 45.57 -29.13
CA PRO C 415 -0.85 44.64 -30.11
C PRO C 415 -1.80 44.47 -31.28
N LYS C 416 -1.33 44.81 -32.48
CA LYS C 416 -2.13 44.63 -33.68
C LYS C 416 -1.60 43.55 -34.60
N ASP C 417 -1.01 42.51 -34.06
CA ASP C 417 -0.75 41.25 -34.74
C ASP C 417 -1.18 40.15 -33.79
N PRO C 418 -1.46 38.97 -34.30
CA PRO C 418 -1.74 37.86 -33.39
C PRO C 418 -0.51 37.50 -32.59
N VAL C 419 0.60 37.30 -33.30
CA VAL C 419 1.83 36.88 -32.64
C VAL C 419 2.43 38.02 -31.82
N ASN C 420 2.21 39.28 -32.20
CA ASN C 420 2.60 40.38 -31.34
C ASN C 420 1.86 40.32 -30.01
N ALA C 421 0.55 40.06 -30.06
CA ALA C 421 -0.21 39.93 -28.82
C ALA C 421 0.30 38.76 -28.01
N LEU C 422 0.62 37.66 -28.67
CA LEU C 422 1.12 36.49 -27.96
C LEU C 422 2.44 36.79 -27.26
N LEU C 423 3.35 37.48 -27.95
CA LEU C 423 4.61 37.86 -27.32
C LEU C 423 4.38 38.79 -26.15
N SER C 424 3.52 39.79 -26.32
CA SER C 424 3.34 40.75 -25.23
C SER C 424 2.73 40.07 -24.02
N PHE C 425 1.80 39.14 -24.25
CA PHE C 425 1.25 38.39 -23.13
C PHE C 425 2.32 37.57 -22.44
N ALA C 426 3.17 36.89 -23.22
CA ALA C 426 4.21 36.07 -22.60
C ALA C 426 5.18 36.92 -21.79
N TYR C 427 5.58 38.08 -22.33
CA TYR C 427 6.49 38.96 -21.59
C TYR C 427 5.85 39.42 -20.29
N ALA C 428 4.62 39.93 -20.38
CA ALA C 428 3.96 40.48 -19.22
C ALA C 428 3.58 39.40 -18.22
N MET C 429 3.65 38.14 -18.61
CA MET C 429 3.33 37.06 -17.70
C MET C 429 4.57 36.32 -17.23
N LEU C 430 5.73 36.64 -17.79
CA LEU C 430 7.01 36.27 -17.19
C LEU C 430 7.49 37.31 -16.20
N THR C 431 7.15 38.58 -16.43
CA THR C 431 7.53 39.62 -15.49
C THR C 431 6.96 39.32 -14.11
N ARG C 432 5.75 38.77 -14.05
CA ARG C 432 5.16 38.41 -12.76
C ARG C 432 5.97 37.33 -12.07
N GLU C 433 6.38 36.30 -12.81
CA GLU C 433 7.18 35.24 -12.23
C GLU C 433 8.46 35.79 -11.65
N TRP C 434 9.14 36.64 -12.41
CA TRP C 434 10.39 37.21 -11.92
C TRP C 434 10.16 38.08 -10.71
N THR C 435 9.09 38.87 -10.69
CA THR C 435 8.84 39.73 -9.54
C THR C 435 8.60 38.89 -8.30
N VAL C 436 7.81 37.83 -8.40
CA VAL C 436 7.55 37.00 -7.23
C VAL C 436 8.83 36.35 -6.75
N ALA C 437 9.62 35.80 -7.68
CA ALA C 437 10.85 35.13 -7.28
C ALA C 437 11.82 36.09 -6.63
N LEU C 438 11.91 37.32 -7.14
CA LEU C 438 12.84 38.28 -6.58
C LEU C 438 12.37 38.79 -5.22
N ALA C 439 11.07 38.95 -5.03
CA ALA C 439 10.61 39.37 -3.72
C ALA C 439 10.67 38.26 -2.70
N ALA C 440 10.74 37.01 -3.14
CA ALA C 440 10.81 35.91 -2.20
C ALA C 440 12.19 35.66 -1.64
N VAL C 441 13.22 36.35 -2.14
CA VAL C 441 14.59 36.16 -1.66
C VAL C 441 15.08 37.37 -0.91
N GLY C 442 14.20 38.28 -0.53
CA GLY C 442 14.59 39.44 0.23
C GLY C 442 14.91 40.66 -0.59
N LEU C 443 15.10 40.52 -1.89
CA LEU C 443 15.44 41.67 -2.70
C LEU C 443 14.23 42.58 -2.85
N ASP C 444 14.46 43.75 -3.41
CA ASP C 444 13.39 44.70 -3.71
C ASP C 444 13.19 44.73 -5.20
N PRO C 445 12.09 44.16 -5.73
CA PRO C 445 12.00 43.97 -7.19
C PRO C 445 11.91 45.26 -7.98
N TYR C 446 11.82 46.42 -7.33
CA TYR C 446 11.61 47.64 -8.08
C TYR C 446 12.85 48.49 -8.26
N ARG C 447 13.89 48.26 -7.47
CA ARG C 447 15.11 49.05 -7.60
C ARG C 447 16.04 48.30 -8.53
N GLY C 448 16.16 48.78 -9.77
CA GLY C 448 16.93 48.11 -10.79
C GLY C 448 18.17 48.91 -11.14
N PHE C 449 19.16 48.21 -11.67
CA PHE C 449 20.43 48.83 -12.04
C PHE C 449 20.40 49.35 -13.47
N TYR C 450 19.71 48.66 -14.36
CA TYR C 450 19.66 49.02 -15.77
C TYR C 450 18.40 49.77 -16.11
N HIS C 451 17.24 49.18 -15.84
CA HIS C 451 15.98 49.77 -16.22
C HIS C 451 15.55 50.84 -15.24
N GLN C 452 14.64 51.68 -15.68
CA GLN C 452 14.07 52.69 -14.82
C GLN C 452 12.69 52.28 -14.36
N PRO C 453 12.28 52.63 -13.15
CA PRO C 453 10.98 52.16 -12.65
C PRO C 453 9.85 52.89 -13.35
N ARG C 454 8.87 52.12 -13.79
CA ARG C 454 7.65 52.68 -14.35
C ARG C 454 6.52 51.69 -14.14
N PHE C 455 5.29 52.21 -14.21
CA PHE C 455 4.15 51.49 -13.69
C PHE C 455 3.96 50.15 -14.40
N GLY C 456 3.67 49.13 -13.61
CA GLY C 456 3.37 47.82 -14.14
C GLY C 456 4.56 47.00 -14.52
N ARG C 457 5.77 47.55 -14.45
CA ARG C 457 6.98 46.86 -14.89
C ARG C 457 8.09 47.15 -13.90
N PRO C 458 8.26 46.28 -12.90
CA PRO C 458 9.29 46.53 -11.89
C PRO C 458 10.66 46.57 -12.52
N ALA C 459 11.50 47.47 -12.04
CA ALA C 459 12.75 47.73 -12.74
C ALA C 459 13.75 46.61 -12.59
N LEU C 460 13.60 45.72 -11.62
CA LEU C 460 14.58 44.66 -11.47
C LEU C 460 14.13 43.35 -12.11
N ALA C 461 12.84 43.05 -12.09
CA ALA C 461 12.36 41.92 -12.84
C ALA C 461 12.60 42.13 -14.33
N LEU C 462 12.33 43.32 -14.83
CA LEU C 462 12.64 43.63 -16.22
C LEU C 462 14.12 43.44 -16.51
N ASP C 463 14.98 43.69 -15.53
CA ASP C 463 16.40 43.48 -15.74
C ASP C 463 16.72 42.01 -15.81
N MET C 464 16.48 41.28 -14.73
CA MET C 464 16.96 39.91 -14.69
C MET C 464 16.14 38.98 -15.56
N MET C 465 15.07 39.45 -16.19
CA MET C 465 14.41 38.63 -17.18
C MET C 465 15.04 38.74 -18.55
N GLU C 466 15.93 39.71 -18.77
CA GLU C 466 16.46 39.93 -20.11
C GLU C 466 17.15 38.69 -20.67
N PRO C 467 18.03 37.99 -19.94
CA PRO C 467 18.55 36.73 -20.48
C PRO C 467 17.46 35.71 -20.73
N PHE C 468 16.39 35.72 -19.96
CA PHE C 468 15.42 34.65 -20.02
C PHE C 468 14.29 34.90 -20.99
N ARG C 469 14.25 36.07 -21.64
CA ARG C 469 13.19 36.29 -22.63
C ARG C 469 13.22 35.25 -23.73
N PRO C 470 14.32 35.05 -24.46
CA PRO C 470 14.31 34.03 -25.51
C PRO C 470 14.08 32.63 -25.00
N LEU C 471 14.56 32.30 -23.80
CA LEU C 471 14.46 30.92 -23.37
C LEU C 471 13.06 30.55 -22.91
N ILE C 472 12.32 31.48 -22.32
CA ILE C 472 11.01 31.19 -21.77
C ILE C 472 9.91 31.82 -22.60
N ALA C 473 9.92 33.14 -22.74
CA ALA C 473 8.82 33.80 -23.43
C ALA C 473 8.78 33.42 -24.90
N ASP C 474 9.85 33.73 -25.64
CA ASP C 474 9.87 33.45 -27.06
C ASP C 474 9.77 31.96 -27.33
N SER C 475 10.42 31.14 -26.51
CA SER C 475 10.32 29.71 -26.70
C SER C 475 8.89 29.23 -26.51
N THR C 476 8.17 29.77 -25.53
CA THR C 476 6.79 29.37 -25.34
C THR C 476 5.94 29.79 -26.52
N VAL C 477 6.15 31.01 -27.03
CA VAL C 477 5.39 31.44 -28.19
C VAL C 477 5.64 30.51 -29.37
N LEU C 478 6.90 30.17 -29.60
CA LEU C 478 7.25 29.33 -30.74
C LEU C 478 6.65 27.95 -30.60
N MET C 479 6.80 27.34 -29.43
CA MET C 479 6.26 26.00 -29.23
C MET C 479 4.74 26.00 -29.32
N ALA C 480 4.11 27.06 -28.84
CA ALA C 480 2.65 27.14 -28.91
C ALA C 480 2.17 27.22 -30.35
N ILE C 481 2.81 28.08 -31.16
CA ILE C 481 2.38 28.18 -32.55
C ILE C 481 2.69 26.90 -33.32
N ASN C 482 3.89 26.36 -33.15
CA ASN C 482 4.28 25.19 -33.91
C ASN C 482 3.41 23.98 -33.58
N ASN C 483 3.21 23.71 -32.29
CA ASN C 483 2.46 22.52 -31.92
C ASN C 483 0.98 22.65 -32.21
N GLY C 484 0.51 23.84 -32.59
CA GLY C 484 -0.89 24.05 -32.84
C GLY C 484 -1.71 24.42 -31.63
N GLU C 485 -1.07 24.89 -30.57
CA GLU C 485 -1.81 25.46 -29.45
C GLU C 485 -2.70 26.59 -29.93
N ILE C 486 -2.20 27.43 -30.82
CA ILE C 486 -2.88 28.64 -31.27
C ILE C 486 -2.91 28.62 -32.79
N ARG C 487 -4.08 28.82 -33.36
CA ARG C 487 -4.23 29.13 -34.77
C ARG C 487 -5.01 30.43 -34.87
N THR C 488 -5.33 30.83 -36.10
CA THR C 488 -5.87 32.18 -36.30
C THR C 488 -7.24 32.33 -35.66
N GLY C 489 -8.03 31.25 -35.63
CA GLY C 489 -9.36 31.34 -35.06
C GLY C 489 -9.36 31.75 -33.61
N ASP C 490 -8.28 31.43 -32.89
CA ASP C 490 -8.21 31.70 -31.46
C ASP C 490 -8.20 33.18 -31.15
N PHE C 491 -7.89 34.04 -32.11
CA PHE C 491 -7.83 35.46 -31.82
C PHE C 491 -9.16 36.13 -32.15
N VAL C 492 -9.39 37.26 -31.50
CA VAL C 492 -10.52 38.13 -31.79
C VAL C 492 -10.01 39.55 -31.95
N ARG C 493 -10.47 40.20 -33.02
CA ARG C 493 -10.09 41.57 -33.26
C ARG C 493 -10.76 42.48 -32.25
N SER C 494 -10.29 43.73 -32.20
CA SER C 494 -10.90 44.76 -31.38
C SER C 494 -10.36 46.09 -31.85
N ALA C 495 -11.07 47.16 -31.49
CA ALA C 495 -10.62 48.49 -31.85
C ALA C 495 -9.20 48.75 -31.36
N GLY C 496 -8.85 48.21 -30.18
CA GLY C 496 -7.48 48.33 -29.72
C GLY C 496 -6.51 47.55 -30.59
N GLY C 497 -6.85 46.32 -30.94
CA GLY C 497 -5.90 45.45 -31.61
C GLY C 497 -6.34 44.01 -31.68
N CYS C 498 -5.50 43.09 -31.21
CA CYS C 498 -5.80 41.66 -31.20
C CYS C 498 -5.87 41.18 -29.77
N ASN C 499 -6.75 40.23 -29.49
CA ASN C 499 -6.82 39.61 -28.19
C ASN C 499 -7.12 38.13 -28.37
N LEU C 500 -7.11 37.39 -27.27
CA LEU C 500 -7.29 35.95 -27.30
C LEU C 500 -8.64 35.58 -26.69
N THR C 501 -9.29 34.57 -27.26
CA THR C 501 -10.46 34.00 -26.62
C THR C 501 -10.05 33.23 -25.38
N ASP C 502 -11.05 32.94 -24.53
CA ASP C 502 -10.76 32.22 -23.31
C ASP C 502 -10.16 30.85 -23.60
N SER C 503 -10.68 30.17 -24.63
CA SER C 503 -10.07 28.91 -25.02
C SER C 503 -8.61 29.08 -25.38
N ALA C 504 -8.25 30.24 -25.94
CA ALA C 504 -6.85 30.51 -26.24
C ALA C 504 -6.06 30.83 -24.99
N ARG C 505 -6.63 31.63 -24.09
CA ARG C 505 -5.88 32.05 -22.92
C ARG C 505 -5.57 30.86 -22.02
N LYS C 506 -6.53 29.97 -21.82
CA LYS C 506 -6.25 28.81 -20.97
C LYS C 506 -5.17 27.94 -21.57
N ARG C 507 -5.22 27.68 -22.87
CA ARG C 507 -4.20 26.83 -23.48
C ARG C 507 -2.84 27.49 -23.43
N PHE C 508 -2.77 28.79 -23.71
CA PHE C 508 -1.48 29.47 -23.69
C PHE C 508 -0.90 29.50 -22.29
N ILE C 509 -1.73 29.76 -21.29
CA ILE C 509 -1.24 29.78 -19.92
C ILE C 509 -0.75 28.39 -19.51
N ALA C 510 -1.47 27.35 -19.93
CA ALA C 510 -1.00 26.00 -19.64
C ALA C 510 0.34 25.75 -20.29
N GLY C 511 0.52 26.22 -21.52
CA GLY C 511 1.81 26.06 -22.19
C GLY C 511 2.93 26.78 -21.45
N PHE C 512 2.66 28.01 -21.01
CA PHE C 512 3.67 28.74 -20.26
C PHE C 512 4.01 28.03 -18.97
N GLU C 513 3.01 27.47 -18.29
CA GLU C 513 3.28 26.72 -17.07
C GLU C 513 4.14 25.51 -17.36
N ARG C 514 3.83 24.78 -18.43
CA ARG C 514 4.65 23.63 -18.78
C ARG C 514 6.08 24.05 -19.07
N ARG C 515 6.26 25.20 -19.69
CA ARG C 515 7.61 25.71 -19.90
C ARG C 515 8.31 26.00 -18.59
N MET C 516 7.61 26.63 -17.65
CA MET C 516 8.24 26.97 -16.39
C MET C 516 8.62 25.74 -15.59
N GLU C 517 7.83 24.67 -15.66
CA GLU C 517 8.16 23.46 -14.93
C GLU C 517 8.95 22.47 -15.77
N GLN C 518 9.66 22.94 -16.78
CA GLN C 518 10.41 22.09 -17.70
C GLN C 518 11.89 22.13 -17.35
N GLU C 519 12.44 20.96 -17.04
CA GLU C 519 13.82 20.87 -16.55
C GLU C 519 14.83 21.21 -17.62
N VAL C 520 15.93 21.83 -17.22
CA VAL C 520 17.08 22.07 -18.06
C VAL C 520 18.33 21.63 -17.31
N THR C 521 19.49 21.87 -17.90
CA THR C 521 20.77 21.61 -17.24
C THR C 521 21.55 22.90 -17.17
N HIS C 522 21.96 23.26 -15.98
CA HIS C 522 22.70 24.50 -15.79
C HIS C 522 24.03 24.43 -16.51
N PRO C 523 24.40 25.43 -17.30
CA PRO C 523 25.72 25.40 -17.96
C PRO C 523 26.88 25.32 -16.98
N ILE C 524 26.77 26.00 -15.84
CA ILE C 524 27.90 26.14 -14.95
C ILE C 524 27.96 25.00 -13.96
N PHE C 525 26.84 24.67 -13.31
CA PHE C 525 26.84 23.66 -12.28
C PHE C 525 26.46 22.27 -12.78
N LYS C 526 25.76 22.18 -13.91
CA LYS C 526 25.47 20.92 -14.58
C LYS C 526 24.65 19.98 -13.69
N TYR C 527 23.43 20.42 -13.39
CA TYR C 527 22.43 19.52 -12.84
C TYR C 527 21.06 19.92 -13.38
N THR C 528 20.15 18.95 -13.40
CA THR C 528 18.81 19.19 -13.94
C THR C 528 18.00 20.01 -12.96
N ILE C 529 17.58 21.19 -13.39
CA ILE C 529 16.84 22.13 -12.55
C ILE C 529 15.70 22.70 -13.37
N SER C 530 14.50 22.72 -12.80
CA SER C 530 13.38 23.34 -13.49
C SER C 530 13.60 24.84 -13.62
N TYR C 531 12.92 25.44 -14.58
CA TYR C 531 13.09 26.88 -14.80
C TYR C 531 12.63 27.67 -13.58
N ARG C 532 11.54 27.24 -12.96
CA ARG C 532 11.04 27.97 -11.80
C ARG C 532 12.05 27.93 -10.66
N ARG C 533 12.66 26.79 -10.42
CA ARG C 533 13.74 26.73 -9.43
C ARG C 533 14.92 27.56 -9.88
N LEU C 534 15.16 27.61 -11.18
CA LEU C 534 16.32 28.32 -11.68
C LEU C 534 16.19 29.82 -11.42
N LEU C 535 14.97 30.35 -11.51
CA LEU C 535 14.79 31.77 -11.22
C LEU C 535 15.16 32.08 -9.78
N GLU C 536 14.74 31.23 -8.85
CA GLU C 536 15.09 31.45 -7.45
C GLU C 536 16.59 31.34 -7.23
N VAL C 537 17.21 30.33 -7.84
CA VAL C 537 18.65 30.15 -7.66
C VAL C 537 19.40 31.36 -8.20
N GLN C 538 18.97 31.89 -9.34
CA GLN C 538 19.63 33.07 -9.89
C GLN C 538 19.41 34.29 -9.02
N ALA C 539 18.21 34.46 -8.47
CA ALA C 539 17.99 35.59 -7.56
C ALA C 539 18.91 35.48 -6.36
N ARG C 540 19.03 34.29 -5.78
CA ARG C 540 19.89 34.12 -4.62
C ARG C 540 21.33 34.42 -4.98
N LEU C 541 21.78 33.96 -6.15
CA LEU C 541 23.15 34.25 -6.54
C LEU C 541 23.36 35.72 -6.75
N LEU C 542 22.35 36.46 -7.22
CA LEU C 542 22.51 37.90 -7.28
C LEU C 542 22.67 38.50 -5.90
N THR C 543 21.90 38.01 -4.93
CA THR C 543 22.06 38.51 -3.57
C THR C 543 23.49 38.25 -3.08
N ARG C 544 24.01 37.07 -3.35
CA ARG C 544 25.38 36.77 -2.93
C ARG C 544 26.37 37.67 -3.63
N TYR C 545 26.19 37.91 -4.93
CA TYR C 545 27.14 38.76 -5.65
C TYR C 545 27.15 40.17 -5.09
N LEU C 546 25.96 40.73 -4.84
CA LEU C 546 25.91 42.06 -4.24
C LEU C 546 26.50 42.04 -2.85
N SER C 547 26.42 40.91 -2.17
CA SER C 547 27.00 40.78 -0.83
C SER C 547 28.51 40.79 -0.85
N GLY C 548 29.13 40.77 -2.02
CA GLY C 548 30.56 40.65 -2.10
C GLY C 548 31.08 39.28 -1.80
N GLU C 549 30.21 38.29 -1.68
CA GLU C 549 30.65 36.94 -1.35
C GLU C 549 31.30 36.27 -2.55
N ILE C 550 30.74 36.44 -3.74
CA ILE C 550 31.29 35.81 -4.93
C ILE C 550 31.80 36.88 -5.88
N PRO C 551 32.74 36.57 -6.78
CA PRO C 551 33.32 37.64 -7.60
C PRO C 551 32.36 38.22 -8.60
N ALA C 552 31.54 37.41 -9.26
CA ALA C 552 30.68 37.92 -10.31
C ALA C 552 29.43 37.07 -10.45
N TYR C 553 28.41 37.67 -11.00
CA TYR C 553 27.11 37.04 -11.16
C TYR C 553 27.12 36.08 -12.34
N PRO C 554 26.64 34.83 -12.19
CA PRO C 554 26.62 33.87 -13.29
C PRO C 554 25.37 34.05 -14.14
N ASN C 555 25.56 34.45 -15.39
CA ASN C 555 24.46 34.99 -16.18
C ASN C 555 23.61 33.96 -16.87
N PHE C 556 23.97 32.68 -16.83
CA PHE C 556 23.19 31.63 -17.49
C PHE C 556 23.06 31.90 -18.99
N VAL C 557 24.18 31.81 -19.67
CA VAL C 557 24.22 31.80 -21.12
C VAL C 557 24.17 30.36 -21.58
N THR C 558 23.27 30.05 -22.50
CA THR C 558 23.21 28.70 -23.02
C THR C 558 23.41 28.69 -24.54
N GLY D 219 -0.69 69.19 3.03
CA GLY D 219 -1.14 67.85 2.68
C GLY D 219 -1.93 67.67 1.38
N ARG D 220 -2.34 66.41 1.12
CA ARG D 220 -3.15 66.00 -0.04
C ARG D 220 -4.45 65.28 0.31
N GLY D 221 -4.52 64.53 1.41
CA GLY D 221 -5.62 63.62 1.61
C GLY D 221 -5.40 62.75 2.82
N LEU D 222 -6.44 61.97 3.15
CA LEU D 222 -6.47 61.29 4.41
C LEU D 222 -6.96 59.85 4.25
N PRO D 223 -6.47 58.95 5.09
CA PRO D 223 -6.90 57.56 5.03
C PRO D 223 -8.38 57.41 5.33
N LEU D 224 -8.98 56.42 4.69
CA LEU D 224 -10.39 56.10 4.85
C LEU D 224 -10.50 54.77 5.56
N TYR D 225 -11.20 54.74 6.69
CA TYR D 225 -11.31 53.55 7.52
C TYR D 225 -12.73 53.01 7.45
N VAL D 226 -12.88 51.85 6.83
CA VAL D 226 -14.19 51.24 6.61
C VAL D 226 -14.44 50.30 7.78
N GLN D 227 -15.01 50.84 8.87
CA GLN D 227 -15.24 50.04 10.07
C GLN D 227 -16.26 48.93 9.83
N SER D 228 -17.28 49.21 9.05
CA SER D 228 -18.39 48.29 8.94
C SER D 228 -17.94 46.98 8.31
N PRO D 229 -17.99 45.86 9.03
CA PRO D 229 -17.79 44.56 8.38
C PRO D 229 -18.86 44.25 7.37
N LYS D 230 -19.99 44.94 7.41
CA LYS D 230 -21.06 44.72 6.44
C LYS D 230 -20.72 45.29 5.09
N ALA D 231 -19.70 46.15 5.01
CA ALA D 231 -19.63 47.13 3.94
C ALA D 231 -19.34 46.50 2.58
N TYR D 232 -19.78 47.20 1.54
CA TYR D 232 -19.53 46.85 0.15
C TYR D 232 -19.10 48.13 -0.55
N VAL D 233 -17.89 48.16 -1.10
CA VAL D 233 -17.29 49.37 -1.61
C VAL D 233 -17.22 49.28 -3.13
N ARG D 234 -17.78 50.28 -3.80
CA ARG D 234 -17.75 50.37 -5.25
C ARG D 234 -17.01 51.62 -5.69
N LYS D 235 -16.80 51.73 -6.99
CA LYS D 235 -16.26 52.93 -7.61
C LYS D 235 -17.37 53.64 -8.37
N ASP D 236 -17.51 54.93 -8.12
CA ASP D 236 -18.47 55.78 -8.83
C ASP D 236 -17.67 56.87 -9.54
N GLY D 237 -17.19 56.54 -10.75
CA GLY D 237 -16.39 57.48 -11.50
C GLY D 237 -15.16 57.93 -10.73
N ASP D 238 -15.19 59.17 -10.24
CA ASP D 238 -14.12 59.71 -9.43
C ASP D 238 -14.37 59.54 -7.94
N CYS D 239 -15.26 58.63 -7.56
CA CYS D 239 -15.70 58.50 -6.19
C CYS D 239 -15.66 57.05 -5.75
N LEU D 240 -15.46 56.85 -4.45
CA LEU D 240 -15.48 55.53 -3.83
C LEU D 240 -16.66 55.48 -2.87
N VAL D 241 -17.67 54.68 -3.21
CA VAL D 241 -18.95 54.73 -2.53
C VAL D 241 -19.05 53.54 -1.59
N ILE D 242 -19.46 53.79 -0.36
CA ILE D 242 -19.65 52.77 0.66
C ILE D 242 -21.13 52.44 0.74
N GLU D 243 -21.47 51.15 0.62
CA GLU D 243 -22.85 50.71 0.79
C GLU D 243 -22.92 49.69 1.91
N GLU D 244 -24.09 49.61 2.53
CA GLU D 244 -24.31 48.83 3.74
C GLU D 244 -25.18 47.60 3.49
N GLU D 245 -26.39 47.82 2.96
CA GLU D 245 -27.33 46.75 2.63
C GLU D 245 -28.04 47.10 1.33
N ARG D 246 -27.26 47.48 0.32
CA ARG D 246 -27.66 48.22 -0.87
C ARG D 246 -28.01 49.66 -0.53
N VAL D 247 -27.73 50.11 0.69
CA VAL D 247 -27.97 51.49 1.12
C VAL D 247 -26.63 52.15 1.39
N ARG D 248 -26.50 53.42 0.97
CA ARG D 248 -25.25 54.15 1.03
C ARG D 248 -24.88 54.47 2.48
N VAL D 249 -23.58 54.66 2.71
CA VAL D 249 -23.10 55.08 4.02
C VAL D 249 -22.33 56.38 3.90
N ALA D 250 -21.26 56.39 3.10
CA ALA D 250 -20.39 57.56 3.01
C ALA D 250 -19.62 57.50 1.70
N GLU D 251 -18.76 58.51 1.49
CA GLU D 251 -17.97 58.63 0.27
C GLU D 251 -16.55 59.03 0.63
N ALA D 252 -15.63 58.74 -0.30
CA ALA D 252 -14.25 59.18 -0.19
C ALA D 252 -13.83 60.09 -1.34
N ARG D 253 -14.07 59.66 -2.58
CA ARG D 253 -13.94 60.41 -3.81
C ARG D 253 -12.51 60.64 -4.25
N LEU D 254 -11.56 59.90 -3.69
CA LEU D 254 -10.23 59.64 -4.25
C LEU D 254 -9.37 60.89 -4.41
N GLY D 255 -9.87 62.07 -4.10
CA GLY D 255 -9.07 63.27 -4.23
C GLY D 255 -8.26 63.47 -2.97
N GLU D 256 -8.94 63.38 -1.82
CA GLU D 256 -8.28 63.42 -0.53
C GLU D 256 -8.17 62.06 0.11
N THR D 257 -7.88 61.02 -0.66
CA THR D 257 -7.79 59.69 -0.09
C THR D 257 -6.35 59.27 0.15
N SER D 258 -6.20 58.27 1.01
CA SER D 258 -4.93 57.62 1.31
C SER D 258 -5.34 56.16 1.43
N GLN D 259 -4.54 55.35 2.13
CA GLN D 259 -4.86 53.92 2.22
C GLN D 259 -6.34 53.71 2.49
N VAL D 260 -6.90 52.70 1.86
CA VAL D 260 -8.26 52.26 2.14
C VAL D 260 -8.14 51.05 3.04
N ALA D 261 -8.62 51.18 4.27
CA ALA D 261 -8.49 50.10 5.25
C ALA D 261 -9.80 49.34 5.32
N LEU D 262 -9.74 48.05 5.00
CA LEU D 262 -10.94 47.22 4.96
C LEU D 262 -10.87 46.25 6.13
N PHE D 263 -11.91 46.25 6.96
CA PHE D 263 -11.93 45.35 8.10
C PHE D 263 -12.53 44.00 7.70
N GLY D 264 -12.71 43.13 8.68
CA GLY D 264 -13.05 41.74 8.40
C GLY D 264 -14.26 41.52 7.53
N ASN D 265 -14.06 40.80 6.42
CA ASN D 265 -15.12 40.46 5.47
C ASN D 265 -15.88 41.68 4.98
N ALA D 266 -15.18 42.80 4.84
CA ALA D 266 -15.72 43.87 4.01
C ALA D 266 -15.52 43.48 2.55
N THR D 267 -16.09 44.25 1.63
CA THR D 267 -15.95 43.91 0.22
C THR D 267 -15.46 45.12 -0.55
N LEU D 268 -14.54 44.89 -1.48
CA LEU D 268 -14.00 45.93 -2.35
C LEU D 268 -14.07 45.43 -3.78
N THR D 269 -14.96 45.99 -4.59
CA THR D 269 -15.13 45.49 -5.94
C THR D 269 -13.84 45.63 -6.73
N THR D 270 -13.55 44.61 -7.54
CA THR D 270 -12.27 44.57 -8.25
C THR D 270 -12.07 45.77 -9.14
N ALA D 271 -13.15 46.36 -9.66
CA ALA D 271 -13.00 47.62 -10.39
C ALA D 271 -12.51 48.72 -9.47
N ALA D 272 -13.06 48.80 -8.26
CA ALA D 272 -12.58 49.78 -7.31
C ALA D 272 -11.13 49.50 -6.92
N LEU D 273 -10.79 48.22 -6.77
CA LEU D 273 -9.40 47.88 -6.46
C LEU D 273 -8.46 48.32 -7.57
N HIS D 274 -8.85 48.09 -8.82
CA HIS D 274 -8.01 48.51 -9.93
C HIS D 274 -7.88 50.02 -9.97
N GLU D 275 -8.97 50.74 -9.68
CA GLU D 275 -8.88 52.19 -9.67
C GLU D 275 -8.00 52.69 -8.54
N CYS D 276 -7.97 51.98 -7.41
CA CYS D 276 -7.03 52.34 -6.36
C CYS D 276 -5.60 52.09 -6.81
N LEU D 277 -5.34 50.94 -7.44
CA LEU D 277 -3.99 50.59 -7.84
C LEU D 277 -3.45 51.56 -8.89
N ARG D 278 -4.29 51.92 -9.87
CA ARG D 278 -3.84 52.84 -10.90
C ARG D 278 -3.45 54.18 -10.30
N ARG D 279 -4.09 54.57 -9.20
CA ARG D 279 -3.70 55.77 -8.48
C ARG D 279 -2.77 55.49 -7.32
N GLU D 280 -2.37 54.24 -7.15
CA GLU D 280 -1.22 53.90 -6.32
C GLU D 280 -1.50 54.22 -4.85
N ILE D 281 -2.62 53.70 -4.38
CA ILE D 281 -3.16 53.93 -3.04
C ILE D 281 -3.05 52.63 -2.26
N PRO D 282 -2.38 52.61 -1.14
CA PRO D 282 -2.08 51.34 -0.44
C PRO D 282 -3.25 50.73 0.32
N VAL D 283 -4.10 49.98 -0.39
CA VAL D 283 -5.20 49.28 0.25
C VAL D 283 -4.63 48.34 1.30
N THR D 284 -5.13 48.44 2.54
CA THR D 284 -4.66 47.61 3.64
C THR D 284 -5.82 46.84 4.23
N TRP D 285 -5.56 45.59 4.60
CA TRP D 285 -6.59 44.66 5.05
C TRP D 285 -6.38 44.38 6.53
N LEU D 286 -7.34 44.77 7.35
CA LEU D 286 -7.32 44.47 8.77
C LEU D 286 -8.40 43.46 9.09
N SER D 287 -8.17 42.70 10.15
CA SER D 287 -9.18 41.76 10.62
C SER D 287 -10.38 42.53 11.15
N TYR D 288 -11.40 41.79 11.59
CA TYR D 288 -12.59 42.44 12.10
C TYR D 288 -12.26 43.31 13.30
N GLY D 289 -11.45 42.78 14.22
CA GLY D 289 -11.06 43.56 15.38
C GLY D 289 -10.20 44.75 15.03
N GLY D 290 -9.29 44.57 14.09
CA GLY D 290 -8.33 45.60 13.74
C GLY D 290 -6.94 45.03 13.63
N TRP D 291 -6.83 43.72 13.72
CA TRP D 291 -5.55 43.06 13.52
C TRP D 291 -5.10 43.21 12.09
N PHE D 292 -3.86 43.64 11.90
CA PHE D 292 -3.33 43.81 10.56
C PHE D 292 -3.12 42.45 9.90
N MET D 293 -3.43 42.36 8.61
CA MET D 293 -3.29 41.11 7.89
C MET D 293 -2.52 41.22 6.58
N GLY D 294 -2.24 42.41 6.10
CA GLY D 294 -1.49 42.57 4.87
C GLY D 294 -1.87 43.85 4.17
N HIS D 295 -1.03 44.22 3.22
CA HIS D 295 -1.26 45.39 2.39
C HIS D 295 -1.61 44.96 0.99
N THR D 296 -1.70 45.93 0.09
CA THR D 296 -1.87 45.64 -1.34
C THR D 296 -1.31 46.85 -2.07
N VAL D 297 -0.07 46.76 -2.50
CA VAL D 297 0.61 47.91 -3.08
C VAL D 297 0.63 47.76 -4.60
N SER D 298 0.75 48.89 -5.28
CA SER D 298 0.76 48.94 -6.72
C SER D 298 2.18 48.85 -7.26
N THR D 299 2.29 48.35 -8.48
CA THR D 299 3.59 48.18 -9.13
C THR D 299 3.94 49.44 -9.92
N GLY D 300 4.05 50.55 -9.20
CA GLY D 300 4.44 51.79 -9.80
C GLY D 300 5.51 52.47 -8.97
N HIS D 301 6.14 53.45 -9.58
CA HIS D 301 7.23 54.14 -8.90
C HIS D 301 6.76 55.07 -7.87
N ARG D 302 5.50 55.02 -7.40
CA ARG D 302 5.05 56.00 -6.43
C ARG D 302 5.94 55.98 -5.20
N ASN D 303 6.25 54.78 -4.72
CA ASN D 303 6.84 54.62 -3.41
C ASN D 303 8.30 54.23 -3.49
N VAL D 304 8.72 53.60 -4.58
CA VAL D 304 10.12 53.24 -4.74
C VAL D 304 10.99 54.49 -4.72
N GLU D 305 10.43 55.61 -5.16
CA GLU D 305 11.10 56.88 -4.93
C GLU D 305 11.30 57.13 -3.44
N THR D 306 10.28 56.88 -2.64
CA THR D 306 10.43 57.05 -1.20
C THR D 306 11.43 56.06 -0.64
N ARG D 307 11.37 54.80 -1.07
CA ARG D 307 12.33 53.82 -0.56
C ARG D 307 13.74 54.15 -0.98
N THR D 308 13.95 54.55 -2.23
CA THR D 308 15.30 54.86 -2.64
C THR D 308 15.80 56.11 -1.95
N TYR D 309 14.93 57.07 -1.66
CA TYR D 309 15.36 58.23 -0.89
C TYR D 309 15.73 57.82 0.52
N GLN D 310 14.96 56.93 1.13
CA GLN D 310 15.29 56.48 2.48
C GLN D 310 16.64 55.78 2.49
N TYR D 311 16.88 54.89 1.53
CA TYR D 311 18.13 54.13 1.57
C TYR D 311 19.32 55.00 1.20
N GLN D 312 19.17 55.89 0.23
CA GLN D 312 20.25 56.79 -0.13
C GLN D 312 20.56 57.75 0.99
N ARG D 313 19.56 58.14 1.76
CA ARG D 313 19.76 59.15 2.78
C ARG D 313 20.09 58.56 4.14
N SER D 314 19.88 57.25 4.34
CA SER D 314 20.24 56.65 5.61
C SER D 314 21.75 56.55 5.78
N PHE D 315 22.51 56.66 4.71
CA PHE D 315 23.96 56.58 4.79
C PHE D 315 24.60 57.89 5.24
N ASP D 316 23.81 58.95 5.40
CA ASP D 316 24.28 60.27 5.73
C ASP D 316 24.39 60.47 7.25
N PRO D 317 25.36 61.25 7.70
CA PRO D 317 25.48 61.54 9.14
C PRO D 317 24.47 62.55 9.69
N GLU D 318 24.23 63.69 9.03
CA GLU D 318 23.17 64.58 9.56
C GLU D 318 21.79 63.99 9.41
N THR D 319 21.50 63.23 8.37
CA THR D 319 20.17 62.62 8.30
C THR D 319 19.91 61.79 9.55
N CYS D 320 20.76 60.80 9.80
CA CYS D 320 20.62 59.97 11.00
C CYS D 320 20.64 60.83 12.25
N LEU D 321 21.63 61.69 12.37
CA LEU D 321 21.84 62.44 13.61
C LEU D 321 20.72 63.41 13.87
N ASN D 322 20.33 64.18 12.85
CA ASN D 322 19.29 65.19 12.98
C ASN D 322 17.95 64.56 13.31
N LEU D 323 17.53 63.54 12.54
CA LEU D 323 16.26 62.92 12.91
C LEU D 323 16.34 62.27 14.29
N ALA D 324 17.50 61.74 14.67
CA ALA D 324 17.62 61.16 15.99
C ALA D 324 17.46 62.21 17.07
N ARG D 325 18.10 63.37 16.88
CA ARG D 325 17.97 64.45 17.85
C ARG D 325 16.52 64.89 17.98
N ARG D 326 15.83 65.03 16.85
CA ARG D 326 14.43 65.42 16.91
C ARG D 326 13.59 64.37 17.62
N TRP D 327 13.81 63.09 17.32
CA TRP D 327 13.02 62.05 17.95
C TRP D 327 13.25 62.04 19.44
N ILE D 328 14.49 62.19 19.88
CA ILE D 328 14.76 62.12 21.31
C ILE D 328 14.19 63.34 22.02
N VAL D 329 14.36 64.54 21.45
CA VAL D 329 13.81 65.71 22.12
C VAL D 329 12.29 65.60 22.22
N ALA D 330 11.65 65.05 21.18
CA ALA D 330 10.20 64.87 21.24
C ALA D 330 9.82 63.83 22.30
N LYS D 331 10.59 62.75 22.40
CA LYS D 331 10.30 61.73 23.41
C LYS D 331 10.42 62.32 24.81
N ILE D 332 11.46 63.10 25.05
CA ILE D 332 11.66 63.72 26.37
C ILE D 332 10.52 64.68 26.66
N ALA D 333 10.14 65.48 25.66
CA ALA D 333 9.08 66.45 25.87
C ALA D 333 7.76 65.76 26.18
N ASN D 334 7.47 64.66 25.46
CA ASN D 334 6.27 63.91 25.78
C ASN D 334 6.34 63.34 27.18
N CYS D 335 7.52 62.87 27.61
CA CYS D 335 7.65 62.34 28.96
C CYS D 335 7.36 63.38 30.02
N ARG D 336 7.93 64.58 29.87
CA ARG D 336 7.73 65.60 30.89
C ARG D 336 6.31 66.16 30.83
N THR D 337 5.72 66.24 29.63
CA THR D 337 4.33 66.63 29.54
C THR D 337 3.44 65.60 30.20
N LEU D 338 3.76 64.32 30.05
CA LEU D 338 3.00 63.29 30.75
C LEU D 338 3.22 63.36 32.26
N LEU D 339 4.40 63.81 32.69
CA LEU D 339 4.60 64.10 34.11
C LEU D 339 3.63 65.17 34.59
N ARG D 340 3.59 66.30 33.88
CA ARG D 340 2.71 67.39 34.28
C ARG D 340 1.24 67.05 34.06
N ARG D 341 0.94 66.04 33.24
CA ARG D 341 -0.45 65.62 33.05
C ARG D 341 -0.90 64.72 34.19
N ASN D 342 -0.18 63.62 34.39
CA ASN D 342 -0.68 62.47 35.13
C ASN D 342 -0.02 62.32 36.50
N TRP D 343 0.66 63.35 36.99
CA TRP D 343 1.27 63.26 38.30
C TRP D 343 0.19 63.07 39.34
N ARG D 344 0.29 61.98 40.10
CA ARG D 344 -0.72 61.64 41.10
C ARG D 344 -0.11 61.51 42.48
N GLY D 345 0.91 62.31 42.77
CA GLY D 345 1.38 62.45 44.14
C GLY D 345 0.40 63.31 44.91
N GLU D 346 -0.85 62.88 44.93
CA GLU D 346 -1.96 63.71 45.37
C GLU D 346 -2.06 63.74 46.88
N GLY D 347 -2.52 64.89 47.39
CA GLY D 347 -2.66 65.11 48.81
C GLY D 347 -1.64 66.07 49.37
N ASP D 348 -0.38 65.94 48.95
CA ASP D 348 0.68 66.81 49.44
C ASP D 348 1.64 67.31 48.39
N GLU D 349 1.67 66.72 47.19
CA GLU D 349 2.64 67.05 46.15
C GLU D 349 1.94 67.17 44.81
N ALA D 350 0.87 67.98 44.78
CA ALA D 350 0.04 68.13 43.58
C ALA D 350 0.87 68.41 42.33
N LYS D 351 2.05 68.99 42.48
CA LYS D 351 2.94 69.26 41.37
C LYS D 351 4.19 68.39 41.48
N ALA D 352 4.72 67.99 40.33
CA ALA D 352 6.00 67.34 40.29
C ALA D 352 7.08 68.30 40.77
N PRO D 353 8.18 67.78 41.33
CA PRO D 353 9.29 68.66 41.71
C PRO D 353 9.81 69.42 40.52
N PRO D 354 9.69 70.75 40.52
CA PRO D 354 10.17 71.53 39.36
C PRO D 354 11.65 71.38 39.12
N GLY D 355 12.42 70.93 40.11
CA GLY D 355 13.81 70.56 39.87
C GLY D 355 13.92 69.43 38.86
N LEU D 356 13.03 68.44 38.97
CA LEU D 356 12.99 67.38 37.97
C LEU D 356 12.62 67.92 36.60
N LEU D 357 11.63 68.83 36.55
CA LEU D 357 11.21 69.39 35.28
C LEU D 357 12.32 70.23 34.65
N MET D 358 13.01 71.03 35.45
CA MET D 358 14.17 71.76 34.96
C MET D 358 15.25 70.80 34.49
N SER D 359 15.46 69.70 35.23
CA SER D 359 16.46 68.72 34.83
C SER D 359 16.14 68.12 33.46
N LEU D 360 14.88 67.75 33.25
CA LEU D 360 14.50 67.17 31.97
C LEU D 360 14.53 68.21 30.86
N GLN D 361 14.22 69.47 31.17
CA GLN D 361 14.38 70.53 30.19
C GLN D 361 15.84 70.64 29.78
N ASP D 362 16.75 70.60 30.76
CA ASP D 362 18.17 70.67 30.45
C ASP D 362 18.60 69.50 29.60
N ASP D 363 18.14 68.30 29.94
CA ASP D 363 18.47 67.14 29.13
C ASP D 363 17.90 67.26 27.73
N MET D 364 16.74 67.91 27.60
CA MET D 364 16.17 68.14 26.28
C MET D 364 17.06 69.05 25.45
N ARG D 365 17.59 70.10 26.05
CA ARG D 365 18.52 70.94 25.29
C ARG D 365 19.76 70.14 24.92
N HIS D 366 20.26 69.34 25.85
CA HIS D 366 21.42 68.51 25.55
C HIS D 366 21.16 67.62 24.36
N ALA D 367 19.97 67.02 24.31
CA ALA D 367 19.60 66.20 23.15
C ALA D 367 19.49 67.04 21.89
N MET D 368 19.08 68.30 22.02
CA MET D 368 19.10 69.20 20.87
C MET D 368 20.52 69.37 20.34
N ARG D 369 21.49 69.47 21.23
CA ARG D 369 22.88 69.70 20.83
C ARG D 369 23.79 68.52 21.16
N ALA D 370 23.32 67.29 20.96
CA ALA D 370 24.21 66.15 21.05
C ALA D 370 25.16 66.15 19.87
N PRO D 371 26.43 65.79 20.08
CA PRO D 371 27.39 65.81 18.97
C PRO D 371 27.25 64.65 18.02
N SER D 372 27.05 63.44 18.53
CA SER D 372 27.01 62.26 17.68
C SER D 372 26.05 61.24 18.27
N LEU D 373 25.87 60.14 17.53
CA LEU D 373 24.80 59.19 17.85
C LEU D 373 25.03 58.50 19.19
N GLU D 374 26.27 58.11 19.49
CA GLU D 374 26.51 57.39 20.74
C GLU D 374 26.28 58.27 21.95
N VAL D 375 26.67 59.55 21.85
CA VAL D 375 26.39 60.47 22.94
C VAL D 375 24.89 60.60 23.13
N LEU D 376 24.15 60.70 22.03
CA LEU D 376 22.70 60.80 22.13
C LEU D 376 22.11 59.55 22.75
N LEU D 377 22.65 58.38 22.40
CA LEU D 377 22.15 57.16 22.99
C LEU D 377 22.38 57.14 24.50
N GLY D 378 23.58 57.53 24.93
CA GLY D 378 23.85 57.55 26.36
C GLY D 378 22.95 58.55 27.10
N ILE D 379 22.80 59.75 26.54
CA ILE D 379 21.99 60.75 27.19
C ILE D 379 20.53 60.33 27.21
N GLU D 380 20.06 59.70 26.13
CA GLU D 380 18.70 59.20 26.07
C GLU D 380 18.46 58.18 27.17
N GLY D 381 19.38 57.23 27.31
CA GLY D 381 19.24 56.24 28.36
C GLY D 381 19.18 56.89 29.72
N ALA D 382 20.05 57.87 29.95
CA ALA D 382 20.03 58.56 31.24
C ALA D 382 18.66 59.18 31.49
N SER D 383 18.20 60.03 30.57
CA SER D 383 16.98 60.78 30.81
C SER D 383 15.78 59.85 30.95
N ALA D 384 15.71 58.80 30.14
CA ALA D 384 14.62 57.84 30.29
C ALA D 384 14.67 57.15 31.64
N GLY D 385 15.87 56.85 32.13
CA GLY D 385 15.96 56.29 33.47
C GLY D 385 15.46 57.24 34.54
N ARG D 386 15.82 58.52 34.44
CA ARG D 386 15.38 59.42 35.50
C ARG D 386 13.89 59.72 35.39
N TYR D 387 13.31 59.60 34.20
CA TYR D 387 11.85 59.56 34.09
C TYR D 387 11.26 58.32 34.75
N PHE D 388 11.83 57.16 34.49
CA PHE D 388 11.26 55.96 35.11
C PHE D 388 11.48 55.97 36.61
N GLN D 389 12.38 56.81 37.11
CA GLN D 389 12.54 56.92 38.55
C GLN D 389 11.24 57.38 39.21
N HIS D 390 10.51 58.27 38.55
CA HIS D 390 9.24 58.76 39.06
C HIS D 390 8.06 58.22 38.29
N PHE D 391 8.28 57.26 37.40
CA PHE D 391 7.14 56.59 36.80
C PHE D 391 6.23 55.96 37.85
N SER D 392 6.80 55.30 38.87
CA SER D 392 5.97 54.69 39.90
C SER D 392 5.27 55.74 40.75
N ARG D 393 5.77 56.97 40.73
CA ARG D 393 5.11 58.09 41.38
C ARG D 393 3.76 58.40 40.73
N MET D 394 3.52 57.89 39.53
CA MET D 394 2.32 58.19 38.76
C MET D 394 1.22 57.16 38.92
N LEU D 395 1.36 56.22 39.85
CA LEU D 395 0.39 55.15 40.01
C LEU D 395 -0.83 55.67 40.75
N ARG D 396 -1.67 54.77 41.27
CA ARG D 396 -2.95 55.19 41.84
C ARG D 396 -2.78 56.12 43.04
N GLY D 397 -1.55 56.52 43.35
CA GLY D 397 -1.29 57.55 44.34
C GLY D 397 -0.06 57.27 45.17
N GLY D 398 0.26 56.00 45.38
CA GLY D 398 1.44 55.59 46.10
C GLY D 398 2.15 54.44 45.41
N ASP D 399 3.06 53.82 46.16
CA ASP D 399 3.69 52.60 45.69
C ASP D 399 2.64 51.52 45.52
N GLY D 400 2.75 50.78 44.41
CA GLY D 400 1.74 49.82 44.05
C GLY D 400 2.00 48.42 44.59
N GLU D 401 2.22 48.30 45.91
CA GLU D 401 2.52 47.00 46.51
C GLU D 401 1.62 45.91 45.95
N GLY D 402 2.25 44.85 45.42
CA GLY D 402 1.61 43.90 44.56
C GLY D 402 1.87 44.18 43.09
N MET D 403 2.24 45.41 42.75
CA MET D 403 2.70 45.79 41.42
C MET D 403 3.96 46.62 41.64
N GLY D 404 5.11 45.95 41.78
CA GLY D 404 6.36 46.62 42.05
C GLY D 404 7.05 46.98 40.75
N PHE D 405 7.65 48.17 40.73
CA PHE D 405 8.34 48.67 39.55
C PHE D 405 9.82 48.82 39.88
N ASP D 406 10.67 48.24 39.03
CA ASP D 406 12.11 48.31 39.22
C ASP D 406 12.70 49.38 38.32
N PHE D 407 13.45 50.31 38.91
CA PHE D 407 13.99 51.43 38.17
C PHE D 407 15.14 51.01 37.27
N THR D 408 15.80 49.89 37.58
CA THR D 408 17.05 49.51 36.95
C THR D 408 16.97 48.27 36.09
N THR D 409 16.11 47.32 36.42
CA THR D 409 15.99 46.10 35.63
C THR D 409 15.16 46.30 34.38
N ARG D 410 15.09 47.54 33.92
CA ARG D 410 14.37 47.88 32.71
C ARG D 410 14.75 46.97 31.55
N ASN D 411 13.76 46.68 30.71
CA ASN D 411 13.95 46.21 29.35
C ASN D 411 14.80 44.95 29.21
N ARG D 412 15.00 44.18 30.27
CA ARG D 412 15.59 42.87 30.04
C ARG D 412 14.54 41.94 29.45
N ARG D 413 15.00 41.03 28.59
CA ARG D 413 14.08 40.32 27.69
C ARG D 413 12.93 39.65 28.41
N PRO D 414 13.13 38.91 29.50
CA PRO D 414 11.98 38.48 30.29
C PRO D 414 11.59 39.58 31.26
N PRO D 415 10.31 39.82 31.41
CA PRO D 415 9.86 40.86 32.35
C PRO D 415 9.95 40.40 33.80
N LYS D 416 10.78 41.07 34.61
CA LYS D 416 10.93 40.66 36.00
C LYS D 416 9.96 41.36 36.94
N ASP D 417 9.18 42.31 36.45
CA ASP D 417 8.18 43.00 37.26
C ASP D 417 6.85 43.05 36.53
N PRO D 418 5.74 43.05 37.28
CA PRO D 418 4.44 43.18 36.63
C PRO D 418 4.28 44.48 35.86
N VAL D 419 4.71 45.60 36.44
CA VAL D 419 4.67 46.85 35.71
C VAL D 419 5.57 46.79 34.50
N ASN D 420 6.75 46.20 34.65
CA ASN D 420 7.64 46.05 33.50
C ASN D 420 7.08 45.08 32.48
N ALA D 421 6.32 44.07 32.91
CA ALA D 421 5.65 43.20 31.97
C ALA D 421 4.65 43.98 31.13
N LEU D 422 3.84 44.82 31.79
CA LEU D 422 2.92 45.66 31.04
C LEU D 422 3.65 46.57 30.09
N LEU D 423 4.74 47.18 30.56
CA LEU D 423 5.49 48.11 29.72
C LEU D 423 6.03 47.42 28.49
N SER D 424 6.63 46.23 28.66
CA SER D 424 7.19 45.54 27.51
C SER D 424 6.10 45.12 26.53
N PHE D 425 4.97 44.63 27.03
CA PHE D 425 3.92 44.20 26.12
C PHE D 425 3.34 45.38 25.34
N ALA D 426 3.13 46.50 26.03
CA ALA D 426 2.65 47.69 25.33
C ALA D 426 3.67 48.17 24.30
N TYR D 427 4.95 48.13 24.65
CA TYR D 427 5.98 48.54 23.70
C TYR D 427 5.96 47.65 22.47
N ALA D 428 5.78 46.35 22.66
CA ALA D 428 5.75 45.45 21.51
C ALA D 428 4.56 45.74 20.61
N MET D 429 3.38 45.96 21.19
CA MET D 429 2.24 46.26 20.35
C MET D 429 2.40 47.59 19.63
N LEU D 430 2.96 48.58 20.30
CA LEU D 430 3.22 49.86 19.63
C LEU D 430 4.20 49.68 18.49
N THR D 431 5.22 48.86 18.68
CA THR D 431 6.17 48.60 17.61
C THR D 431 5.47 47.95 16.41
N ARG D 432 4.56 47.01 16.67
CA ARG D 432 3.83 46.39 15.55
C ARG D 432 2.99 47.40 14.79
N GLU D 433 2.25 48.25 15.52
CA GLU D 433 1.45 49.28 14.88
C GLU D 433 2.31 50.19 14.02
N TRP D 434 3.46 50.61 14.54
CA TRP D 434 4.34 51.46 13.77
C TRP D 434 4.91 50.73 12.56
N THR D 435 5.19 49.44 12.68
CA THR D 435 5.68 48.69 11.53
C THR D 435 4.65 48.69 10.41
N VAL D 436 3.40 48.38 10.73
CA VAL D 436 2.40 48.30 9.66
C VAL D 436 2.12 49.69 9.09
N ALA D 437 2.13 50.72 9.93
CA ALA D 437 1.93 52.07 9.43
C ALA D 437 3.05 52.48 8.50
N LEU D 438 4.29 52.16 8.85
CA LEU D 438 5.42 52.51 8.00
C LEU D 438 5.38 51.75 6.68
N ALA D 439 5.03 50.47 6.73
CA ALA D 439 4.97 49.71 5.49
C ALA D 439 3.80 50.11 4.63
N ALA D 440 2.75 50.69 5.22
CA ALA D 440 1.64 51.18 4.41
C ALA D 440 2.11 52.23 3.43
N VAL D 441 2.81 53.24 3.92
CA VAL D 441 3.55 54.12 3.03
C VAL D 441 4.71 53.34 2.43
N GLY D 442 5.26 53.85 1.35
CA GLY D 442 6.37 53.14 0.74
C GLY D 442 7.67 53.32 1.49
N LEU D 443 7.80 52.71 2.66
CA LEU D 443 9.00 52.81 3.46
C LEU D 443 9.42 51.43 3.90
N ASP D 444 10.72 51.22 4.05
CA ASP D 444 11.23 49.96 4.54
C ASP D 444 11.37 50.07 6.04
N PRO D 445 10.51 49.45 6.84
CA PRO D 445 10.61 49.63 8.29
C PRO D 445 11.88 49.07 8.88
N TYR D 446 12.61 48.25 8.15
CA TYR D 446 13.75 47.54 8.70
C TYR D 446 15.08 48.24 8.46
N ARG D 447 15.06 49.45 7.93
CA ARG D 447 16.28 50.22 7.70
C ARG D 447 16.17 51.52 8.48
N GLY D 448 16.81 51.57 9.64
CA GLY D 448 16.63 52.68 10.55
C GLY D 448 17.71 53.72 10.43
N PHE D 449 17.40 54.90 10.95
CA PHE D 449 18.36 56.00 10.98
C PHE D 449 19.12 56.08 12.28
N TYR D 450 18.50 55.70 13.39
CA TYR D 450 19.10 55.83 14.71
C TYR D 450 19.40 54.49 15.34
N HIS D 451 18.47 53.55 15.31
CA HIS D 451 18.72 52.24 15.88
C HIS D 451 19.58 51.42 14.92
N GLN D 452 19.76 50.14 15.21
CA GLN D 452 20.63 49.39 14.34
C GLN D 452 19.82 48.38 13.54
N PRO D 453 20.18 48.16 12.28
CA PRO D 453 19.24 47.52 11.34
C PRO D 453 19.03 46.02 11.47
N ARG D 454 20.09 45.25 11.65
CA ARG D 454 20.02 43.82 11.35
C ARG D 454 19.36 43.05 12.49
N PHE D 455 19.46 41.72 12.43
CA PHE D 455 18.93 40.76 13.38
C PHE D 455 17.42 40.65 13.36
N GLY D 456 16.76 41.22 12.36
CA GLY D 456 15.31 41.18 12.31
C GLY D 456 14.61 42.27 13.07
N ARG D 457 15.35 43.18 13.67
CA ARG D 457 14.72 44.27 14.40
C ARG D 457 14.16 45.29 13.43
N PRO D 458 12.92 45.72 13.59
CA PRO D 458 12.43 46.82 12.76
C PRO D 458 13.10 48.10 13.20
N ALA D 459 14.08 48.57 12.45
CA ALA D 459 14.89 49.65 12.94
C ALA D 459 14.32 51.02 12.65
N LEU D 460 13.24 51.11 11.87
CA LEU D 460 12.57 52.38 11.69
C LEU D 460 11.33 52.51 12.53
N ALA D 461 10.62 51.42 12.77
CA ALA D 461 9.59 51.44 13.80
C ALA D 461 10.18 51.78 15.15
N LEU D 462 11.30 51.15 15.49
CA LEU D 462 11.96 51.46 16.75
C LEU D 462 12.46 52.90 16.77
N ASP D 463 12.82 53.45 15.62
CA ASP D 463 13.31 54.82 15.59
C ASP D 463 12.17 55.80 15.79
N MET D 464 11.01 55.51 15.22
CA MET D 464 9.94 56.50 15.21
C MET D 464 8.97 56.35 16.37
N MET D 465 8.88 55.17 16.98
CA MET D 465 8.01 55.01 18.12
C MET D 465 8.52 55.72 19.36
N GLU D 466 9.74 56.25 19.32
CA GLU D 466 10.29 56.89 20.52
C GLU D 466 9.45 58.06 21.00
N PRO D 467 9.06 59.03 20.16
CA PRO D 467 8.15 60.07 20.68
C PRO D 467 6.84 59.53 21.18
N PHE D 468 6.37 58.42 20.63
CA PHE D 468 5.05 57.91 20.94
C PHE D 468 5.05 56.93 22.10
N ARG D 469 6.21 56.63 22.68
CA ARG D 469 6.22 55.74 23.83
C ARG D 469 5.39 56.28 24.98
N PRO D 470 5.57 57.53 25.44
CA PRO D 470 4.75 58.01 26.55
C PRO D 470 3.28 58.12 26.19
N LEU D 471 2.96 58.45 24.94
CA LEU D 471 1.57 58.76 24.62
C LEU D 471 0.72 57.51 24.48
N ILE D 472 1.30 56.41 24.00
CA ILE D 472 0.51 55.23 23.70
C ILE D 472 0.87 54.04 24.57
N ALA D 473 2.12 53.93 25.04
CA ALA D 473 2.53 52.80 25.86
C ALA D 473 2.45 53.11 27.34
N ASP D 474 3.19 54.11 27.79
CA ASP D 474 3.08 54.57 29.17
C ASP D 474 1.64 54.98 29.48
N SER D 475 0.99 55.68 28.56
CA SER D 475 -0.37 56.12 28.80
C SER D 475 -1.32 54.93 28.91
N THR D 476 -1.14 53.92 28.05
CA THR D 476 -2.02 52.76 28.14
C THR D 476 -1.83 52.01 29.45
N VAL D 477 -0.57 51.86 29.88
CA VAL D 477 -0.34 51.17 31.14
C VAL D 477 -0.95 51.95 32.30
N LEU D 478 -0.76 53.27 32.30
CA LEU D 478 -1.36 54.08 33.35
C LEU D 478 -2.88 53.98 33.32
N MET D 479 -3.48 54.03 32.13
CA MET D 479 -4.92 53.85 32.01
C MET D 479 -5.36 52.54 32.65
N ALA D 480 -4.74 51.44 32.25
CA ALA D 480 -5.19 50.13 32.67
C ALA D 480 -4.81 49.80 34.10
N ILE D 481 -3.96 50.60 34.72
CA ILE D 481 -3.60 50.31 36.11
C ILE D 481 -4.32 51.25 37.06
N ASN D 482 -4.67 52.45 36.59
CA ASN D 482 -5.47 53.35 37.40
C ASN D 482 -6.95 53.12 37.22
N ASN D 483 -7.34 52.30 36.24
CA ASN D 483 -8.73 51.88 36.09
C ASN D 483 -8.98 50.51 36.68
N GLY D 484 -8.02 49.95 37.41
CA GLY D 484 -8.21 48.64 38.02
C GLY D 484 -8.31 47.49 37.06
N GLU D 485 -8.03 47.71 35.78
CA GLU D 485 -8.13 46.62 34.80
C GLU D 485 -7.08 45.55 35.05
N ILE D 486 -5.91 45.94 35.54
CA ILE D 486 -4.80 45.03 35.77
C ILE D 486 -4.54 44.97 37.26
N ARG D 487 -4.55 43.76 37.82
CA ARG D 487 -4.37 43.56 39.25
C ARG D 487 -3.34 42.47 39.49
N THR D 488 -2.88 42.39 40.74
CA THR D 488 -1.80 41.49 41.08
C THR D 488 -2.13 40.04 40.77
N GLY D 489 -3.42 39.69 40.76
CA GLY D 489 -3.80 38.32 40.47
C GLY D 489 -3.63 37.94 39.02
N ASP D 490 -3.38 38.92 38.14
CA ASP D 490 -3.28 38.65 36.71
C ASP D 490 -1.91 38.15 36.29
N PHE D 491 -0.93 38.12 37.19
CA PHE D 491 0.45 37.84 36.88
C PHE D 491 0.87 36.47 37.39
N VAL D 492 1.84 35.88 36.70
CA VAL D 492 2.48 34.64 37.14
C VAL D 492 3.98 34.92 37.20
N ARG D 493 4.60 34.55 38.32
CA ARG D 493 6.02 34.83 38.53
C ARG D 493 6.79 33.52 38.57
N SER D 494 7.95 33.51 37.91
CA SER D 494 8.72 32.28 37.79
C SER D 494 10.20 32.64 37.73
N ALA D 495 10.85 32.58 38.89
CA ALA D 495 12.31 32.58 38.98
C ALA D 495 12.93 33.70 38.17
N GLY D 496 12.25 34.84 38.16
CA GLY D 496 12.71 35.97 37.40
C GLY D 496 11.93 36.27 36.13
N GLY D 497 10.66 35.90 36.09
CA GLY D 497 9.80 36.33 35.00
C GLY D 497 8.38 36.55 35.46
N CYS D 498 7.85 37.75 35.24
CA CYS D 498 6.47 38.08 35.56
C CYS D 498 5.70 38.23 34.25
N ASN D 499 4.81 37.30 33.96
CA ASN D 499 4.08 37.33 32.70
C ASN D 499 2.58 37.32 32.97
N LEU D 500 1.84 37.94 32.05
CA LEU D 500 0.40 38.06 32.17
C LEU D 500 -0.30 36.72 31.94
N THR D 501 -1.55 36.66 32.39
CA THR D 501 -2.43 35.54 32.10
C THR D 501 -3.32 35.87 30.92
N ASP D 502 -3.81 34.82 30.25
CA ASP D 502 -4.47 35.00 28.96
C ASP D 502 -5.63 35.98 29.06
N SER D 503 -6.52 35.80 30.04
CA SER D 503 -7.63 36.72 30.20
C SER D 503 -7.10 38.14 30.41
N ALA D 504 -6.08 38.27 31.24
CA ALA D 504 -5.44 39.57 31.44
C ALA D 504 -4.76 40.05 30.17
N ARG D 505 -4.11 39.16 29.42
CA ARG D 505 -3.47 39.57 28.17
C ARG D 505 -4.47 40.24 27.24
N LYS D 506 -5.61 39.60 26.98
CA LYS D 506 -6.52 40.18 26.00
C LYS D 506 -7.39 41.31 26.58
N ARG D 507 -7.59 41.35 27.89
CA ARG D 507 -8.13 42.58 28.48
C ARG D 507 -7.19 43.74 28.22
N PHE D 508 -5.89 43.51 28.38
CA PHE D 508 -4.93 44.57 28.10
C PHE D 508 -4.89 44.92 26.62
N ILE D 509 -5.09 43.93 25.74
CA ILE D 509 -5.19 44.23 24.32
C ILE D 509 -6.38 45.14 24.04
N ALA D 510 -7.51 44.85 24.67
CA ALA D 510 -8.66 45.75 24.54
C ALA D 510 -8.33 47.14 25.03
N GLY D 511 -7.60 47.23 26.15
CA GLY D 511 -7.19 48.54 26.64
C GLY D 511 -6.29 49.28 25.68
N PHE D 512 -5.36 48.56 25.05
CA PHE D 512 -4.47 49.17 24.08
C PHE D 512 -5.27 49.69 22.89
N GLU D 513 -6.24 48.91 22.42
CA GLU D 513 -7.18 49.44 21.44
C GLU D 513 -7.80 50.74 21.92
N ARG D 514 -8.40 50.72 23.11
CA ARG D 514 -9.13 51.89 23.58
C ARG D 514 -8.24 53.12 23.61
N ARG D 515 -6.97 52.94 23.95
CA ARG D 515 -6.06 54.08 23.87
C ARG D 515 -5.73 54.44 22.43
N MET D 516 -5.72 53.46 21.54
CA MET D 516 -5.46 53.77 20.13
C MET D 516 -6.66 54.38 19.44
N GLU D 517 -7.83 54.36 20.07
CA GLU D 517 -9.03 54.91 19.46
C GLU D 517 -9.23 56.38 19.79
N GLN D 518 -8.46 56.94 20.72
CA GLN D 518 -8.71 58.31 21.13
C GLN D 518 -8.33 59.26 20.02
N GLU D 519 -8.92 60.44 20.06
CA GLU D 519 -8.69 61.47 19.07
C GLU D 519 -7.75 62.53 19.62
N VAL D 520 -6.72 62.86 18.87
CA VAL D 520 -5.89 64.02 19.18
C VAL D 520 -5.81 64.86 17.90
N THR D 521 -5.71 66.17 18.09
CA THR D 521 -6.12 67.13 17.08
C THR D 521 -4.99 67.69 16.22
N HIS D 522 -3.75 67.74 16.71
CA HIS D 522 -2.76 68.67 16.21
C HIS D 522 -1.49 67.96 15.75
N PRO D 523 -1.46 67.38 14.54
CA PRO D 523 -0.17 67.07 13.93
C PRO D 523 0.55 68.36 13.54
N ILE D 524 -0.01 69.06 12.57
CA ILE D 524 0.22 70.49 12.36
C ILE D 524 -1.09 71.14 11.95
N PHE D 525 -2.04 70.31 11.54
CA PHE D 525 -3.35 70.73 11.05
C PHE D 525 -4.41 70.14 11.96
N LYS D 526 -5.29 70.99 12.47
CA LYS D 526 -6.11 70.64 13.63
C LYS D 526 -7.40 69.98 13.15
N TYR D 527 -7.42 68.64 13.12
CA TYR D 527 -8.65 67.96 12.70
C TYR D 527 -8.91 66.64 13.43
N THR D 528 -8.39 66.47 14.65
CA THR D 528 -8.85 65.44 15.58
C THR D 528 -8.85 64.04 14.95
N ILE D 529 -7.65 63.58 14.65
CA ILE D 529 -7.49 62.23 14.11
C ILE D 529 -7.39 61.22 15.25
N SER D 530 -7.78 59.99 14.96
CA SER D 530 -7.47 58.90 15.87
C SER D 530 -5.97 58.62 15.82
N TYR D 531 -5.47 57.99 16.88
CA TYR D 531 -4.03 57.73 16.94
C TYR D 531 -3.58 56.85 15.79
N ARG D 532 -4.35 55.82 15.46
CA ARG D 532 -3.96 54.88 14.42
C ARG D 532 -3.85 55.56 13.06
N ARG D 533 -4.49 56.72 12.87
CA ARG D 533 -4.30 57.48 11.64
C ARG D 533 -3.24 58.57 11.81
N LEU D 534 -3.04 59.05 13.03
CA LEU D 534 -1.93 59.96 13.27
C LEU D 534 -0.61 59.29 12.94
N LEU D 535 -0.52 57.99 13.15
CA LEU D 535 0.70 57.26 12.78
C LEU D 535 0.98 57.42 11.29
N GLU D 536 -0.03 57.20 10.45
CA GLU D 536 0.18 57.36 9.02
C GLU D 536 0.50 58.79 8.66
N VAL D 537 -0.16 59.74 9.31
CA VAL D 537 0.14 61.14 9.03
C VAL D 537 1.61 61.42 9.29
N GLN D 538 2.13 60.90 10.40
CA GLN D 538 3.55 61.08 10.70
C GLN D 538 4.43 60.39 9.68
N ALA D 539 4.08 59.18 9.26
CA ALA D 539 4.90 58.47 8.29
C ALA D 539 4.94 59.23 6.96
N ARG D 540 3.79 59.72 6.52
CA ARG D 540 3.75 60.50 5.30
C ARG D 540 4.57 61.77 5.44
N LEU D 541 4.49 62.40 6.60
CA LEU D 541 5.32 63.56 6.86
C LEU D 541 6.79 63.20 6.74
N LEU D 542 7.16 61.98 7.15
CA LEU D 542 8.56 61.58 7.06
C LEU D 542 8.99 61.43 5.61
N THR D 543 8.22 60.68 4.83
CA THR D 543 8.57 60.54 3.41
C THR D 543 8.57 61.89 2.72
N ARG D 544 7.77 62.81 3.22
CA ARG D 544 7.68 64.12 2.61
C ARG D 544 8.86 64.99 3.03
N TYR D 545 9.40 64.78 4.23
CA TYR D 545 10.67 65.39 4.59
C TYR D 545 11.79 64.86 3.72
N LEU D 546 11.89 63.55 3.60
CA LEU D 546 12.77 62.96 2.62
C LEU D 546 12.34 63.44 1.24
N SER D 547 13.26 63.35 0.28
CA SER D 547 13.06 63.84 -1.07
C SER D 547 12.90 65.35 -1.11
N GLY D 548 12.95 66.02 0.04
CA GLY D 548 13.03 67.45 0.08
C GLY D 548 11.76 68.19 -0.28
N GLU D 549 10.71 67.96 0.49
CA GLU D 549 9.54 68.83 0.45
C GLU D 549 9.50 69.76 1.66
N ILE D 550 9.50 69.19 2.86
CA ILE D 550 9.38 69.97 4.09
C ILE D 550 10.62 69.75 4.95
N PRO D 551 11.40 70.79 5.22
CA PRO D 551 12.60 70.64 6.04
C PRO D 551 12.27 70.17 7.45
N ALA D 552 13.09 69.24 7.96
CA ALA D 552 13.26 68.98 9.38
C ALA D 552 12.07 68.26 10.02
N TYR D 553 11.20 67.62 9.22
CA TYR D 553 10.26 66.64 9.73
C TYR D 553 9.49 67.10 10.97
N PRO D 554 8.41 67.85 10.83
CA PRO D 554 7.79 68.47 12.01
C PRO D 554 7.14 67.47 12.94
N ASN D 555 7.94 66.93 13.85
CA ASN D 555 7.51 65.92 14.81
C ASN D 555 6.27 66.32 15.57
N PHE D 556 5.54 65.32 16.04
CA PHE D 556 4.33 65.54 16.83
C PHE D 556 4.67 65.53 18.32
N VAL D 557 4.48 66.66 18.98
CA VAL D 557 4.71 66.78 20.41
C VAL D 557 3.50 67.47 21.04
N THR D 558 3.08 66.98 22.19
CA THR D 558 1.98 67.60 22.89
C THR D 558 2.51 68.44 24.05
N MET E 1 5.85 -16.50 -2.59
CA MET E 1 5.80 -15.16 -2.01
C MET E 1 4.39 -14.63 -2.02
N GLU E 2 3.93 -14.13 -0.87
CA GLU E 2 2.59 -13.61 -0.73
C GLU E 2 2.62 -12.10 -0.56
N HIS E 3 1.53 -11.46 -0.97
CA HIS E 3 1.39 -10.03 -0.87
C HIS E 3 0.25 -9.69 0.07
N LEU E 4 0.26 -8.48 0.60
CA LEU E 4 -0.81 -8.01 1.46
C LEU E 4 -1.69 -7.07 0.67
N TYR E 5 -2.95 -7.44 0.50
CA TYR E 5 -3.91 -6.64 -0.22
C TYR E 5 -4.90 -6.03 0.76
N ILE E 6 -5.30 -4.80 0.47
CA ILE E 6 -6.32 -4.10 1.24
C ILE E 6 -7.49 -3.87 0.30
N VAL E 7 -8.67 -4.32 0.70
CA VAL E 7 -9.85 -4.28 -0.16
C VAL E 7 -10.91 -3.46 0.53
N SER E 8 -11.42 -2.44 -0.17
CA SER E 8 -12.44 -1.55 0.38
C SER E 8 -13.54 -1.36 -0.63
N TYR E 9 -14.79 -1.41 -0.18
CA TYR E 9 -15.89 -1.43 -1.13
C TYR E 9 -16.99 -0.46 -0.72
N ASP E 10 -17.75 -0.04 -1.73
CA ASP E 10 -19.03 0.63 -1.59
C ASP E 10 -20.02 -0.17 -2.43
N ILE E 11 -21.03 -0.71 -1.77
CA ILE E 11 -22.01 -1.59 -2.41
C ILE E 11 -23.38 -0.99 -2.20
N ARG E 12 -24.13 -0.82 -3.27
CA ARG E 12 -25.39 -0.09 -3.23
C ARG E 12 -26.61 -1.01 -3.33
N ASN E 13 -26.53 -2.21 -2.77
CA ASN E 13 -27.66 -3.12 -2.73
C ASN E 13 -27.38 -4.17 -1.67
N GLN E 14 -28.30 -4.28 -0.71
CA GLN E 14 -27.99 -5.04 0.48
C GLN E 14 -27.73 -6.50 0.17
N ARG E 15 -28.41 -7.06 -0.85
CA ARG E 15 -28.15 -8.43 -1.23
C ARG E 15 -26.74 -8.60 -1.76
N ARG E 16 -26.32 -7.71 -2.65
CA ARG E 16 -24.95 -7.77 -3.12
C ARG E 16 -23.97 -7.56 -1.99
N TRP E 17 -24.33 -6.73 -1.01
CA TRP E 17 -23.45 -6.56 0.13
C TRP E 17 -23.30 -7.86 0.91
N ARG E 18 -24.40 -8.59 1.12
CA ARG E 18 -24.29 -9.87 1.81
C ARG E 18 -23.40 -10.82 1.02
N ARG E 19 -23.59 -10.84 -0.29
CA ARG E 19 -22.82 -11.72 -1.15
C ARG E 19 -21.34 -11.39 -1.04
N LEU E 20 -21.01 -10.10 -0.98
CA LEU E 20 -19.62 -9.71 -0.94
C LEU E 20 -19.01 -9.90 0.44
N PHE E 21 -19.79 -9.71 1.50
CA PHE E 21 -19.25 -9.94 2.83
C PHE E 21 -18.98 -11.42 3.04
N LYS E 22 -19.92 -12.25 2.61
CA LYS E 22 -19.70 -13.67 2.34
C LYS E 22 -18.32 -13.92 1.76
N THR E 23 -18.13 -13.48 0.52
CA THR E 23 -16.92 -13.81 -0.21
C THR E 23 -15.68 -13.30 0.49
N MET E 24 -15.75 -12.11 1.09
CA MET E 24 -14.56 -11.48 1.62
C MET E 24 -14.11 -12.17 2.90
N HIS E 25 -15.04 -12.54 3.79
CA HIS E 25 -14.63 -13.43 4.86
C HIS E 25 -14.07 -14.73 4.32
N GLY E 26 -14.46 -15.13 3.11
CA GLY E 26 -13.77 -16.25 2.51
C GLY E 26 -12.28 -16.05 2.31
N PHE E 27 -11.83 -14.80 2.17
CA PHE E 27 -10.48 -14.51 1.69
C PHE E 27 -9.58 -13.81 2.69
N GLY E 28 -10.06 -12.75 3.33
CA GLY E 28 -9.21 -12.02 4.24
C GLY E 28 -9.85 -11.79 5.59
N CYS E 29 -9.33 -10.86 6.36
CA CYS E 29 -9.83 -10.58 7.70
C CYS E 29 -10.27 -9.13 7.81
N TRP E 30 -11.34 -8.90 8.56
CA TRP E 30 -11.91 -7.57 8.71
C TRP E 30 -10.89 -6.61 9.30
N LEU E 31 -10.83 -5.40 8.76
CA LEU E 31 -9.91 -4.38 9.23
C LEU E 31 -10.63 -3.11 9.66
N GLN E 32 -11.55 -2.62 8.87
CA GLN E 32 -12.21 -1.35 9.11
C GLN E 32 -13.66 -1.51 8.70
N LEU E 33 -14.43 -0.42 8.77
CA LEU E 33 -15.87 -0.58 8.66
C LEU E 33 -16.29 -1.10 7.30
N SER E 34 -15.52 -0.89 6.25
CA SER E 34 -15.81 -1.57 5.00
C SER E 34 -14.53 -1.99 4.32
N VAL E 35 -13.55 -2.41 5.09
CA VAL E 35 -12.22 -2.70 4.57
C VAL E 35 -11.77 -4.06 5.09
N PHE E 36 -11.20 -4.86 4.21
CA PHE E 36 -10.62 -6.14 4.57
C PHE E 36 -9.15 -6.15 4.22
N GLN E 37 -8.34 -6.80 5.03
CA GLN E 37 -6.94 -7.03 4.71
C GLN E 37 -6.78 -8.49 4.32
N CYS E 38 -6.16 -8.74 3.18
CA CYS E 38 -6.00 -10.08 2.66
C CYS E 38 -4.54 -10.35 2.42
N ARG E 39 -4.06 -11.50 2.88
CA ARG E 39 -2.70 -11.96 2.62
C ARG E 39 -2.78 -13.11 1.65
N LEU E 40 -2.53 -12.84 0.38
CA LEU E 40 -2.75 -13.83 -0.65
C LEU E 40 -1.54 -13.98 -1.55
N ASP E 41 -1.33 -15.20 -2.03
CA ASP E 41 -0.41 -15.49 -3.10
C ASP E 41 -1.13 -15.29 -4.42
N ARG E 42 -0.52 -15.75 -5.52
CA ARG E 42 -1.05 -15.43 -6.83
C ARG E 42 -2.36 -16.16 -7.13
N ILE E 43 -2.41 -17.46 -6.82
CA ILE E 43 -3.62 -18.22 -7.12
C ILE E 43 -4.82 -17.59 -6.43
N ARG E 44 -4.64 -17.20 -5.18
CA ARG E 44 -5.78 -16.69 -4.44
C ARG E 44 -6.15 -15.26 -4.84
N ILE E 45 -5.20 -14.45 -5.30
CA ILE E 45 -5.60 -13.14 -5.80
C ILE E 45 -6.39 -13.30 -7.09
N ILE E 46 -6.00 -14.23 -7.95
CA ILE E 46 -6.79 -14.51 -9.14
C ILE E 46 -8.19 -14.93 -8.74
N LYS E 47 -8.30 -15.82 -7.76
CA LYS E 47 -9.62 -16.22 -7.29
C LYS E 47 -10.42 -15.03 -6.77
N MET E 48 -9.79 -14.14 -6.00
CA MET E 48 -10.56 -13.06 -5.42
C MET E 48 -11.08 -12.12 -6.50
N GLU E 49 -10.23 -11.73 -7.43
CA GLU E 49 -10.71 -10.82 -8.47
C GLU E 49 -11.70 -11.52 -9.39
N ALA E 50 -11.64 -12.84 -9.49
CA ALA E 50 -12.67 -13.55 -10.23
C ALA E 50 -14.00 -13.46 -9.51
N ALA E 51 -13.99 -13.63 -8.19
CA ALA E 51 -15.22 -13.57 -7.43
C ALA E 51 -15.83 -12.18 -7.46
N ILE E 52 -15.01 -11.17 -7.20
CA ILE E 52 -15.54 -9.82 -7.23
C ILE E 52 -15.37 -9.31 -8.64
N ASN E 53 -16.11 -9.90 -9.57
CA ASN E 53 -16.40 -9.27 -10.85
C ASN E 53 -17.77 -9.78 -11.21
N GLU E 54 -18.25 -10.69 -10.37
CA GLU E 54 -19.57 -11.25 -10.50
C GLU E 54 -20.41 -11.04 -9.26
N ILE E 55 -19.79 -10.84 -8.10
CA ILE E 55 -20.57 -10.41 -6.94
C ILE E 55 -21.15 -9.04 -7.19
N VAL E 56 -20.33 -8.11 -7.69
CA VAL E 56 -20.71 -6.70 -7.74
C VAL E 56 -21.38 -6.37 -9.06
N ASN E 57 -22.05 -5.22 -9.10
CA ASN E 57 -22.64 -4.68 -10.30
C ASN E 57 -21.74 -3.54 -10.77
N HIS E 58 -21.11 -3.72 -11.92
CA HIS E 58 -20.12 -2.76 -12.39
C HIS E 58 -20.70 -1.39 -12.65
N ALA E 59 -22.02 -1.27 -12.76
CA ALA E 59 -22.61 0.03 -13.10
C ALA E 59 -22.47 1.02 -11.97
N GLU E 60 -22.72 0.60 -10.73
CA GLU E 60 -22.80 1.54 -9.62
C GLU E 60 -22.05 1.15 -8.35
N ASP E 61 -21.49 -0.04 -8.27
CA ASP E 61 -20.68 -0.36 -7.10
C ASP E 61 -19.25 0.07 -7.31
N HIS E 62 -18.44 -0.06 -6.26
CA HIS E 62 -17.04 0.34 -6.37
C HIS E 62 -16.24 -0.52 -5.40
N VAL E 63 -15.33 -1.33 -5.92
CA VAL E 63 -14.43 -2.11 -5.08
C VAL E 63 -13.01 -1.74 -5.45
N LEU E 64 -12.19 -1.50 -4.44
CA LEU E 64 -10.82 -1.05 -4.62
C LEU E 64 -9.89 -2.05 -3.98
N ILE E 65 -8.88 -2.47 -4.72
CA ILE E 65 -7.93 -3.48 -4.27
C ILE E 65 -6.53 -2.89 -4.35
N LEU E 66 -5.88 -2.77 -3.21
CA LEU E 66 -4.57 -2.15 -3.11
C LEU E 66 -3.53 -3.20 -2.77
N ASP E 67 -2.46 -3.26 -3.54
CA ASP E 67 -1.40 -4.23 -3.34
C ASP E 67 -0.29 -3.51 -2.57
N LEU E 68 -0.27 -3.66 -1.24
CA LEU E 68 0.67 -2.91 -0.45
C LEU E 68 2.11 -3.33 -0.71
N GLY E 69 2.39 -4.62 -0.65
CA GLY E 69 3.74 -5.09 -0.81
C GLY E 69 3.88 -6.58 -0.60
N PRO E 70 5.10 -7.03 -0.31
CA PRO E 70 5.36 -8.47 -0.17
C PRO E 70 4.98 -9.05 1.18
N ALA E 71 4.16 -8.37 1.97
CA ALA E 71 3.54 -8.96 3.15
C ALA E 71 4.53 -9.31 4.25
N GLU E 72 5.82 -9.17 3.98
CA GLU E 72 6.83 -9.25 5.01
C GLU E 72 7.29 -7.88 5.46
N ASN E 73 7.10 -6.88 4.62
CA ASN E 73 7.63 -5.55 4.82
C ASN E 73 6.51 -4.54 4.79
N VAL E 74 5.30 -4.97 5.14
CA VAL E 74 4.16 -4.09 5.05
C VAL E 74 4.11 -3.10 6.21
N LYS E 75 4.66 -3.46 7.36
CA LYS E 75 4.52 -2.63 8.55
C LYS E 75 5.03 -1.22 8.37
N PRO E 76 6.15 -0.95 7.71
CA PRO E 76 6.52 0.44 7.42
C PRO E 76 5.55 1.15 6.51
N LYS E 77 4.73 0.41 5.77
CA LYS E 77 3.83 1.01 4.79
C LYS E 77 2.47 1.38 5.35
N VAL E 78 2.13 0.92 6.56
CA VAL E 78 0.81 1.15 7.12
C VAL E 78 0.97 1.83 8.46
N SER E 79 0.27 2.95 8.63
CA SER E 79 0.25 3.69 9.88
C SER E 79 -1.19 3.85 10.32
N SER E 80 -1.53 3.32 11.48
CA SER E 80 -2.89 3.38 12.01
C SER E 80 -2.92 4.32 13.19
N ILE E 81 -3.97 5.14 13.26
CA ILE E 81 -4.03 6.21 14.24
C ILE E 81 -4.91 5.81 15.43
N GLY E 82 -5.91 4.99 15.18
CA GLY E 82 -6.78 4.59 16.27
C GLY E 82 -6.34 3.28 16.86
N LYS E 83 -7.03 2.21 16.51
CA LYS E 83 -6.64 0.88 16.95
C LYS E 83 -5.24 0.53 16.44
N THR E 84 -4.72 -0.56 16.95
CA THR E 84 -3.47 -1.08 16.43
C THR E 84 -3.70 -1.70 15.06
N PHE E 85 -2.63 -1.74 14.27
CA PHE E 85 -2.64 -2.47 13.01
C PHE E 85 -1.68 -3.65 13.14
N ASP E 86 -2.17 -4.84 12.80
CA ASP E 86 -1.38 -6.05 12.85
C ASP E 86 -1.65 -6.93 11.64
N PRO E 87 -0.67 -7.14 10.78
CA PRO E 87 -0.94 -7.83 9.51
C PRO E 87 -1.31 -9.28 9.75
N ILE E 88 -1.94 -9.88 8.74
CA ILE E 88 -2.30 -11.28 8.80
C ILE E 88 -1.03 -12.11 8.85
N LEU E 89 -0.97 -13.05 9.78
CA LEU E 89 0.18 -13.91 9.96
C LEU E 89 -0.15 -15.29 9.42
N ARG E 90 0.80 -15.88 8.69
CA ARG E 90 0.62 -17.20 8.11
C ARG E 90 1.15 -18.25 9.09
N GLN E 91 0.25 -18.76 9.94
CA GLN E 91 0.56 -19.84 10.85
C GLN E 91 -0.71 -20.66 11.06
N ALA E 92 -0.53 -21.92 11.45
CA ALA E 92 -1.66 -22.78 11.65
C ALA E 92 -2.51 -22.28 12.81
N VAL E 93 -3.69 -22.87 12.95
CA VAL E 93 -4.58 -22.56 14.05
C VAL E 93 -4.57 -23.73 15.01
N ILE E 94 -3.97 -23.52 16.18
CA ILE E 94 -3.68 -24.62 17.09
C ILE E 94 -4.88 -24.91 17.99
N VAL E 95 -5.76 -23.95 18.20
CA VAL E 95 -6.82 -24.08 19.20
C VAL E 95 -7.86 -25.15 18.86
N MET F 1 10.52 13.84 -4.34
CA MET F 1 9.74 12.66 -4.66
C MET F 1 8.50 12.58 -3.78
N GLU F 2 7.36 12.37 -4.40
CA GLU F 2 6.09 12.31 -3.69
C GLU F 2 5.55 10.89 -3.69
N HIS F 3 4.77 10.57 -2.68
CA HIS F 3 4.16 9.26 -2.53
C HIS F 3 2.66 9.40 -2.60
N LEU F 4 1.98 8.31 -2.94
CA LEU F 4 0.53 8.28 -2.95
C LEU F 4 0.03 7.57 -1.71
N TYR F 5 -0.71 8.28 -0.89
CA TYR F 5 -1.26 7.74 0.35
C TYR F 5 -2.76 7.57 0.18
N ILE F 6 -3.28 6.49 0.76
CA ILE F 6 -4.70 6.23 0.79
C ILE F 6 -5.12 6.26 2.25
N VAL F 7 -6.10 7.09 2.58
CA VAL F 7 -6.51 7.32 3.96
C VAL F 7 -7.96 6.94 4.11
N SER F 8 -8.26 6.06 5.06
CA SER F 8 -9.62 5.59 5.28
C SER F 8 -9.92 5.62 6.76
N TYR F 9 -11.10 6.09 7.12
CA TYR F 9 -11.39 6.35 8.52
C TYR F 9 -12.75 5.81 8.93
N ASP F 10 -12.87 5.53 10.22
CA ASP F 10 -14.13 5.31 10.92
C ASP F 10 -14.14 6.27 12.09
N ILE F 11 -15.11 7.17 12.10
CA ILE F 11 -15.21 8.22 13.10
C ILE F 11 -16.56 8.09 13.79
N ARG F 12 -16.55 8.04 15.11
CA ARG F 12 -17.75 7.74 15.87
C ARG F 12 -18.32 8.97 16.58
N ASN F 13 -18.22 10.15 15.96
CA ASN F 13 -18.81 11.36 16.50
C ASN F 13 -18.90 12.38 15.40
N GLN F 14 -20.10 12.86 15.14
CA GLN F 14 -20.33 13.62 13.92
C GLN F 14 -19.50 14.90 13.89
N ARG F 15 -19.26 15.51 15.05
CA ARG F 15 -18.41 16.69 15.09
C ARG F 15 -16.99 16.36 14.67
N ARG F 16 -16.43 15.29 15.24
CA ARG F 16 -15.10 14.89 14.81
C ARG F 16 -15.09 14.52 13.34
N TRP F 17 -16.18 13.95 12.84
CA TRP F 17 -16.23 13.64 11.42
C TRP F 17 -16.17 14.91 10.60
N ARG F 18 -16.90 15.95 10.98
CA ARG F 18 -16.81 17.21 10.25
C ARG F 18 -15.40 17.76 10.28
N ARG F 19 -14.77 17.69 11.45
CA ARG F 19 -13.42 18.19 11.61
C ARG F 19 -12.46 17.44 10.69
N LEU F 20 -12.65 16.13 10.58
CA LEU F 20 -11.74 15.34 9.77
C LEU F 20 -12.02 15.49 8.28
N PHE F 21 -13.28 15.66 7.90
CA PHE F 21 -13.59 15.86 6.48
C PHE F 21 -13.04 17.20 6.02
N LYS F 22 -13.24 18.23 6.84
CA LYS F 22 -12.49 19.48 6.80
C LYS F 22 -11.03 19.22 6.43
N THR F 23 -10.31 18.62 7.36
CA THR F 23 -8.86 18.49 7.23
C THR F 23 -8.50 17.70 5.98
N MET F 24 -9.27 16.66 5.66
CA MET F 24 -8.86 15.76 4.59
C MET F 24 -9.04 16.42 3.24
N HIS F 25 -10.14 17.14 3.02
CA HIS F 25 -10.19 17.98 1.84
C HIS F 25 -9.04 18.98 1.82
N GLY F 26 -8.53 19.35 2.99
CA GLY F 26 -7.31 20.13 2.97
C GLY F 26 -6.13 19.46 2.29
N PHE F 27 -6.10 18.12 2.26
CA PHE F 27 -4.89 17.39 1.89
C PHE F 27 -5.01 16.57 0.62
N GLY F 28 -6.07 15.79 0.47
CA GLY F 28 -6.17 14.93 -0.69
C GLY F 28 -7.51 15.05 -1.39
N CYS F 29 -7.86 14.10 -2.23
CA CYS F 29 -9.09 14.14 -2.99
C CYS F 29 -9.94 12.91 -2.68
N TRP F 30 -11.24 13.11 -2.64
CA TRP F 30 -12.18 12.04 -2.32
C TRP F 30 -12.04 10.87 -3.29
N LEU F 31 -12.06 9.66 -2.77
CA LEU F 31 -11.96 8.46 -3.59
C LEU F 31 -13.14 7.53 -3.42
N GLN F 32 -13.53 7.26 -2.19
CA GLN F 32 -14.56 6.28 -1.88
C GLN F 32 -15.37 6.83 -0.72
N LEU F 33 -16.33 6.03 -0.23
CA LEU F 33 -17.30 6.61 0.69
C LEU F 33 -16.66 7.10 1.98
N SER F 34 -15.55 6.53 2.40
CA SER F 34 -14.83 7.14 3.51
C SER F 34 -13.35 7.06 3.28
N VAL F 35 -12.91 7.25 2.05
CA VAL F 35 -11.52 7.08 1.67
C VAL F 35 -11.07 8.27 0.85
N PHE F 36 -9.87 8.76 1.16
CA PHE F 36 -9.25 9.84 0.42
C PHE F 36 -7.93 9.36 -0.15
N GLN F 37 -7.59 9.81 -1.34
CA GLN F 37 -6.28 9.57 -1.92
C GLN F 37 -5.48 10.86 -1.84
N CYS F 38 -4.28 10.77 -1.29
CA CYS F 38 -3.44 11.95 -1.09
C CYS F 38 -2.10 11.73 -1.79
N ARG F 39 -1.66 12.73 -2.53
CA ARG F 39 -0.34 12.72 -3.16
C ARG F 39 0.52 13.72 -2.43
N LEU F 40 1.35 13.25 -1.53
CA LEU F 40 2.09 14.15 -0.66
C LEU F 40 3.57 13.82 -0.66
N ASP F 41 4.37 14.86 -0.50
CA ASP F 41 5.79 14.73 -0.21
C ASP F 41 5.95 14.62 1.31
N ARG F 42 7.18 14.76 1.80
CA ARG F 42 7.44 14.46 3.21
C ARG F 42 6.86 15.52 4.13
N ILE F 43 7.03 16.79 3.79
CA ILE F 43 6.54 17.85 4.66
C ILE F 43 5.03 17.69 4.86
N ARG F 44 4.32 17.41 3.79
CA ARG F 44 2.87 17.35 3.90
C ARG F 44 2.39 16.08 4.57
N ILE F 45 3.12 14.97 4.47
CA ILE F 45 2.70 13.80 5.23
C ILE F 45 2.90 14.04 6.71
N ILE F 46 3.98 14.71 7.08
CA ILE F 46 4.16 15.08 8.49
C ILE F 46 3.00 15.95 8.94
N LYS F 47 2.64 16.94 8.13
CA LYS F 47 1.48 17.77 8.48
C LYS F 47 0.21 16.95 8.63
N MET F 48 -0.03 15.99 7.73
CA MET F 48 -1.28 15.27 7.81
C MET F 48 -1.35 14.41 9.06
N GLU F 49 -0.28 13.68 9.36
CA GLU F 49 -0.32 12.86 10.57
C GLU F 49 -0.32 13.72 11.82
N ALA F 50 0.20 14.95 11.74
CA ALA F 50 0.06 15.84 12.88
C ALA F 50 -1.39 16.24 13.08
N ALA F 51 -2.08 16.55 11.99
CA ALA F 51 -3.48 16.96 12.10
C ALA F 51 -4.34 15.81 12.60
N ILE F 52 -4.19 14.64 12.01
CA ILE F 52 -4.99 13.52 12.47
C ILE F 52 -4.20 12.83 13.57
N ASN F 53 -4.05 13.50 14.69
CA ASN F 53 -3.72 12.86 15.93
C ASN F 53 -4.39 13.72 16.99
N GLU F 54 -4.95 14.82 16.51
CA GLU F 54 -5.71 15.73 17.33
C GLU F 54 -7.12 15.93 16.83
N ILE F 55 -7.38 15.68 15.55
CA ILE F 55 -8.77 15.64 15.11
C ILE F 55 -9.50 14.48 15.77
N VAL F 56 -8.88 13.30 15.78
CA VAL F 56 -9.55 12.08 16.17
C VAL F 56 -9.40 11.83 17.66
N ASN F 57 -10.25 10.94 18.19
CA ASN F 57 -10.16 10.47 19.56
C ASN F 57 -9.57 9.07 19.52
N HIS F 58 -8.36 8.92 20.07
CA HIS F 58 -7.65 7.66 19.95
C HIS F 58 -8.36 6.51 20.64
N ALA F 59 -9.33 6.78 21.50
CA ALA F 59 -9.97 5.70 22.24
C ALA F 59 -10.85 4.85 21.34
N GLU F 60 -11.62 5.46 20.45
CA GLU F 60 -12.60 4.70 19.68
C GLU F 60 -12.65 4.99 18.20
N ASP F 61 -11.91 5.96 17.68
CA ASP F 61 -11.89 6.15 16.24
C ASP F 61 -10.81 5.28 15.61
N HIS F 62 -10.78 5.26 14.28
CA HIS F 62 -9.77 4.45 13.60
C HIS F 62 -9.46 5.12 12.26
N VAL F 63 -8.22 5.56 12.08
CA VAL F 63 -7.79 6.12 10.81
C VAL F 63 -6.62 5.30 10.32
N LEU F 64 -6.65 4.93 9.04
CA LEU F 64 -5.67 4.06 8.44
C LEU F 64 -5.02 4.80 7.28
N ILE F 65 -3.69 4.81 7.24
CA ILE F 65 -2.93 5.53 6.24
C ILE F 65 -2.01 4.53 5.56
N LEU F 66 -2.21 4.34 4.26
CA LEU F 66 -1.47 3.37 3.47
C LEU F 66 -0.57 4.10 2.49
N ASP F 67 0.70 3.74 2.49
CA ASP F 67 1.70 4.35 1.61
C ASP F 67 1.86 3.42 0.42
N LEU F 68 1.17 3.71 -0.68
CA LEU F 68 1.17 2.79 -1.80
C LEU F 68 2.54 2.73 -2.46
N GLY F 69 3.12 3.87 -2.79
CA GLY F 69 4.38 3.89 -3.49
C GLY F 69 4.82 5.27 -3.88
N PRO F 70 5.72 5.36 -4.87
CA PRO F 70 6.27 6.66 -5.27
C PRO F 70 5.39 7.48 -6.19
N ALA F 71 4.10 7.17 -6.29
CA ALA F 71 3.12 8.05 -6.93
C ALA F 71 3.35 8.20 -8.43
N GLU F 72 4.44 7.64 -8.95
CA GLU F 72 4.62 7.52 -10.38
C GLU F 72 4.29 6.14 -10.88
N ASN F 73 4.32 5.16 -10.00
CA ASN F 73 4.19 3.76 -10.35
C ASN F 73 3.05 3.13 -9.57
N VAL F 74 2.07 3.95 -9.20
CA VAL F 74 0.99 3.45 -8.37
C VAL F 74 -0.03 2.66 -9.19
N LYS F 75 -0.16 2.96 -10.48
CA LYS F 75 -1.22 2.36 -11.28
C LYS F 75 -1.16 0.83 -11.30
N PRO F 76 -0.01 0.17 -11.40
CA PRO F 76 -0.01 -1.29 -11.25
C PRO F 76 -0.43 -1.76 -9.88
N LYS F 77 -0.39 -0.89 -8.87
CA LYS F 77 -0.69 -1.30 -7.50
C LYS F 77 -2.16 -1.17 -7.13
N VAL F 78 -2.96 -0.50 -7.95
CA VAL F 78 -4.35 -0.26 -7.62
C VAL F 78 -5.23 -0.80 -8.73
N SER F 79 -6.20 -1.63 -8.35
CA SER F 79 -7.16 -2.19 -9.28
C SER F 79 -8.55 -1.86 -8.78
N SER F 80 -9.32 -1.12 -9.57
CA SER F 80 -10.66 -0.71 -9.21
C SER F 80 -11.67 -1.46 -10.06
N ILE F 81 -12.75 -1.91 -9.42
CA ILE F 81 -13.70 -2.80 -10.08
C ILE F 81 -14.91 -2.02 -10.57
N GLY F 82 -15.29 -0.97 -9.86
CA GLY F 82 -16.44 -0.21 -10.27
C GLY F 82 -16.05 0.97 -11.13
N LYS F 83 -16.03 2.15 -10.54
CA LYS F 83 -15.58 3.34 -11.25
C LYS F 83 -14.13 3.18 -11.68
N THR F 84 -13.68 4.11 -12.50
CA THR F 84 -12.28 4.17 -12.86
C THR F 84 -11.47 4.67 -11.68
N PHE F 85 -10.19 4.31 -11.66
CA PHE F 85 -9.24 4.86 -10.71
C PHE F 85 -8.23 5.70 -11.47
N ASP F 86 -8.05 6.94 -11.03
CA ASP F 86 -7.10 7.85 -11.65
C ASP F 86 -6.33 8.63 -10.58
N PRO F 87 -5.03 8.44 -10.48
CA PRO F 87 -4.28 9.04 -9.37
C PRO F 87 -4.25 10.55 -9.47
N ILE F 88 -3.96 11.19 -8.35
CA ILE F 88 -3.83 12.64 -8.32
C ILE F 88 -2.64 13.04 -9.17
N LEU F 89 -2.86 14.01 -10.05
CA LEU F 89 -1.81 14.50 -10.95
C LEU F 89 -1.32 15.85 -10.45
N ARG F 90 0.00 16.03 -10.46
CA ARG F 90 0.60 17.28 -10.01
C ARG F 90 0.75 18.20 -11.20
N GLN F 91 -0.24 19.06 -11.41
CA GLN F 91 -0.21 20.09 -12.44
C GLN F 91 -1.04 21.27 -11.95
N ALA F 92 -0.74 22.45 -12.49
CA ALA F 92 -1.44 23.63 -12.07
C ALA F 92 -2.90 23.54 -12.46
N VAL F 93 -3.70 24.48 -11.95
CA VAL F 93 -5.10 24.57 -12.29
C VAL F 93 -5.27 25.79 -13.18
N ILE F 94 -5.58 25.54 -14.45
CA ILE F 94 -5.54 26.59 -15.46
C ILE F 94 -6.87 27.33 -15.52
N VAL F 95 -7.96 26.71 -15.07
CA VAL F 95 -9.30 27.27 -15.28
C VAL F 95 -9.55 28.56 -14.51
FE1 SF4 I . 6.43 -31.86 -18.55
FE2 SF4 I . 8.52 -32.28 -16.86
FE3 SF4 I . 6.84 -30.19 -16.45
FE4 SF4 I . 8.55 -30.15 -18.55
S1 SF4 I . 9.10 -30.15 -16.35
S2 SF4 I . 6.36 -29.59 -18.58
S3 SF4 I . 8.55 -32.36 -19.13
S4 SF4 I . 6.33 -32.39 -16.35
MN MN J . 11.42 -48.44 14.17
MN MN K . -18.37 -54.71 -20.79
FE1 SF4 L . 25.14 25.91 7.10
FE2 SF4 L . 25.83 26.01 4.47
FE3 SF4 L . 23.67 24.56 5.24
FE4 SF4 L . 26.18 23.71 5.88
S1 SF4 L . 25.30 23.91 3.79
S2 SF4 L . 24.38 23.76 7.25
S3 SF4 L . 27.21 25.70 6.25
S4 SF4 L . 23.92 26.80 5.39
MN MN M . 14.96 45.61 -22.55
MN MN N . 13.53 20.61 22.35
MN MN O . 15.30 53.95 22.93
MN MN P . -17.21 1.64 2.09
MN MN Q . -15.19 4.19 6.98
MN MN R . -10.02 -22.59 -24.74
#